data_4N4N
#
_entry.id   4N4N
#
_cell.length_a   140.720
_cell.length_b   141.970
_cell.length_c   106.720
_cell.angle_alpha   90.00
_cell.angle_beta   90.00
_cell.angle_gamma   90.00
#
_symmetry.space_group_name_H-M   'P 21 21 2'
#
loop_
_entity.id
_entity.type
_entity.pdbx_description
1 polymer 'Hydroxylamine oxidoreductase'
2 polymer 'hydroxylamine oxidoreductase'
3 non-polymer 'HEME C'
4 non-polymer 'POTASSIUM ION'
5 non-polymer 'PHOSPHATE ION'
6 water water
#
loop_
_entity_poly.entity_id
_entity_poly.type
_entity_poly.pdbx_seq_one_letter_code
_entity_poly.pdbx_strand_id
1 'polypeptide(L)'
;DISTVPDETYDALKLDRGKATPKETYEALVKRYKDPAHGAGKGTMGDYWEPIAISIYMDPNTFYKPPVSPKEVAERKDCV
ECHSDETPVWVRAWKRSTHANLDKIRNLKSDDPLYYKKGKLEEVENNLRSMGKLGEKETLKEVGCIDCHVDVNKKDKADH
TKDIRMPTADTCGTCHLREFAERESERDTMVWPNGQWPAGRPSHALDYTANIETTVWAAMPQREVAEGCTMCHTNQNKCD
NCHTRHEFSAAESRKPEACATCHSGVDHNNWEAYTMSKHGKLAEMNRDKWNWEVRLKDAFSKGGQNAPTCAACHMEYEGE
YTHNITRKTRWANYPFVPGIAENITSDWSEARLDSWVLTCTQCHSERFARSYLDLMDKGTLEGLAKYQEANAIVHKMYED
GTLTGQKTNRPNPPEPEKPGFGIFTQLFWSKGNNPASLELKVLEMAENNLAKMHVGLAHVNPGGWTYTEGWGPMNRAYVE
IQDEYTKMQELSALQARVNKLEGKQTSLLDLKGTGEKISLGGLGGGMLLAGALALIGWRKRKQTRA
;
A,C,E
2 'polypeptide(L)' SSLAPISAKDMLDYLACKDKKPTDVVKSHTEVENGKIVRVKCGDIVALVQKAREQSG B,D,F
#
loop_
_chem_comp.id
_chem_comp.type
_chem_comp.name
_chem_comp.formula
HEC non-polymer 'HEME C' 'C34 H34 Fe N4 O4'
K non-polymer 'POTASSIUM ION' 'K 1'
PO4 non-polymer 'PHOSPHATE ION' 'O4 P -3'
#
# COMPACT_ATOMS: atom_id res chain seq x y z
N ASP A 1 9.64 -45.45 0.34
CA ASP A 1 10.43 -44.20 0.44
C ASP A 1 9.63 -42.99 -0.07
N ILE A 2 9.87 -41.84 0.55
CA ILE A 2 9.33 -40.57 0.07
C ILE A 2 10.47 -39.81 -0.61
N SER A 3 10.47 -39.81 -1.94
CA SER A 3 11.58 -39.31 -2.75
C SER A 3 11.97 -37.85 -2.53
N THR A 4 11.03 -37.06 -2.04
CA THR A 4 11.22 -35.62 -1.87
C THR A 4 11.63 -35.23 -0.44
N VAL A 5 11.79 -36.22 0.42
CA VAL A 5 12.23 -35.97 1.81
C VAL A 5 13.76 -36.18 1.94
N PRO A 6 14.46 -35.18 2.50
CA PRO A 6 15.92 -35.19 2.70
C PRO A 6 16.39 -36.34 3.60
N ASP A 7 17.61 -36.82 3.33
CA ASP A 7 18.29 -37.86 4.13
C ASP A 7 18.33 -37.53 5.62
N GLU A 8 18.64 -36.26 5.93
CA GLU A 8 18.78 -35.79 7.31
C GLU A 8 17.53 -35.94 8.17
N THR A 9 16.36 -36.02 7.53
CA THR A 9 15.11 -36.26 8.23
C THR A 9 15.01 -37.70 8.72
N TYR A 10 15.31 -38.65 7.84
CA TYR A 10 15.34 -40.07 8.20
C TYR A 10 16.43 -40.37 9.23
N ASP A 11 17.56 -39.69 9.12
CA ASP A 11 18.66 -39.84 10.09
C ASP A 11 18.28 -39.34 11.49
N ALA A 12 17.58 -38.20 11.55
CA ALA A 12 17.14 -37.61 12.81
C ALA A 12 16.11 -38.47 13.53
N LEU A 13 15.29 -39.16 12.75
CA LEU A 13 14.23 -40.03 13.28
C LEU A 13 14.68 -41.50 13.42
N LYS A 14 15.94 -41.75 13.09
CA LYS A 14 16.52 -43.11 13.09
C LYS A 14 15.71 -44.10 12.24
N LEU A 15 15.37 -43.68 11.04
CA LEU A 15 14.66 -44.54 10.10
C LEU A 15 15.55 -44.85 8.91
N ASP A 16 15.42 -46.07 8.40
CA ASP A 16 16.01 -46.43 7.12
C ASP A 16 15.00 -46.10 6.03
N ARG A 17 15.35 -45.14 5.17
CA ARG A 17 14.45 -44.66 4.14
C ARG A 17 14.08 -45.71 3.09
N GLY A 18 14.98 -46.69 2.91
CA GLY A 18 14.72 -47.80 2.00
C GLY A 18 13.74 -48.82 2.56
N LYS A 19 13.51 -48.79 3.87
CA LYS A 19 12.76 -49.83 4.56
C LYS A 19 11.47 -49.35 5.23
N ALA A 20 11.51 -48.16 5.85
CA ALA A 20 10.38 -47.63 6.61
C ALA A 20 9.10 -47.54 5.78
N THR A 21 8.01 -48.03 6.37
CA THR A 21 6.68 -47.95 5.76
C THR A 21 6.10 -46.54 5.98
N PRO A 22 5.04 -46.19 5.22
CA PRO A 22 4.34 -44.94 5.51
C PRO A 22 3.93 -44.80 6.97
N LYS A 23 3.43 -45.89 7.55
CA LYS A 23 3.01 -45.92 8.96
C LYS A 23 4.16 -45.56 9.90
N GLU A 24 5.31 -46.19 9.70
CA GLU A 24 6.49 -45.97 10.54
C GLU A 24 7.03 -44.54 10.40
N THR A 25 7.08 -44.05 9.16
CA THR A 25 7.54 -42.70 8.86
C THR A 25 6.62 -41.68 9.54
N TYR A 26 5.32 -41.86 9.35
CA TYR A 26 4.30 -41.02 9.98
C TYR A 26 4.46 -40.98 11.51
N GLU A 27 4.52 -42.16 12.13
CA GLU A 27 4.61 -42.27 13.59
C GLU A 27 5.85 -41.63 14.20
N ALA A 28 6.98 -41.74 13.50
CA ALA A 28 8.22 -41.13 13.94
C ALA A 28 8.15 -39.59 13.86
N LEU A 29 7.59 -39.10 12.75
CA LEU A 29 7.34 -37.67 12.54
C LEU A 29 6.44 -37.08 13.62
N VAL A 30 5.30 -37.73 13.86
CA VAL A 30 4.31 -37.29 14.84
C VAL A 30 4.84 -37.34 16.27
N LYS A 31 5.66 -38.35 16.57
CA LYS A 31 6.30 -38.46 17.89
C LYS A 31 7.18 -37.25 18.19
N ARG A 32 7.92 -36.79 17.19
CA ARG A 32 8.72 -35.57 17.31
C ARG A 32 7.80 -34.34 17.35
N TYR A 33 6.85 -34.30 16.42
CA TYR A 33 5.90 -33.19 16.26
C TYR A 33 5.13 -32.85 17.54
N LYS A 34 4.78 -33.89 18.31
CA LYS A 34 3.97 -33.71 19.51
C LYS A 34 4.76 -33.67 20.81
N ASP A 35 6.09 -33.77 20.70
CA ASP A 35 6.97 -33.78 21.87
C ASP A 35 7.32 -32.37 22.34
N PRO A 36 7.02 -32.05 23.61
CA PRO A 36 7.33 -30.73 24.21
C PRO A 36 8.80 -30.33 24.10
N ALA A 37 9.70 -31.33 24.11
CA ALA A 37 11.14 -31.08 23.97
C ALA A 37 11.49 -30.64 22.54
N HIS A 38 10.60 -30.93 21.59
CA HIS A 38 10.81 -30.55 20.19
C HIS A 38 9.96 -29.34 19.76
N GLY A 39 9.23 -28.75 20.69
CA GLY A 39 8.50 -27.50 20.43
C GLY A 39 7.01 -27.45 20.73
N ALA A 40 6.37 -28.62 20.86
CA ALA A 40 4.93 -28.70 21.12
C ALA A 40 4.53 -28.20 22.51
N GLY A 41 3.26 -27.89 22.68
CA GLY A 41 2.73 -27.43 23.98
C GLY A 41 2.90 -25.95 24.24
N LYS A 42 2.95 -25.57 25.51
CA LYS A 42 2.98 -24.17 25.90
C LYS A 42 4.39 -23.55 25.92
N GLY A 43 5.41 -24.39 25.86
CA GLY A 43 6.79 -23.93 25.82
C GLY A 43 7.38 -23.58 27.18
N THR A 44 8.62 -23.11 27.17
CA THR A 44 9.40 -22.89 28.40
C THR A 44 8.81 -21.84 29.32
N MET A 45 8.02 -20.91 28.76
CA MET A 45 7.44 -19.81 29.54
C MET A 45 5.94 -19.98 29.75
N GLY A 46 5.48 -21.23 29.73
CA GLY A 46 4.06 -21.57 29.84
C GLY A 46 3.37 -21.14 31.13
N ASP A 47 4.14 -20.98 32.21
CA ASP A 47 3.59 -20.53 33.50
C ASP A 47 3.27 -19.04 33.51
N TYR A 48 3.71 -18.33 32.47
CA TYR A 48 3.58 -16.88 32.40
C TYR A 48 2.35 -16.42 31.63
N TRP A 49 1.79 -17.28 30.79
CA TRP A 49 0.64 -16.93 29.96
C TRP A 49 -0.46 -18.00 29.93
N GLU A 50 -1.69 -17.55 29.70
CA GLU A 50 -2.86 -18.43 29.58
C GLU A 50 -3.55 -18.20 28.24
N PRO A 51 -4.18 -19.25 27.67
CA PRO A 51 -4.87 -19.15 26.39
C PRO A 51 -6.06 -18.20 26.47
N ILE A 52 -6.39 -17.59 25.34
CA ILE A 52 -7.65 -16.84 25.22
C ILE A 52 -8.61 -17.66 24.38
N ALA A 53 -9.83 -17.16 24.16
CA ALA A 53 -10.86 -17.96 23.49
C ALA A 53 -10.43 -18.51 22.12
N ILE A 54 -9.77 -17.68 21.31
CA ILE A 54 -9.36 -18.09 19.96
C ILE A 54 -8.19 -19.09 19.95
N SER A 55 -7.44 -19.16 21.05
CA SER A 55 -6.29 -20.05 21.17
C SER A 55 -6.61 -21.53 20.96
N ILE A 56 -7.87 -21.92 21.20
CA ILE A 56 -8.32 -23.28 20.93
C ILE A 56 -8.22 -23.64 19.44
N TYR A 57 -8.29 -22.62 18.58
CA TYR A 57 -8.12 -22.79 17.13
C TYR A 57 -6.67 -22.59 16.69
N MET A 58 -5.91 -21.83 17.47
CA MET A 58 -4.51 -21.52 17.14
C MET A 58 -3.56 -22.65 17.50
N ASP A 59 -3.78 -23.26 18.66
CA ASP A 59 -3.04 -24.45 19.08
C ASP A 59 -4.01 -25.51 19.62
N PRO A 60 -4.70 -26.24 18.72
CA PRO A 60 -5.72 -27.22 19.11
C PRO A 60 -5.22 -28.38 19.97
N ASN A 61 -4.06 -28.95 19.64
CA ASN A 61 -3.53 -30.10 20.38
C ASN A 61 -3.30 -29.84 21.87
N THR A 62 -3.02 -28.58 22.21
CA THR A 62 -2.84 -28.17 23.59
C THR A 62 -4.16 -27.72 24.23
N PHE A 63 -4.99 -27.02 23.47
CA PHE A 63 -6.10 -26.27 24.07
C PHE A 63 -7.52 -26.68 23.67
N TYR A 64 -7.68 -27.38 22.55
CA TYR A 64 -9.02 -27.65 22.03
C TYR A 64 -9.83 -28.73 22.77
N LYS A 65 -11.04 -28.34 23.16
CA LYS A 65 -12.08 -29.27 23.60
C LYS A 65 -13.32 -29.01 22.74
N PRO A 66 -14.07 -30.08 22.39
CA PRO A 66 -15.30 -29.91 21.61
C PRO A 66 -16.34 -29.06 22.36
N PRO A 67 -17.26 -28.41 21.63
CA PRO A 67 -18.29 -27.61 22.29
C PRO A 67 -19.26 -28.47 23.10
N VAL A 68 -19.86 -27.89 24.12
CA VAL A 68 -20.83 -28.61 24.96
C VAL A 68 -22.18 -28.72 24.28
N SER A 69 -22.42 -27.85 23.31
CA SER A 69 -23.66 -27.84 22.53
C SER A 69 -23.32 -27.77 21.04
N PRO A 70 -24.00 -28.57 20.20
CA PRO A 70 -25.12 -29.48 20.49
C PRO A 70 -24.73 -30.77 21.22
N LYS A 71 -25.63 -31.26 22.08
CA LYS A 71 -25.45 -32.54 22.76
C LYS A 71 -26.04 -33.65 21.90
N GLU A 72 -25.35 -33.97 20.80
CA GLU A 72 -25.83 -34.96 19.85
C GLU A 72 -24.75 -35.90 19.36
N VAL A 73 -25.17 -37.08 18.91
CA VAL A 73 -24.30 -38.01 18.21
C VAL A 73 -24.69 -38.00 16.74
N ALA A 74 -23.70 -38.11 15.86
CA ALA A 74 -23.92 -37.88 14.44
C ALA A 74 -23.09 -38.82 13.59
N GLU A 75 -23.70 -39.28 12.50
CA GLU A 75 -22.97 -40.04 11.49
C GLU A 75 -22.51 -39.13 10.35
N ARG A 76 -21.73 -39.70 9.44
CA ARG A 76 -21.15 -38.99 8.30
C ARG A 76 -22.10 -38.00 7.62
N LYS A 77 -23.28 -38.47 7.21
CA LYS A 77 -24.24 -37.64 6.49
C LYS A 77 -24.88 -36.55 7.36
N ASP A 78 -24.90 -36.78 8.68
CA ASP A 78 -25.50 -35.82 9.61
C ASP A 78 -24.63 -34.57 9.75
N CYS A 79 -23.31 -34.74 9.59
CA CYS A 79 -22.37 -33.61 9.56
C CYS A 79 -22.77 -32.65 8.46
N VAL A 80 -22.91 -33.19 7.25
CA VAL A 80 -23.21 -32.41 6.06
C VAL A 80 -24.60 -31.76 6.16
N GLU A 81 -25.60 -32.57 6.53
CA GLU A 81 -26.98 -32.10 6.56
C GLU A 81 -27.23 -30.95 7.54
N CYS A 82 -26.80 -31.10 8.78
CA CYS A 82 -27.06 -30.07 9.80
C CYS A 82 -26.22 -28.83 9.56
N HIS A 83 -24.95 -29.03 9.20
CA HIS A 83 -24.06 -27.91 8.93
C HIS A 83 -24.39 -27.19 7.62
N SER A 84 -25.17 -27.84 6.76
CA SER A 84 -25.67 -27.22 5.53
C SER A 84 -26.59 -26.04 5.84
N ASP A 85 -27.14 -26.01 7.04
CA ASP A 85 -27.92 -24.88 7.52
C ASP A 85 -27.19 -24.06 8.59
N GLU A 86 -26.41 -24.75 9.43
CA GLU A 86 -25.74 -24.11 10.56
C GLU A 86 -24.50 -23.32 10.17
N THR A 87 -23.68 -23.90 9.28
CA THR A 87 -22.53 -23.21 8.70
C THR A 87 -22.57 -23.40 7.18
N PRO A 88 -23.58 -22.82 6.51
CA PRO A 88 -23.92 -23.20 5.12
C PRO A 88 -22.78 -23.11 4.11
N VAL A 89 -21.98 -22.05 4.18
CA VAL A 89 -20.92 -21.81 3.19
C VAL A 89 -19.78 -22.84 3.31
N TRP A 90 -19.52 -23.33 4.52
CA TRP A 90 -18.53 -24.39 4.74
C TRP A 90 -18.87 -25.68 4.00
N VAL A 91 -20.15 -26.05 4.00
CA VAL A 91 -20.63 -27.24 3.27
C VAL A 91 -20.55 -26.98 1.77
N ARG A 92 -20.91 -25.76 1.39
CA ARG A 92 -20.88 -25.32 0.00
C ARG A 92 -19.47 -25.31 -0.58
N ALA A 93 -18.52 -24.77 0.19
CA ALA A 93 -17.10 -24.75 -0.20
C ALA A 93 -16.53 -26.17 -0.24
N TRP A 94 -16.87 -26.98 0.76
CA TRP A 94 -16.46 -28.38 0.79
C TRP A 94 -16.95 -29.18 -0.42
N LYS A 95 -18.21 -28.96 -0.80
CA LYS A 95 -18.80 -29.66 -1.95
C LYS A 95 -18.08 -29.41 -3.28
N ARG A 96 -17.56 -28.20 -3.47
CA ARG A 96 -16.83 -27.87 -4.69
C ARG A 96 -15.32 -28.16 -4.61
N SER A 97 -14.88 -28.71 -3.48
CA SER A 97 -13.48 -29.07 -3.28
C SER A 97 -13.15 -30.47 -3.83
N THR A 98 -11.88 -30.67 -4.17
CA THR A 98 -11.36 -31.98 -4.57
C THR A 98 -11.67 -33.05 -3.53
N HIS A 99 -11.54 -32.70 -2.25
CA HIS A 99 -11.80 -33.62 -1.14
C HIS A 99 -13.18 -34.30 -1.22
N ALA A 100 -14.16 -33.62 -1.81
CA ALA A 100 -15.53 -34.13 -1.90
C ALA A 100 -15.88 -34.73 -3.26
N ASN A 101 -14.92 -34.73 -4.19
CA ASN A 101 -15.12 -35.25 -5.53
C ASN A 101 -13.94 -36.11 -5.99
N LEU A 102 -13.59 -37.10 -5.18
CA LEU A 102 -12.42 -37.94 -5.47
C LEU A 102 -12.56 -38.79 -6.73
N ASP A 103 -13.79 -39.11 -7.12
CA ASP A 103 -14.03 -39.87 -8.35
C ASP A 103 -13.68 -39.09 -9.61
N LYS A 104 -13.78 -37.77 -9.52
CA LYS A 104 -13.38 -36.84 -10.57
C LYS A 104 -11.88 -36.97 -10.84
N ILE A 105 -11.12 -37.13 -9.76
CA ILE A 105 -9.66 -37.33 -9.82
C ILE A 105 -9.30 -38.69 -10.41
N ARG A 106 -10.09 -39.71 -10.09
CA ARG A 106 -9.87 -41.06 -10.63
C ARG A 106 -10.09 -41.14 -12.13
N ASN A 107 -10.97 -40.29 -12.65
CA ASN A 107 -11.31 -40.27 -14.07
C ASN A 107 -10.47 -39.31 -14.91
N LEU A 108 -9.43 -38.73 -14.30
CA LEU A 108 -8.50 -37.86 -15.02
C LEU A 108 -7.72 -38.66 -16.07
N LYS A 109 -7.71 -38.13 -17.29
CA LYS A 109 -7.03 -38.78 -18.42
C LYS A 109 -5.59 -38.28 -18.53
N SER A 110 -4.76 -39.04 -19.24
CA SER A 110 -3.32 -38.75 -19.36
C SER A 110 -2.99 -37.49 -20.19
N ASP A 111 -3.98 -36.94 -20.88
CA ASP A 111 -3.80 -35.73 -21.66
C ASP A 111 -4.25 -34.46 -20.89
N ASP A 112 -4.74 -34.66 -19.67
CA ASP A 112 -5.14 -33.57 -18.78
C ASP A 112 -3.90 -33.08 -18.03
N PRO A 113 -3.67 -31.75 -18.02
CA PRO A 113 -2.53 -31.20 -17.28
C PRO A 113 -2.61 -31.42 -15.76
N LEU A 114 -3.78 -31.79 -15.25
CA LEU A 114 -3.97 -32.03 -13.82
C LEU A 114 -3.88 -33.52 -13.44
N TYR A 115 -3.45 -34.33 -14.39
CA TYR A 115 -3.37 -35.80 -14.24
C TYR A 115 -2.54 -36.24 -13.02
N TYR A 116 -1.54 -35.43 -12.65
CA TYR A 116 -0.67 -35.74 -11.51
C TYR A 116 -1.45 -36.03 -10.23
N LYS A 117 -2.66 -35.47 -10.12
CA LYS A 117 -3.52 -35.62 -8.95
C LYS A 117 -4.00 -37.06 -8.74
N LYS A 118 -4.20 -37.80 -9.84
CA LYS A 118 -4.56 -39.22 -9.79
C LYS A 118 -3.49 -40.03 -9.05
N GLY A 119 -2.23 -39.76 -9.34
CA GLY A 119 -1.11 -40.39 -8.64
C GLY A 119 -1.06 -40.01 -7.17
N LYS A 120 -1.37 -38.76 -6.87
CA LYS A 120 -1.39 -38.27 -5.49
C LYS A 120 -2.48 -38.95 -4.65
N LEU A 121 -3.65 -39.16 -5.26
CA LEU A 121 -4.75 -39.89 -4.61
C LEU A 121 -4.34 -41.32 -4.29
N GLU A 122 -3.69 -41.98 -5.25
CA GLU A 122 -3.25 -43.36 -5.10
C GLU A 122 -2.19 -43.51 -4.00
N GLU A 123 -1.29 -42.53 -3.92
CA GLU A 123 -0.30 -42.46 -2.84
C GLU A 123 -0.97 -42.28 -1.47
N VAL A 124 -1.96 -41.39 -1.42
CA VAL A 124 -2.73 -41.16 -0.20
C VAL A 124 -3.39 -42.45 0.28
N GLU A 125 -3.97 -43.19 -0.66
CA GLU A 125 -4.61 -44.48 -0.37
C GLU A 125 -3.62 -45.54 0.13
N ASN A 126 -2.44 -45.59 -0.49
CA ASN A 126 -1.38 -46.48 -0.04
C ASN A 126 -0.92 -46.17 1.39
N ASN A 127 -0.79 -44.87 1.70
CA ASN A 127 -0.49 -44.43 3.05
C ASN A 127 -1.50 -44.93 4.07
N LEU A 128 -2.78 -44.81 3.73
CA LEU A 128 -3.88 -45.21 4.61
C LEU A 128 -4.00 -46.73 4.78
N ARG A 129 -3.59 -47.47 3.75
CA ARG A 129 -3.54 -48.93 3.83
C ARG A 129 -2.41 -49.39 4.74
N SER A 130 -1.27 -48.72 4.63
CA SER A 130 -0.13 -48.96 5.52
C SER A 130 -0.49 -48.69 6.98
N MET A 131 -1.34 -47.70 7.22
CA MET A 131 -1.76 -47.31 8.56
C MET A 131 -2.98 -48.10 9.06
N GLY A 132 -3.55 -48.91 8.18
CA GLY A 132 -4.72 -49.73 8.52
C GLY A 132 -6.02 -48.95 8.62
N LYS A 133 -6.05 -47.77 8.01
CA LYS A 133 -7.25 -46.93 8.00
C LYS A 133 -8.05 -47.13 6.71
N LEU A 134 -7.53 -47.99 5.84
CA LEU A 134 -8.14 -48.29 4.55
C LEU A 134 -7.78 -49.71 4.10
N GLY A 135 -8.76 -50.43 3.54
CA GLY A 135 -8.54 -51.79 3.03
C GLY A 135 -7.72 -51.81 1.76
N GLU A 136 -7.05 -52.93 1.49
CA GLU A 136 -6.18 -53.08 0.31
C GLU A 136 -6.94 -52.98 -1.02
N LYS A 137 -8.21 -53.37 -0.99
CA LYS A 137 -9.09 -53.24 -2.16
C LYS A 137 -9.99 -52.00 -2.06
N GLU A 138 -10.08 -51.43 -0.87
CA GLU A 138 -10.98 -50.31 -0.60
C GLU A 138 -10.42 -49.00 -1.12
N THR A 139 -11.24 -48.28 -1.91
CA THR A 139 -10.90 -46.94 -2.35
C THR A 139 -11.33 -45.91 -1.31
N LEU A 140 -10.62 -44.79 -1.24
CA LEU A 140 -11.02 -43.67 -0.40
C LEU A 140 -12.24 -42.99 -1.04
N LYS A 141 -13.38 -43.07 -0.36
CA LYS A 141 -14.64 -42.58 -0.94
C LYS A 141 -14.72 -41.06 -0.97
N GLU A 142 -14.25 -40.42 0.10
CA GLU A 142 -14.25 -38.96 0.20
C GLU A 142 -13.37 -38.51 1.36
N VAL A 143 -13.12 -37.21 1.41
CA VAL A 143 -12.57 -36.58 2.60
C VAL A 143 -13.63 -35.59 3.07
N GLY A 144 -14.43 -36.03 4.03
CA GLY A 144 -15.56 -35.25 4.54
C GLY A 144 -15.37 -34.73 5.96
N CYS A 145 -16.40 -34.07 6.49
CA CYS A 145 -16.33 -33.43 7.80
C CYS A 145 -15.85 -34.39 8.89
N ILE A 146 -16.46 -35.58 8.92
CA ILE A 146 -16.15 -36.60 9.91
C ILE A 146 -14.68 -37.07 9.85
N ASP A 147 -14.10 -37.06 8.64
CA ASP A 147 -12.73 -37.55 8.42
C ASP A 147 -11.66 -36.66 9.04
N CYS A 148 -11.69 -35.37 8.71
CA CYS A 148 -10.75 -34.41 9.28
C CYS A 148 -11.10 -34.07 10.72
N HIS A 149 -12.39 -33.95 11.02
CA HIS A 149 -12.85 -33.43 12.31
C HIS A 149 -13.10 -34.50 13.40
N VAL A 150 -13.04 -35.78 13.04
CA VAL A 150 -13.13 -36.85 14.04
C VAL A 150 -12.05 -37.93 13.87
N ASP A 151 -12.08 -38.65 12.74
CA ASP A 151 -11.18 -39.77 12.50
C ASP A 151 -11.26 -40.14 11.02
N VAL A 152 -10.09 -40.31 10.39
CA VAL A 152 -10.00 -40.61 8.96
C VAL A 152 -10.70 -41.93 8.61
N ASN A 153 -11.63 -41.85 7.67
CA ASN A 153 -12.41 -43.00 7.19
C ASN A 153 -13.28 -43.65 8.27
N LYS A 154 -13.83 -42.82 9.17
CA LYS A 154 -14.71 -43.30 10.23
C LYS A 154 -15.98 -43.91 9.66
N LYS A 155 -16.35 -45.08 10.18
CA LYS A 155 -17.47 -45.86 9.64
C LYS A 155 -18.75 -45.75 10.47
N ASP A 156 -18.65 -45.16 11.65
CA ASP A 156 -19.77 -45.08 12.59
C ASP A 156 -20.01 -43.67 13.13
N LYS A 157 -20.82 -43.57 14.18
CA LYS A 157 -21.23 -42.28 14.75
C LYS A 157 -20.19 -41.63 15.66
N ALA A 158 -20.24 -40.30 15.71
CA ALA A 158 -19.37 -39.51 16.56
C ALA A 158 -20.17 -38.70 17.57
N ASP A 159 -19.61 -38.52 18.75
CA ASP A 159 -20.20 -37.68 19.79
C ASP A 159 -19.68 -36.25 19.61
N HIS A 160 -20.55 -35.34 19.14
CA HIS A 160 -20.20 -33.93 18.89
C HIS A 160 -19.52 -33.27 20.10
N THR A 161 -19.90 -33.71 21.31
CA THR A 161 -19.37 -33.16 22.57
C THR A 161 -18.04 -33.77 23.03
N LYS A 162 -17.61 -34.84 22.38
CA LYS A 162 -16.41 -35.57 22.79
C LYS A 162 -15.39 -35.80 21.69
N ASP A 163 -15.87 -36.10 20.48
CA ASP A 163 -15.04 -36.64 19.42
C ASP A 163 -14.56 -35.61 18.39
N ILE A 164 -15.16 -34.42 18.41
CA ILE A 164 -14.81 -33.35 17.47
C ILE A 164 -13.43 -32.77 17.78
N ARG A 165 -12.61 -32.64 16.74
CA ARG A 165 -11.29 -32.04 16.85
C ARG A 165 -11.12 -30.95 15.81
N MET A 166 -10.17 -30.05 16.05
CA MET A 166 -9.69 -29.16 15.01
C MET A 166 -8.53 -29.85 14.32
N PRO A 167 -8.61 -30.03 12.98
CA PRO A 167 -7.58 -30.76 12.25
C PRO A 167 -6.25 -30.03 12.28
N THR A 168 -5.22 -30.71 12.77
CA THR A 168 -3.88 -30.15 12.87
C THR A 168 -2.98 -30.75 11.79
N ALA A 169 -1.69 -30.38 11.78
CA ALA A 169 -0.76 -30.81 10.73
C ALA A 169 -0.66 -32.33 10.61
N ASP A 170 -0.67 -33.01 11.75
CA ASP A 170 -0.62 -34.49 11.80
C ASP A 170 -1.91 -35.12 11.26
N THR A 171 -3.03 -34.42 11.41
CA THR A 171 -4.30 -34.88 10.88
C THR A 171 -4.25 -34.94 9.35
N CYS A 172 -3.91 -33.80 8.74
CA CYS A 172 -3.71 -33.73 7.29
C CYS A 172 -2.65 -34.73 6.86
N GLY A 173 -1.59 -34.83 7.66
CA GLY A 173 -0.43 -35.67 7.39
C GLY A 173 -0.69 -37.17 7.41
N THR A 174 -1.82 -37.58 8.00
CA THR A 174 -2.26 -38.98 7.98
C THR A 174 -2.40 -39.43 6.52
N CYS A 175 -3.02 -38.59 5.71
CA CYS A 175 -3.16 -38.85 4.28
C CYS A 175 -2.00 -38.26 3.48
N HIS A 176 -1.76 -36.98 3.68
CA HIS A 176 -0.75 -36.24 2.93
C HIS A 176 0.62 -36.35 3.60
N LEU A 177 1.13 -37.58 3.68
CA LEU A 177 2.39 -37.88 4.36
C LEU A 177 3.57 -37.15 3.73
N ARG A 178 3.63 -37.15 2.40
CA ARG A 178 4.70 -36.50 1.66
C ARG A 178 4.84 -35.02 2.05
N GLU A 179 3.74 -34.27 1.91
CA GLU A 179 3.74 -32.84 2.19
C GLU A 179 4.07 -32.53 3.66
N PHE A 180 3.49 -33.32 4.57
CA PHE A 180 3.75 -33.20 6.01
C PHE A 180 5.22 -33.46 6.34
N ALA A 181 5.77 -34.54 5.76
CA ALA A 181 7.18 -34.90 5.92
C ALA A 181 8.10 -33.84 5.33
N GLU A 182 7.75 -33.31 4.16
CA GLU A 182 8.51 -32.23 3.53
C GLU A 182 8.56 -31.02 4.44
N ARG A 183 7.38 -30.66 4.97
CA ARG A 183 7.26 -29.53 5.88
C ARG A 183 8.11 -29.75 7.12
N GLU A 184 7.97 -30.92 7.74
CA GLU A 184 8.70 -31.23 8.97
C GLU A 184 10.21 -31.30 8.75
N SER A 185 10.63 -31.60 7.53
CA SER A 185 12.05 -31.70 7.18
C SER A 185 12.82 -30.38 7.35
N GLU A 186 12.09 -29.27 7.39
CA GLU A 186 12.66 -27.96 7.70
C GLU A 186 13.41 -27.97 9.03
N ARG A 187 12.92 -28.76 9.99
CA ARG A 187 13.60 -28.96 11.27
C ARG A 187 15.03 -29.42 11.07
N ASP A 188 15.23 -30.27 10.07
CA ASP A 188 16.51 -30.97 9.84
C ASP A 188 17.41 -30.30 8.81
N THR A 189 16.84 -29.52 7.90
CA THR A 189 17.63 -28.85 6.84
C THR A 189 18.06 -27.43 7.18
N MET A 190 17.29 -26.73 8.01
CA MET A 190 17.63 -25.36 8.39
C MET A 190 18.56 -25.33 9.60
N VAL A 191 19.77 -25.81 9.39
CA VAL A 191 20.80 -25.82 10.41
C VAL A 191 21.88 -24.83 10.00
N TRP A 192 22.05 -23.79 10.82
CA TRP A 192 23.02 -22.76 10.56
C TRP A 192 24.43 -23.22 10.99
N PRO A 193 25.45 -22.89 10.19
CA PRO A 193 26.81 -23.39 10.45
C PRO A 193 27.38 -22.96 11.79
N ASN A 194 26.93 -21.81 12.30
CA ASN A 194 27.45 -21.24 13.55
C ASN A 194 26.35 -20.87 14.55
N GLY A 195 25.17 -21.49 14.40
CA GLY A 195 24.03 -21.24 15.28
C GLY A 195 23.50 -19.82 15.23
N GLN A 196 23.58 -19.20 14.06
CA GLN A 196 23.04 -17.86 13.81
C GLN A 196 21.58 -17.77 14.29
N TRP A 197 20.80 -18.78 13.94
CA TRP A 197 19.45 -18.96 14.45
C TRP A 197 19.37 -20.35 15.08
N PRO A 198 18.39 -20.58 15.99
CA PRO A 198 18.18 -21.93 16.49
C PRO A 198 17.99 -22.94 15.36
N ALA A 199 18.42 -24.18 15.58
CA ALA A 199 18.32 -25.25 14.58
C ALA A 199 16.86 -25.44 14.15
N GLY A 200 16.64 -25.49 12.84
CA GLY A 200 15.29 -25.66 12.28
C GLY A 200 14.54 -24.34 12.07
N ARG A 201 15.21 -23.23 12.36
CA ARG A 201 14.59 -21.90 12.25
C ARG A 201 15.45 -20.91 11.46
N PRO A 202 14.80 -19.96 10.75
CA PRO A 202 13.34 -19.80 10.64
C PRO A 202 12.70 -20.79 9.67
N SER A 203 11.44 -21.15 9.96
CA SER A 203 10.70 -22.12 9.16
C SER A 203 9.22 -22.10 9.51
N HIS A 204 8.42 -22.72 8.65
CA HIS A 204 7.00 -22.90 8.94
C HIS A 204 6.78 -24.02 9.96
N ALA A 205 7.69 -25.01 9.97
CA ALA A 205 7.65 -26.12 10.93
C ALA A 205 7.72 -25.68 12.40
N LEU A 206 8.37 -24.55 12.66
CA LEU A 206 8.57 -24.08 14.03
C LEU A 206 8.14 -22.62 14.24
N ASP A 207 7.20 -22.14 13.42
CA ASP A 207 6.73 -20.76 13.55
C ASP A 207 5.98 -20.50 14.85
N TYR A 208 5.21 -21.50 15.30
CA TYR A 208 4.48 -21.39 16.56
C TYR A 208 5.41 -21.48 17.77
N THR A 209 6.36 -22.42 17.72
CA THR A 209 7.37 -22.55 18.75
C THR A 209 8.14 -21.23 18.89
N ALA A 210 8.57 -20.66 17.75
CA ALA A 210 9.30 -19.40 17.76
C ALA A 210 8.47 -18.28 18.39
N ASN A 211 7.16 -18.29 18.10
CA ASN A 211 6.20 -17.33 18.64
C ASN A 211 6.10 -17.40 20.17
N ILE A 212 5.84 -18.60 20.69
CA ILE A 212 5.61 -18.77 22.13
C ILE A 212 6.92 -18.76 22.94
N GLU A 213 8.05 -18.88 22.26
CA GLU A 213 9.36 -18.79 22.91
C GLU A 213 9.95 -17.38 22.88
N THR A 214 9.18 -16.44 22.34
CA THR A 214 9.54 -15.02 22.36
C THR A 214 9.10 -14.43 23.69
N THR A 215 10.06 -13.92 24.46
CA THR A 215 9.81 -13.47 25.84
C THR A 215 8.64 -12.48 25.97
N VAL A 216 8.64 -11.41 25.18
CA VAL A 216 7.60 -10.38 25.27
C VAL A 216 6.19 -10.94 24.96
N TRP A 217 6.11 -11.87 24.01
CA TRP A 217 4.84 -12.55 23.71
C TRP A 217 4.27 -13.22 24.95
N ALA A 218 5.14 -13.93 25.68
CA ALA A 218 4.73 -14.63 26.89
C ALA A 218 4.57 -13.69 28.09
N ALA A 219 5.31 -12.58 28.07
CA ALA A 219 5.40 -11.68 29.23
C ALA A 219 4.39 -10.54 29.26
N MET A 220 3.99 -10.06 28.08
CA MET A 220 3.10 -8.89 27.98
C MET A 220 1.68 -9.19 28.45
N PRO A 221 1.00 -8.20 29.05
CA PRO A 221 -0.37 -8.43 29.51
C PRO A 221 -1.45 -8.30 28.43
N GLN A 222 -1.16 -7.58 27.34
CA GLN A 222 -2.12 -7.38 26.24
C GLN A 222 -2.24 -8.63 25.38
N ARG A 223 -2.95 -9.64 25.88
CA ARG A 223 -3.02 -10.96 25.24
C ARG A 223 -3.59 -10.93 23.81
N GLU A 224 -4.53 -10.00 23.58
CA GLU A 224 -5.19 -9.89 22.29
C GLU A 224 -4.27 -9.29 21.23
N VAL A 225 -3.32 -8.47 21.68
CA VAL A 225 -2.26 -7.96 20.82
C VAL A 225 -1.27 -9.08 20.51
N ALA A 226 -0.89 -9.83 21.54
CA ALA A 226 0.01 -10.97 21.40
C ALA A 226 -0.55 -12.07 20.50
N GLU A 227 -1.87 -12.29 20.55
CA GLU A 227 -2.49 -13.33 19.73
C GLU A 227 -2.56 -12.94 18.25
N GLY A 228 -2.42 -11.65 17.96
CA GLY A 228 -2.23 -11.17 16.59
C GLY A 228 -0.93 -11.68 16.02
N CYS A 229 0.12 -11.71 16.85
CA CYS A 229 1.38 -12.34 16.46
C CYS A 229 1.16 -13.82 16.17
N THR A 230 0.39 -14.47 17.04
CA THR A 230 0.09 -15.90 16.91
C THR A 230 -0.57 -16.25 15.58
N MET A 231 -1.51 -15.40 15.14
CA MET A 231 -2.27 -15.64 13.92
C MET A 231 -1.40 -15.75 12.66
N CYS A 232 -0.22 -15.12 12.71
CA CYS A 232 0.77 -15.21 11.63
C CYS A 232 1.74 -16.38 11.84
N HIS A 233 1.64 -17.04 12.99
CA HIS A 233 2.61 -18.05 13.38
C HIS A 233 1.94 -19.41 13.68
N THR A 234 0.99 -19.83 12.84
CA THR A 234 0.21 -21.06 13.10
C THR A 234 0.49 -22.24 12.18
N ASN A 235 1.33 -22.06 11.16
CA ASN A 235 1.61 -23.11 10.18
C ASN A 235 2.04 -24.44 10.79
N GLN A 236 2.84 -24.34 11.85
CA GLN A 236 3.28 -25.51 12.63
C GLN A 236 2.09 -26.35 13.07
N ASN A 237 1.01 -25.68 13.48
CA ASN A 237 -0.15 -26.33 14.08
C ASN A 237 -1.22 -26.72 13.08
N LYS A 238 -1.47 -25.88 12.08
CA LYS A 238 -2.50 -26.17 11.08
C LYS A 238 -2.05 -25.88 9.65
N CYS A 239 -2.57 -26.67 8.70
CA CYS A 239 -2.14 -26.65 7.31
C CYS A 239 -3.01 -25.82 6.37
N ASP A 240 -3.84 -24.94 6.92
CA ASP A 240 -4.80 -24.18 6.10
C ASP A 240 -4.51 -22.68 5.93
N ASN A 241 -3.25 -22.27 6.03
CA ASN A 241 -2.92 -20.85 5.90
C ASN A 241 -2.61 -20.38 4.47
N CYS A 242 -2.13 -21.30 3.63
CA CYS A 242 -1.86 -20.99 2.22
C CYS A 242 -3.00 -21.49 1.34
N HIS A 243 -3.32 -22.78 1.46
CA HIS A 243 -4.55 -23.34 0.92
C HIS A 243 -5.61 -23.41 2.04
N THR A 244 -6.51 -22.43 2.05
CA THR A 244 -7.47 -22.24 3.15
C THR A 244 -8.61 -23.26 3.18
N ARG A 245 -9.17 -23.45 4.38
CA ARG A 245 -10.45 -24.16 4.55
C ARG A 245 -11.58 -23.31 3.94
N HIS A 246 -12.63 -23.93 3.38
CA HIS A 246 -12.77 -25.39 3.29
C HIS A 246 -12.66 -25.93 1.85
N GLU A 247 -12.18 -25.07 0.93
CA GLU A 247 -11.95 -25.48 -0.46
C GLU A 247 -10.63 -26.20 -0.63
N PHE A 248 -9.66 -25.88 0.24
CA PHE A 248 -8.31 -26.45 0.18
C PHE A 248 -7.81 -26.56 -1.26
N SER A 249 -7.68 -25.40 -1.91
CA SER A 249 -7.29 -25.31 -3.30
C SER A 249 -5.78 -25.10 -3.44
N ALA A 250 -5.13 -26.03 -4.15
CA ALA A 250 -3.70 -25.92 -4.45
C ALA A 250 -3.39 -24.69 -5.30
N ALA A 251 -4.30 -24.38 -6.24
CA ALA A 251 -4.19 -23.20 -7.09
C ALA A 251 -4.09 -21.92 -6.27
N GLU A 252 -4.97 -21.79 -5.27
CA GLU A 252 -4.99 -20.64 -4.37
C GLU A 252 -3.66 -20.47 -3.63
N SER A 253 -3.08 -21.57 -3.14
CA SER A 253 -1.82 -21.53 -2.41
C SER A 253 -0.61 -21.17 -3.28
N ARG A 254 -0.76 -21.35 -4.59
CA ARG A 254 0.30 -20.99 -5.54
C ARG A 254 0.31 -19.49 -5.87
N LYS A 255 -0.80 -18.82 -5.59
CA LYS A 255 -0.92 -17.38 -5.86
C LYS A 255 -0.20 -16.58 -4.76
N PRO A 256 0.51 -15.50 -5.16
CA PRO A 256 1.29 -14.67 -4.24
C PRO A 256 0.48 -14.13 -3.06
N GLU A 257 -0.80 -13.84 -3.30
CA GLU A 257 -1.72 -13.38 -2.25
C GLU A 257 -1.81 -14.33 -1.04
N ALA A 258 -1.60 -15.62 -1.29
CA ALA A 258 -1.66 -16.64 -0.23
C ALA A 258 -0.64 -16.43 0.90
N CYS A 259 0.49 -15.80 0.57
CA CYS A 259 1.57 -15.57 1.53
C CYS A 259 1.53 -14.19 2.17
N ALA A 260 0.62 -13.34 1.69
CA ALA A 260 0.68 -11.89 1.94
C ALA A 260 0.28 -11.43 3.35
N THR A 261 -0.72 -12.08 3.93
CA THR A 261 -1.21 -11.71 5.26
C THR A 261 -0.11 -11.81 6.33
N CYS A 262 0.76 -12.81 6.18
CA CYS A 262 1.85 -13.03 7.12
C CYS A 262 3.15 -12.38 6.69
N HIS A 263 3.49 -12.51 5.41
CA HIS A 263 4.74 -12.00 4.89
C HIS A 263 4.60 -10.57 4.36
N SER A 264 4.27 -9.66 5.28
CA SER A 264 4.12 -8.24 4.99
C SER A 264 4.42 -7.45 6.25
N GLY A 265 4.48 -6.13 6.12
CA GLY A 265 4.57 -5.26 7.29
C GLY A 265 5.91 -4.62 7.53
N VAL A 266 5.97 -3.89 8.65
CA VAL A 266 7.07 -2.98 8.98
C VAL A 266 8.45 -3.64 9.11
N ASP A 267 8.51 -4.94 9.38
CA ASP A 267 9.78 -5.63 9.60
C ASP A 267 10.08 -6.78 8.62
N HIS A 268 9.24 -6.91 7.60
CA HIS A 268 9.46 -7.84 6.49
C HIS A 268 8.36 -7.62 5.45
N ASN A 269 8.57 -6.62 4.58
CA ASN A 269 7.54 -6.18 3.65
C ASN A 269 7.60 -6.91 2.30
N ASN A 270 7.65 -8.25 2.36
CA ASN A 270 7.81 -9.09 1.18
C ASN A 270 6.69 -8.93 0.15
N TRP A 271 5.45 -8.91 0.61
CA TRP A 271 4.29 -8.67 -0.26
C TRP A 271 4.36 -7.31 -0.95
N GLU A 272 4.71 -6.27 -0.18
CA GLU A 272 4.79 -4.91 -0.71
C GLU A 272 5.95 -4.78 -1.72
N ALA A 273 7.09 -5.36 -1.39
CA ALA A 273 8.26 -5.32 -2.27
C ALA A 273 8.01 -6.11 -3.56
N TYR A 274 7.56 -7.35 -3.41
CA TYR A 274 7.27 -8.22 -4.57
C TYR A 274 6.26 -7.62 -5.54
N THR A 275 5.13 -7.14 -5.02
CA THR A 275 4.05 -6.63 -5.88
C THR A 275 4.46 -5.36 -6.64
N MET A 276 5.35 -4.57 -6.06
CA MET A 276 5.80 -3.33 -6.68
C MET A 276 6.91 -3.55 -7.71
N SER A 277 7.67 -4.63 -7.54
CA SER A 277 8.69 -5.03 -8.50
C SER A 277 8.04 -5.36 -9.85
N LYS A 278 8.85 -5.38 -10.91
CA LYS A 278 8.35 -5.79 -12.22
C LYS A 278 7.77 -7.20 -12.18
N HIS A 279 8.47 -8.08 -11.46
CA HIS A 279 8.01 -9.47 -11.27
C HIS A 279 6.56 -9.50 -10.81
N GLY A 280 6.25 -8.74 -9.75
CA GLY A 280 4.92 -8.73 -9.14
C GLY A 280 3.87 -8.03 -9.97
N LYS A 281 4.26 -6.95 -10.63
CA LYS A 281 3.34 -6.20 -11.50
C LYS A 281 2.93 -7.03 -12.72
N LEU A 282 3.88 -7.80 -13.25
CA LEU A 282 3.61 -8.75 -14.32
C LEU A 282 2.71 -9.89 -13.85
N ALA A 283 2.93 -10.37 -12.63
CA ALA A 283 2.07 -11.38 -12.02
C ALA A 283 0.64 -10.85 -11.89
N GLU A 284 0.50 -9.58 -11.49
CA GLU A 284 -0.81 -8.91 -11.44
C GLU A 284 -1.44 -8.82 -12.83
N MET A 285 -0.65 -8.40 -13.82
CA MET A 285 -1.13 -8.23 -15.20
C MET A 285 -1.46 -9.52 -15.94
N ASN A 286 -0.70 -10.58 -15.64
CA ASN A 286 -0.78 -11.84 -16.40
C ASN A 286 -1.52 -13.00 -15.72
N ARG A 287 -2.06 -12.75 -14.53
CA ARG A 287 -2.68 -13.80 -13.72
C ARG A 287 -3.80 -14.60 -14.44
N ASP A 288 -4.56 -13.92 -15.30
CA ASP A 288 -5.65 -14.57 -16.03
C ASP A 288 -5.17 -15.41 -17.22
N LYS A 289 -3.94 -15.18 -17.65
CA LYS A 289 -3.39 -15.95 -18.77
C LYS A 289 -2.75 -17.25 -18.31
N TRP A 290 -2.50 -17.37 -17.01
CA TRP A 290 -1.81 -18.53 -16.45
C TRP A 290 -2.78 -19.59 -15.94
N ASN A 291 -2.35 -20.84 -16.02
CA ASN A 291 -3.11 -21.95 -15.43
C ASN A 291 -2.57 -22.28 -14.05
N TRP A 292 -3.21 -21.71 -13.03
CA TRP A 292 -2.78 -21.87 -11.64
C TRP A 292 -3.01 -23.28 -11.11
N GLU A 293 -3.84 -24.06 -11.81
CA GLU A 293 -4.19 -25.42 -11.40
C GLU A 293 -3.08 -26.45 -11.64
N VAL A 294 -2.15 -26.15 -12.55
CA VAL A 294 -1.02 -27.06 -12.81
C VAL A 294 -0.05 -27.00 -11.64
N ARG A 295 0.70 -28.08 -11.44
CA ARG A 295 1.68 -28.13 -10.35
C ARG A 295 2.83 -27.16 -10.61
N LEU A 296 3.48 -26.70 -9.54
CA LEU A 296 4.58 -25.75 -9.65
C LEU A 296 5.66 -26.18 -10.65
N LYS A 297 5.89 -27.48 -10.74
CA LYS A 297 6.88 -28.03 -11.67
C LYS A 297 6.49 -27.83 -13.14
N ASP A 298 5.18 -27.74 -13.40
CA ASP A 298 4.65 -27.53 -14.74
C ASP A 298 4.25 -26.08 -15.00
N ALA A 299 4.44 -25.22 -14.00
CA ALA A 299 3.95 -23.83 -14.05
C ALA A 299 4.46 -23.04 -15.25
N PHE A 300 5.75 -23.21 -15.56
CA PHE A 300 6.39 -22.46 -16.64
C PHE A 300 6.22 -23.08 -18.02
N SER A 301 5.75 -24.33 -18.06
CA SER A 301 5.46 -24.99 -19.33
C SER A 301 3.94 -25.06 -19.54
N LYS A 302 3.31 -26.01 -18.85
CA LYS A 302 1.85 -26.20 -18.95
C LYS A 302 1.05 -25.01 -18.40
N GLY A 303 1.60 -24.34 -17.41
CA GLY A 303 0.93 -23.19 -16.78
C GLY A 303 0.94 -21.91 -17.59
N GLY A 304 2.00 -21.72 -18.37
CA GLY A 304 2.18 -20.51 -19.18
C GLY A 304 2.75 -19.33 -18.42
N GLN A 305 3.19 -19.57 -17.18
CA GLN A 305 3.69 -18.53 -16.30
C GLN A 305 5.01 -17.94 -16.82
N ASN A 306 5.07 -16.62 -16.95
CA ASN A 306 6.28 -15.95 -17.44
C ASN A 306 6.90 -14.96 -16.45
N ALA A 307 6.29 -14.85 -15.27
CA ALA A 307 6.85 -14.05 -14.19
C ALA A 307 6.87 -14.87 -12.90
N PRO A 308 7.90 -14.68 -12.05
CA PRO A 308 8.02 -15.54 -10.87
C PRO A 308 7.08 -15.15 -9.73
N THR A 309 6.81 -16.10 -8.83
CA THR A 309 5.88 -15.92 -7.73
C THR A 309 6.54 -16.40 -6.43
N CYS A 310 5.98 -16.00 -5.29
CA CYS A 310 6.52 -16.42 -3.98
C CYS A 310 6.76 -17.93 -3.94
N ALA A 311 5.71 -18.70 -4.25
CA ALA A 311 5.76 -20.16 -4.18
C ALA A 311 6.77 -20.80 -5.14
N ALA A 312 6.79 -20.31 -6.40
CA ALA A 312 7.69 -20.85 -7.41
C ALA A 312 9.17 -20.62 -7.10
N CYS A 313 9.47 -19.50 -6.43
CA CYS A 313 10.85 -19.20 -6.06
C CYS A 313 11.27 -19.89 -4.77
N HIS A 314 10.39 -19.89 -3.78
CA HIS A 314 10.77 -20.35 -2.44
C HIS A 314 10.53 -21.83 -2.15
N MET A 315 9.62 -22.48 -2.88
CA MET A 315 9.42 -23.92 -2.77
C MET A 315 10.31 -24.72 -3.74
N GLU A 316 10.95 -24.02 -4.68
CA GLU A 316 11.86 -24.63 -5.63
C GLU A 316 13.23 -24.90 -4.99
N TYR A 317 13.80 -26.05 -5.32
CA TYR A 317 15.16 -26.39 -4.91
C TYR A 317 15.72 -27.42 -5.87
N GLU A 318 16.79 -27.04 -6.57
CA GLU A 318 17.48 -27.90 -7.53
C GLU A 318 16.54 -28.56 -8.55
N GLY A 319 15.56 -27.80 -9.05
CA GLY A 319 14.66 -28.27 -10.11
C GLY A 319 13.42 -29.00 -9.64
N GLU A 320 13.28 -29.15 -8.33
CA GLU A 320 12.11 -29.81 -7.74
C GLU A 320 11.38 -28.89 -6.76
N TYR A 321 10.15 -29.24 -6.43
CA TYR A 321 9.29 -28.42 -5.57
C TYR A 321 8.78 -29.23 -4.38
N THR A 322 8.99 -28.70 -3.17
CA THR A 322 8.54 -29.33 -1.94
C THR A 322 8.00 -28.28 -0.96
N HIS A 323 7.29 -28.74 0.06
CA HIS A 323 6.76 -27.86 1.11
C HIS A 323 7.85 -27.34 2.05
N ASN A 324 9.11 -27.72 1.80
CA ASN A 324 10.27 -27.23 2.54
C ASN A 324 10.78 -25.94 1.89
N ILE A 325 10.70 -24.83 2.60
CA ILE A 325 11.06 -23.51 2.04
C ILE A 325 12.36 -22.92 2.60
N THR A 326 13.22 -23.77 3.16
CA THR A 326 14.37 -23.29 3.94
C THR A 326 15.76 -23.49 3.30
N ARG A 327 15.84 -24.30 2.25
CA ARG A 327 17.15 -24.80 1.79
C ARG A 327 18.04 -23.82 1.03
N LYS A 328 17.48 -22.69 0.63
CA LYS A 328 18.25 -21.65 -0.07
C LYS A 328 18.43 -20.39 0.77
N THR A 329 17.99 -20.44 2.03
CA THR A 329 18.01 -19.28 2.91
C THR A 329 19.43 -18.88 3.32
N ARG A 330 19.78 -17.62 3.05
CA ARG A 330 21.11 -17.09 3.35
C ARG A 330 21.06 -15.92 4.32
N TRP A 331 20.19 -14.95 4.03
CA TRP A 331 20.11 -13.71 4.82
C TRP A 331 19.11 -13.80 5.96
N ALA A 332 18.02 -14.54 5.73
CA ALA A 332 16.96 -14.74 6.72
C ALA A 332 16.38 -13.42 7.25
N ASN A 333 16.13 -12.50 6.33
CA ASN A 333 15.39 -11.24 6.58
C ASN A 333 16.09 -10.16 7.41
N TYR A 334 16.61 -10.52 8.58
CA TYR A 334 17.22 -9.58 9.52
C TYR A 334 18.76 -9.61 9.42
N PRO A 335 19.34 -8.72 8.60
CA PRO A 335 20.79 -8.72 8.29
C PRO A 335 21.71 -8.41 9.48
N PHE A 336 21.13 -7.95 10.58
CA PHE A 336 21.91 -7.56 11.76
C PHE A 336 22.14 -8.71 12.76
N VAL A 337 21.48 -9.84 12.55
CA VAL A 337 21.65 -11.01 13.42
C VAL A 337 23.12 -11.43 13.46
N PRO A 338 23.69 -11.57 14.67
CA PRO A 338 25.11 -11.90 14.78
C PRO A 338 25.49 -13.14 13.97
N GLY A 339 26.54 -13.02 13.16
CA GLY A 339 27.04 -14.14 12.38
C GLY A 339 26.47 -14.29 10.98
N ILE A 340 25.41 -13.54 10.66
CA ILE A 340 24.72 -13.66 9.37
C ILE A 340 25.53 -13.02 8.23
N ALA A 341 25.94 -11.77 8.45
CA ALA A 341 26.78 -11.04 7.48
C ALA A 341 28.14 -11.73 7.30
N GLU A 342 28.75 -12.13 8.41
CA GLU A 342 30.04 -12.81 8.41
C GLU A 342 29.98 -14.14 7.67
N ASN A 343 28.79 -14.74 7.61
CA ASN A 343 28.57 -16.02 6.98
C ASN A 343 28.29 -15.94 5.48
N ILE A 344 28.03 -14.73 4.98
CA ILE A 344 27.59 -14.56 3.58
C ILE A 344 28.64 -15.01 2.53
N THR A 345 29.92 -15.07 2.94
CA THR A 345 31.00 -15.49 2.05
C THR A 345 31.40 -16.96 2.18
N SER A 346 30.76 -17.69 3.12
CA SER A 346 31.09 -19.09 3.37
C SER A 346 30.69 -20.00 2.19
N ASP A 347 31.25 -21.21 2.16
CA ASP A 347 30.91 -22.21 1.15
C ASP A 347 29.46 -22.67 1.28
N TRP A 348 28.97 -22.67 2.52
CA TRP A 348 27.59 -22.99 2.84
C TRP A 348 26.63 -22.00 2.19
N SER A 349 26.90 -20.71 2.34
CA SER A 349 26.09 -19.65 1.74
C SER A 349 26.26 -19.61 0.22
N GLU A 350 27.47 -19.91 -0.23
CA GLU A 350 27.80 -19.90 -1.65
C GLU A 350 27.08 -21.02 -2.42
N ALA A 351 26.92 -22.17 -1.77
CA ALA A 351 26.19 -23.30 -2.35
C ALA A 351 24.69 -22.98 -2.47
N ARG A 352 24.17 -22.27 -1.47
CA ARG A 352 22.77 -21.83 -1.48
C ARG A 352 22.56 -20.72 -2.51
N LEU A 353 23.62 -19.95 -2.77
CA LEU A 353 23.61 -18.95 -3.84
C LEU A 353 23.49 -19.61 -5.21
N ASP A 354 24.29 -20.65 -5.45
CA ASP A 354 24.21 -21.43 -6.69
C ASP A 354 22.79 -21.95 -6.91
N SER A 355 22.14 -22.40 -5.84
CA SER A 355 20.75 -22.86 -5.88
C SER A 355 19.78 -21.75 -6.29
N TRP A 356 19.96 -20.54 -5.75
CA TRP A 356 19.14 -19.40 -6.15
C TRP A 356 19.34 -19.06 -7.62
N VAL A 357 20.59 -19.02 -8.06
CA VAL A 357 20.94 -18.73 -9.45
C VAL A 357 20.19 -19.67 -10.39
N LEU A 358 20.20 -20.96 -10.06
CA LEU A 358 19.44 -21.97 -10.79
C LEU A 358 17.97 -21.56 -10.96
N THR A 359 17.33 -21.22 -9.83
CA THR A 359 15.95 -20.73 -9.80
C THR A 359 15.72 -19.61 -10.80
N CYS A 360 16.59 -18.61 -10.78
CA CYS A 360 16.48 -17.44 -11.67
C CYS A 360 16.64 -17.80 -13.15
N THR A 361 17.48 -18.79 -13.45
CA THR A 361 17.80 -19.15 -14.84
C THR A 361 16.66 -19.87 -15.57
N GLN A 362 15.56 -20.11 -14.87
CA GLN A 362 14.30 -20.49 -15.50
C GLN A 362 13.96 -19.46 -16.58
N CYS A 363 14.46 -18.24 -16.40
CA CYS A 363 14.17 -17.13 -17.29
C CYS A 363 15.45 -16.34 -17.64
N HIS A 364 16.06 -15.72 -16.64
CA HIS A 364 17.26 -14.91 -16.86
C HIS A 364 18.49 -15.78 -17.14
N SER A 365 19.52 -15.19 -17.76
CA SER A 365 20.81 -15.86 -17.88
C SER A 365 21.48 -15.94 -16.51
N GLU A 366 22.42 -16.86 -16.36
CA GLU A 366 23.16 -17.04 -15.12
C GLU A 366 23.92 -15.77 -14.74
N ARG A 367 24.56 -15.16 -15.75
CA ARG A 367 25.35 -13.94 -15.61
C ARG A 367 24.51 -12.77 -15.11
N PHE A 368 23.29 -12.65 -15.64
CA PHE A 368 22.35 -11.62 -15.21
C PHE A 368 21.98 -11.82 -13.73
N ALA A 369 21.59 -13.04 -13.39
CA ALA A 369 21.16 -13.38 -12.04
C ALA A 369 22.25 -13.16 -11.01
N ARG A 370 23.47 -13.60 -11.33
CA ARG A 370 24.63 -13.41 -10.46
C ARG A 370 24.97 -11.94 -10.28
N SER A 371 24.82 -11.15 -11.35
CA SER A 371 25.01 -9.69 -11.29
C SER A 371 24.07 -9.04 -10.30
N TYR A 372 22.79 -9.42 -10.34
CA TYR A 372 21.81 -8.83 -9.41
C TYR A 372 21.95 -9.33 -7.97
N LEU A 373 22.21 -10.62 -7.79
CA LEU A 373 22.33 -11.18 -6.44
C LEU A 373 23.56 -10.64 -5.73
N ASP A 374 24.60 -10.32 -6.50
CA ASP A 374 25.78 -9.63 -5.97
C ASP A 374 25.40 -8.24 -5.46
N LEU A 375 24.56 -7.55 -6.25
CA LEU A 375 24.01 -6.27 -5.86
C LEU A 375 23.23 -6.39 -4.55
N MET A 376 22.38 -7.42 -4.47
CA MET A 376 21.55 -7.66 -3.29
C MET A 376 22.40 -7.85 -2.03
N ASP A 377 23.44 -8.69 -2.13
CA ASP A 377 24.34 -8.96 -1.01
C ASP A 377 25.06 -7.70 -0.55
N LYS A 378 25.59 -6.93 -1.49
CA LYS A 378 26.37 -5.73 -1.16
C LYS A 378 25.52 -4.56 -0.72
N GLY A 379 24.37 -4.38 -1.36
CA GLY A 379 23.41 -3.37 -0.92
C GLY A 379 22.96 -3.60 0.51
N THR A 380 22.76 -4.87 0.85
CA THR A 380 22.37 -5.27 2.20
C THR A 380 23.45 -4.92 3.23
N LEU A 381 24.70 -5.24 2.91
CA LEU A 381 25.82 -4.91 3.79
C LEU A 381 26.01 -3.39 3.95
N GLU A 382 25.76 -2.65 2.87
CA GLU A 382 25.83 -1.17 2.90
C GLU A 382 24.80 -0.58 3.87
N GLY A 383 23.61 -1.15 3.89
CA GLY A 383 22.59 -0.78 4.86
C GLY A 383 22.99 -1.14 6.28
N LEU A 384 23.54 -2.36 6.44
CA LEU A 384 23.99 -2.83 7.76
C LEU A 384 25.06 -1.92 8.33
N ALA A 385 25.98 -1.48 7.48
CA ALA A 385 27.02 -0.53 7.85
C ALA A 385 26.44 0.77 8.40
N LYS A 386 25.45 1.31 7.69
CA LYS A 386 24.80 2.54 8.11
C LYS A 386 24.21 2.41 9.51
N TYR A 387 23.46 1.32 9.73
CA TYR A 387 22.89 1.04 11.05
C TYR A 387 23.97 0.90 12.13
N GLN A 388 25.03 0.15 11.84
CA GLN A 388 26.11 -0.12 12.80
C GLN A 388 26.80 1.14 13.30
N GLU A 389 26.98 2.12 12.41
CA GLU A 389 27.57 3.40 12.82
C GLU A 389 26.64 4.16 13.76
N ALA A 390 25.34 4.10 13.47
CA ALA A 390 24.33 4.72 14.33
C ALA A 390 24.23 4.02 15.69
N ASN A 391 24.26 2.70 15.69
CA ASN A 391 24.18 1.92 16.93
C ASN A 391 25.34 2.20 17.89
N ALA A 392 26.54 2.38 17.34
CA ALA A 392 27.73 2.70 18.12
C ALA A 392 27.51 3.94 19.01
N ILE A 393 26.77 4.92 18.48
CA ILE A 393 26.46 6.16 19.19
C ILE A 393 25.51 5.92 20.37
N VAL A 394 24.37 5.30 20.10
CA VAL A 394 23.34 5.07 21.13
C VAL A 394 23.80 4.04 22.16
N HIS A 395 24.55 3.03 21.72
CA HIS A 395 25.09 2.01 22.62
C HIS A 395 26.11 2.62 23.59
N LYS A 396 26.93 3.55 23.09
CA LYS A 396 27.87 4.29 23.94
C LYS A 396 27.14 5.06 25.04
N MET A 397 26.05 5.72 24.67
CA MET A 397 25.21 6.45 25.63
C MET A 397 24.65 5.52 26.72
N TYR A 398 24.22 4.32 26.30
CA TYR A 398 23.75 3.30 27.26
C TYR A 398 24.85 2.90 28.23
N GLU A 399 26.04 2.59 27.70
CA GLU A 399 27.20 2.25 28.53
C GLU A 399 27.54 3.38 29.50
N ASP A 400 27.41 4.62 29.04
CA ASP A 400 27.70 5.80 29.85
C ASP A 400 26.58 6.11 30.84
N GLY A 401 25.41 5.53 30.61
CA GLY A 401 24.23 5.77 31.45
C GLY A 401 23.58 7.13 31.20
N THR A 402 23.78 7.66 29.99
CA THR A 402 23.34 9.02 29.67
C THR A 402 22.05 9.11 28.84
N LEU A 403 21.42 7.98 28.57
CA LEU A 403 20.13 7.97 27.88
C LEU A 403 19.07 8.65 28.74
N THR A 404 18.12 9.30 28.09
CA THR A 404 17.03 9.99 28.79
C THR A 404 16.29 9.03 29.72
N GLY A 405 16.28 9.37 31.01
CA GLY A 405 15.55 8.61 32.02
C GLY A 405 16.18 7.30 32.45
N GLN A 406 17.40 7.02 32.00
CA GLN A 406 18.06 5.73 32.24
C GLN A 406 18.23 5.39 33.73
N LYS A 407 18.49 6.41 34.54
CA LYS A 407 18.76 6.21 35.96
C LYS A 407 17.63 6.73 36.85
N THR A 408 16.61 7.31 36.23
CA THR A 408 15.54 7.99 36.97
C THR A 408 14.14 7.46 36.69
N ASN A 409 13.94 6.85 35.53
CA ASN A 409 12.62 6.40 35.08
C ASN A 409 12.69 5.28 34.05
N ARG A 410 13.42 4.21 34.39
CA ARG A 410 13.60 3.07 33.48
C ARG A 410 13.16 1.77 34.16
N PRO A 411 11.83 1.57 34.29
CA PRO A 411 11.32 0.39 35.01
C PRO A 411 11.61 -0.90 34.27
N ASN A 412 11.72 -1.99 35.02
CA ASN A 412 12.01 -3.31 34.46
C ASN A 412 10.85 -3.86 33.64
N PRO A 413 11.16 -4.55 32.52
CA PRO A 413 10.14 -5.20 31.69
C PRO A 413 9.44 -6.35 32.42
N PRO A 414 8.22 -6.72 31.99
CA PRO A 414 7.47 -7.76 32.71
C PRO A 414 8.16 -9.12 32.67
N GLU A 415 8.07 -9.86 33.78
CA GLU A 415 8.65 -11.20 33.90
C GLU A 415 8.19 -12.13 32.78
N PRO A 416 9.10 -13.00 32.28
CA PRO A 416 10.45 -13.22 32.79
C PRO A 416 11.57 -12.48 32.03
N GLU A 417 11.24 -11.36 31.40
CA GLU A 417 12.25 -10.58 30.67
C GLU A 417 13.28 -9.95 31.62
N LYS A 418 14.51 -9.86 31.13
CA LYS A 418 15.57 -9.14 31.80
C LYS A 418 15.79 -7.78 31.12
N PRO A 419 16.04 -6.73 31.92
CA PRO A 419 16.35 -5.41 31.36
C PRO A 419 17.60 -5.44 30.48
N GLY A 420 17.64 -4.55 29.49
CA GLY A 420 18.73 -4.48 28.53
C GLY A 420 18.60 -3.33 27.57
N PHE A 421 19.53 -3.24 26.62
CA PHE A 421 19.55 -2.17 25.62
C PHE A 421 19.06 -2.66 24.26
N GLY A 422 18.07 -1.98 23.72
CA GLY A 422 17.58 -2.26 22.36
C GLY A 422 17.19 -3.71 22.21
N ILE A 423 16.27 -4.15 23.06
CA ILE A 423 15.79 -5.54 23.04
C ILE A 423 14.42 -5.60 22.37
N PHE A 424 14.13 -6.73 21.73
CA PHE A 424 12.87 -6.92 21.01
C PHE A 424 11.63 -6.54 21.83
N THR A 425 11.69 -6.84 23.13
CA THR A 425 10.62 -6.54 24.07
C THR A 425 10.15 -5.08 24.00
N GLN A 426 11.09 -4.17 23.77
CA GLN A 426 10.82 -2.73 23.73
C GLN A 426 9.97 -2.28 22.54
N LEU A 427 9.71 -3.20 21.61
CA LEU A 427 8.80 -2.93 20.49
C LEU A 427 7.35 -3.19 20.90
N PHE A 428 7.14 -4.09 21.86
CA PHE A 428 5.80 -4.52 22.25
C PHE A 428 5.45 -4.19 23.70
N TRP A 429 6.43 -3.66 24.43
CA TRP A 429 6.22 -3.17 25.80
C TRP A 429 7.08 -1.93 26.06
N SER A 430 6.44 -0.92 26.66
CA SER A 430 7.14 0.29 27.09
C SER A 430 6.47 0.86 28.34
N LYS A 431 7.29 1.43 29.23
CA LYS A 431 6.82 2.10 30.43
C LYS A 431 7.88 3.12 30.85
N GLY A 432 7.43 4.30 31.24
CA GLY A 432 8.36 5.39 31.55
C GLY A 432 9.31 5.61 30.39
N ASN A 433 10.60 5.69 30.70
CA ASN A 433 11.63 5.81 29.67
C ASN A 433 12.33 4.48 29.38
N ASN A 434 11.60 3.38 29.52
CA ASN A 434 12.04 2.09 29.01
C ASN A 434 11.15 1.66 27.84
N PRO A 435 11.63 1.84 26.60
CA PRO A 435 12.94 2.40 26.23
C PRO A 435 12.96 3.93 26.13
N ALA A 436 14.15 4.47 25.94
CA ALA A 436 14.30 5.88 25.57
C ALA A 436 14.03 6.01 24.07
N SER A 437 13.69 7.22 23.63
CA SER A 437 13.41 7.45 22.21
C SER A 437 14.60 7.10 21.31
N LEU A 438 15.80 7.56 21.66
CA LEU A 438 17.02 7.25 20.90
C LEU A 438 17.23 5.75 20.76
N GLU A 439 16.96 5.04 21.85
CA GLU A 439 17.13 3.59 21.94
C GLU A 439 16.15 2.84 21.03
N LEU A 440 14.90 3.28 21.01
CA LEU A 440 13.87 2.70 20.15
C LEU A 440 14.16 3.02 18.68
N LYS A 441 14.61 4.24 18.42
CA LYS A 441 14.86 4.71 17.06
C LYS A 441 15.92 3.87 16.35
N VAL A 442 17.02 3.57 17.05
CA VAL A 442 18.11 2.80 16.45
C VAL A 442 17.74 1.32 16.37
N LEU A 443 16.87 0.87 17.26
CA LEU A 443 16.34 -0.49 17.23
C LEU A 443 15.50 -0.68 15.97
N GLU A 444 14.55 0.23 15.74
CA GLU A 444 13.69 0.16 14.55
C GLU A 444 14.48 0.38 13.27
N MET A 445 15.60 1.11 13.37
CA MET A 445 16.49 1.30 12.23
C MET A 445 16.98 -0.04 11.67
N ALA A 446 17.33 -0.96 12.56
CA ALA A 446 17.75 -2.31 12.16
C ALA A 446 16.55 -3.24 11.95
N GLU A 447 15.67 -3.30 12.94
CA GLU A 447 14.54 -4.23 12.97
C GLU A 447 13.56 -4.03 11.83
N ASN A 448 13.26 -2.76 11.53
CA ASN A 448 12.29 -2.42 10.50
C ASN A 448 12.94 -1.99 9.20
N ASN A 449 13.74 -0.93 9.27
CA ASN A 449 14.20 -0.25 8.06
C ASN A 449 15.35 -0.93 7.32
N LEU A 450 16.28 -1.52 8.07
CA LEU A 450 17.33 -2.35 7.48
C LEU A 450 16.73 -3.65 6.93
N ALA A 451 15.83 -4.26 7.68
CA ALA A 451 15.16 -5.47 7.22
C ALA A 451 14.37 -5.22 5.91
N LYS A 452 13.59 -4.12 5.86
CA LYS A 452 12.84 -3.78 4.63
C LYS A 452 13.75 -3.45 3.46
N MET A 453 14.89 -2.81 3.73
CA MET A 453 15.92 -2.56 2.71
C MET A 453 16.36 -3.87 2.05
N HIS A 454 16.73 -4.85 2.86
CA HIS A 454 17.09 -6.17 2.34
C HIS A 454 15.95 -6.81 1.56
N VAL A 455 14.73 -6.75 2.10
CA VAL A 455 13.55 -7.30 1.41
C VAL A 455 13.38 -6.66 0.03
N GLY A 456 13.54 -5.35 -0.05
CA GLY A 456 13.45 -4.60 -1.31
C GLY A 456 14.49 -5.07 -2.32
N LEU A 457 15.72 -5.22 -1.85
CA LEU A 457 16.82 -5.75 -2.67
C LEU A 457 16.55 -7.18 -3.12
N ALA A 458 16.19 -8.05 -2.18
CA ALA A 458 15.92 -9.45 -2.49
C ALA A 458 14.79 -9.63 -3.50
N HIS A 459 13.78 -8.77 -3.45
CA HIS A 459 12.59 -8.93 -4.28
C HIS A 459 12.46 -7.91 -5.43
N VAL A 460 13.56 -7.18 -5.69
CA VAL A 460 13.76 -6.39 -6.91
C VAL A 460 12.81 -5.18 -7.04
N ASN A 461 12.51 -4.54 -5.92
CA ASN A 461 11.76 -3.29 -5.95
C ASN A 461 12.69 -2.12 -5.65
N PRO A 462 13.18 -1.43 -6.71
CA PRO A 462 14.21 -0.40 -6.60
C PRO A 462 13.90 0.70 -5.57
N GLY A 463 12.64 1.15 -5.51
CA GLY A 463 12.23 2.16 -4.54
C GLY A 463 12.28 1.65 -3.11
N GLY A 464 12.20 0.33 -2.94
CA GLY A 464 12.16 -0.31 -1.63
C GLY A 464 13.49 -0.46 -0.92
N TRP A 465 14.58 -0.07 -1.58
CA TRP A 465 15.86 0.01 -0.89
C TRP A 465 16.52 1.37 -1.01
N THR A 466 15.87 2.28 -1.74
CA THR A 466 16.42 3.62 -1.99
C THR A 466 15.60 4.74 -1.33
N TYR A 467 14.65 5.31 -2.07
CA TYR A 467 13.89 6.48 -1.62
C TYR A 467 12.87 6.17 -0.54
N THR A 468 12.08 5.12 -0.76
CA THR A 468 10.84 4.92 -0.01
C THR A 468 11.01 4.00 1.20
N GLU A 469 11.65 2.87 1.01
CA GLU A 469 12.03 2.00 2.14
C GLU A 469 13.53 1.81 2.14
N GLY A 470 14.07 1.40 3.27
CA GLY A 470 15.49 1.11 3.40
C GLY A 470 16.33 2.35 3.55
N TRP A 471 17.03 2.73 2.48
CA TRP A 471 18.05 3.79 2.55
C TRP A 471 17.53 5.13 3.07
N GLY A 472 16.41 5.59 2.53
CA GLY A 472 15.78 6.86 2.91
C GLY A 472 15.41 6.95 4.39
N PRO A 473 14.58 6.00 4.88
CA PRO A 473 14.25 5.93 6.31
C PRO A 473 15.46 5.70 7.23
N MET A 474 16.43 4.91 6.78
CA MET A 474 17.66 4.72 7.55
C MET A 474 18.48 6.01 7.64
N ASN A 475 18.56 6.74 6.52
CA ASN A 475 19.19 8.06 6.49
C ASN A 475 18.57 9.03 7.50
N ARG A 476 17.23 9.06 7.55
CA ARG A 476 16.51 9.90 8.51
C ARG A 476 16.83 9.51 9.96
N ALA A 477 16.77 8.21 10.23
CA ALA A 477 17.13 7.70 11.56
C ALA A 477 18.55 8.13 11.95
N TYR A 478 19.50 7.92 11.04
CA TYR A 478 20.89 8.31 11.26
C TYR A 478 21.02 9.80 11.56
N VAL A 479 20.35 10.62 10.74
CA VAL A 479 20.37 12.07 10.91
C VAL A 479 19.80 12.49 12.27
N GLU A 480 18.66 11.91 12.63
CA GLU A 480 17.97 12.27 13.87
C GLU A 480 18.70 11.79 15.11
N ILE A 481 19.34 10.62 15.00
CA ILE A 481 20.19 10.09 16.06
C ILE A 481 21.38 11.01 16.31
N GLN A 482 22.04 11.44 15.23
CA GLN A 482 23.18 12.35 15.32
C GLN A 482 22.78 13.69 15.91
N ASP A 483 21.63 14.17 15.50
CA ASP A 483 21.11 15.46 15.93
C ASP A 483 20.81 15.46 17.43
N GLU A 484 20.08 14.46 17.90
CA GLU A 484 19.77 14.33 19.33
C GLU A 484 21.03 14.12 20.16
N TYR A 485 21.98 13.35 19.63
CA TYR A 485 23.25 13.09 20.30
C TYR A 485 23.99 14.40 20.56
N THR A 486 24.07 15.24 19.52
CA THR A 486 24.71 16.55 19.60
C THR A 486 23.97 17.48 20.57
N LYS A 487 22.64 17.54 20.45
CA LYS A 487 21.81 18.37 21.35
C LYS A 487 22.00 17.99 22.81
N MET A 488 22.05 16.68 23.09
CA MET A 488 22.24 16.18 24.45
C MET A 488 23.66 16.43 24.97
N GLN A 489 24.64 16.36 24.07
CA GLN A 489 26.03 16.68 24.42
C GLN A 489 26.19 18.11 24.93
N GLU A 490 25.61 19.05 24.20
CA GLU A 490 25.74 20.47 24.57
C GLU A 490 24.81 20.86 25.73
N LEU A 491 23.76 20.08 25.94
CA LEU A 491 22.90 20.29 27.10
C LEU A 491 23.59 19.86 28.40
N SER A 492 24.32 18.75 28.34
CA SER A 492 25.10 18.30 29.49
C SER A 492 26.31 19.21 29.72
N ALA A 493 26.84 19.78 28.64
CA ALA A 493 27.91 20.79 28.73
C ALA A 493 27.41 22.04 29.44
N LEU A 494 26.19 22.48 29.10
CA LEU A 494 25.56 23.62 29.75
C LEU A 494 25.28 23.36 31.23
N GLN A 495 24.82 22.14 31.53
CA GLN A 495 24.54 21.70 32.90
C GLN A 495 25.82 21.67 33.75
N ALA A 496 26.92 21.24 33.14
CA ALA A 496 28.23 21.22 33.79
C ALA A 496 28.70 22.63 34.15
N ARG A 497 28.42 23.59 33.27
CA ARG A 497 28.73 25.00 33.51
C ARG A 497 27.89 25.59 34.64
N VAL A 498 26.65 25.12 34.77
CA VAL A 498 25.77 25.51 35.86
C VAL A 498 26.26 24.92 37.18
N ASN A 499 26.72 23.67 37.13
CA ASN A 499 27.36 23.01 38.28
C ASN A 499 28.56 23.81 38.81
N LYS A 500 29.34 24.38 37.90
CA LYS A 500 30.49 25.21 38.25
C LYS A 500 30.07 26.52 38.91
N LEU A 501 28.98 27.11 38.41
CA LEU A 501 28.43 28.34 38.97
C LEU A 501 27.78 28.13 40.34
N GLU A 502 27.53 26.86 40.68
CA GLU A 502 26.98 26.50 41.98
C GLU A 502 28.07 26.19 43.00
N GLY A 503 29.30 26.01 42.51
CA GLY A 503 30.47 25.83 43.36
C GLY A 503 30.77 27.04 44.21
N LYS A 504 30.43 28.22 43.66
CA LYS A 504 30.50 29.52 44.35
C LYS A 504 31.76 29.77 45.17
N SER B 2 30.97 -20.41 16.79
CA SER B 2 30.52 -18.99 16.65
C SER B 2 31.57 -18.15 15.91
N LEU B 3 31.10 -17.42 14.90
CA LEU B 3 31.95 -16.53 14.10
C LEU B 3 32.36 -15.28 14.87
N ALA B 4 33.65 -14.95 14.82
CA ALA B 4 34.15 -13.69 15.37
C ALA B 4 33.55 -12.52 14.57
N PRO B 5 33.16 -11.43 15.27
CA PRO B 5 32.47 -10.31 14.63
C PRO B 5 33.33 -9.56 13.61
N ILE B 6 32.79 -9.39 12.40
CA ILE B 6 33.38 -8.54 11.38
C ILE B 6 32.32 -7.51 10.97
N SER B 7 32.67 -6.24 11.03
CA SER B 7 31.75 -5.16 10.67
C SER B 7 31.38 -5.19 9.18
N ALA B 8 30.22 -4.62 8.85
CA ALA B 8 29.71 -4.61 7.48
C ALA B 8 30.65 -3.90 6.50
N LYS B 9 31.20 -2.75 6.90
CA LYS B 9 32.16 -2.02 6.07
C LYS B 9 33.41 -2.85 5.78
N ASP B 10 33.90 -3.56 6.79
CA ASP B 10 35.03 -4.47 6.64
C ASP B 10 34.71 -5.64 5.72
N MET B 11 33.48 -6.15 5.81
CA MET B 11 32.99 -7.18 4.89
C MET B 11 32.96 -6.71 3.43
N LEU B 12 32.44 -5.50 3.21
CA LEU B 12 32.42 -4.88 1.88
C LEU B 12 33.82 -4.73 1.29
N ASP B 13 34.74 -4.19 2.09
CA ASP B 13 36.13 -4.00 1.68
C ASP B 13 36.83 -5.32 1.36
N TYR B 14 36.49 -6.37 2.12
CA TYR B 14 37.00 -7.72 1.87
C TYR B 14 36.49 -8.25 0.53
N LEU B 15 35.18 -8.12 0.29
CA LEU B 15 34.55 -8.45 -1.00
C LEU B 15 35.19 -7.72 -2.17
N ALA B 16 35.47 -6.43 -1.98
CA ALA B 16 36.07 -5.57 -3.01
C ALA B 16 37.50 -5.98 -3.34
N CYS B 17 38.16 -6.63 -2.39
CA CYS B 17 39.57 -7.00 -2.52
C CYS B 17 39.83 -8.42 -3.00
N LYS B 18 38.76 -9.15 -3.32
CA LYS B 18 38.89 -10.51 -3.85
C LYS B 18 39.41 -10.53 -5.28
N ASP B 19 40.30 -11.48 -5.55
CA ASP B 19 41.01 -11.61 -6.83
C ASP B 19 41.92 -10.41 -7.13
N LYS B 20 42.42 -9.76 -6.07
CA LYS B 20 43.33 -8.63 -6.21
C LYS B 20 44.59 -8.80 -5.36
N LYS B 21 45.61 -7.98 -5.66
CA LYS B 21 46.89 -8.06 -4.97
C LYS B 21 46.83 -7.35 -3.61
N PRO B 22 47.69 -7.77 -2.66
CA PRO B 22 47.76 -7.11 -1.34
C PRO B 22 48.10 -5.62 -1.41
N THR B 23 48.83 -5.20 -2.44
CA THR B 23 49.22 -3.79 -2.59
C THR B 23 48.14 -2.94 -3.27
N ASP B 24 47.20 -3.59 -3.94
CA ASP B 24 46.10 -2.90 -4.62
C ASP B 24 45.23 -2.11 -3.65
N VAL B 25 44.77 -0.94 -4.09
CA VAL B 25 43.90 -0.09 -3.28
C VAL B 25 42.49 0.00 -3.91
N VAL B 26 41.47 -0.17 -3.08
CA VAL B 26 40.08 -0.08 -3.50
C VAL B 26 39.34 1.06 -2.80
N LYS B 27 38.21 1.47 -3.37
CA LYS B 27 37.32 2.42 -2.72
C LYS B 27 36.50 1.72 -1.64
N SER B 28 36.19 2.47 -0.57
CA SER B 28 35.23 2.05 0.43
C SER B 28 33.83 2.05 -0.19
N HIS B 29 32.96 1.17 0.30
CA HIS B 29 31.56 1.17 -0.12
C HIS B 29 30.69 2.00 0.82
N THR B 30 31.26 2.47 1.92
CA THR B 30 30.46 3.03 3.00
C THR B 30 31.01 4.32 3.62
N GLU B 31 32.31 4.54 3.51
CA GLU B 31 32.99 5.60 4.25
C GLU B 31 33.38 6.81 3.42
N VAL B 32 33.04 7.99 3.94
CA VAL B 32 33.50 9.26 3.41
C VAL B 32 34.19 10.02 4.54
N GLU B 33 35.41 10.50 4.27
CA GLU B 33 36.16 11.34 5.21
C GLU B 33 36.83 12.47 4.42
N ASN B 34 36.80 13.68 4.98
CA ASN B 34 37.40 14.87 4.38
C ASN B 34 36.92 15.13 2.94
N GLY B 35 35.64 14.86 2.70
CA GLY B 35 35.00 15.14 1.42
C GLY B 35 35.28 14.13 0.31
N LYS B 36 35.85 12.98 0.68
CA LYS B 36 36.24 11.96 -0.28
C LYS B 36 35.94 10.55 0.23
N ILE B 37 35.60 9.65 -0.70
CA ILE B 37 35.46 8.23 -0.37
C ILE B 37 36.80 7.70 0.13
N VAL B 38 36.80 7.06 1.29
CA VAL B 38 38.00 6.49 1.90
C VAL B 38 38.58 5.40 1.01
N ARG B 39 39.91 5.41 0.87
CA ARG B 39 40.62 4.37 0.14
C ARG B 39 41.21 3.35 1.12
N VAL B 40 41.15 2.08 0.73
CA VAL B 40 41.64 0.99 1.58
C VAL B 40 42.61 0.08 0.82
N LYS B 41 43.75 -0.21 1.46
CA LYS B 41 44.70 -1.16 0.91
C LYS B 41 44.23 -2.58 1.19
N CYS B 42 44.21 -3.42 0.16
CA CYS B 42 43.71 -4.78 0.25
C CYS B 42 44.44 -5.66 1.26
N GLY B 43 45.75 -5.41 1.42
CA GLY B 43 46.56 -6.12 2.41
C GLY B 43 46.06 -5.97 3.83
N ASP B 44 45.65 -4.74 4.18
CA ASP B 44 45.15 -4.43 5.52
C ASP B 44 43.82 -5.13 5.84
N ILE B 45 42.87 -5.06 4.92
CA ILE B 45 41.55 -5.67 5.14
C ILE B 45 41.62 -7.20 5.15
N VAL B 46 42.42 -7.78 4.26
CA VAL B 46 42.64 -9.23 4.24
C VAL B 46 43.22 -9.70 5.58
N ALA B 47 44.25 -9.01 6.05
CA ALA B 47 44.90 -9.32 7.32
C ALA B 47 43.93 -9.28 8.51
N LEU B 48 43.13 -8.21 8.60
CA LEU B 48 42.14 -8.05 9.66
C LEU B 48 41.10 -9.17 9.66
N VAL B 49 40.66 -9.55 8.46
CA VAL B 49 39.73 -10.67 8.31
C VAL B 49 40.38 -12.00 8.71
N GLN B 50 41.65 -12.17 8.32
CA GLN B 50 42.40 -13.40 8.61
C GLN B 50 42.61 -13.65 10.10
N LYS B 51 42.84 -12.59 10.87
CA LYS B 51 43.01 -12.70 12.32
C LYS B 51 41.67 -12.91 13.04
N ALA B 52 40.57 -12.79 12.29
CA ALA B 52 39.23 -13.05 12.81
C ALA B 52 38.76 -14.47 12.50
N ARG B 53 39.19 -15.02 11.36
CA ARG B 53 38.91 -16.41 10.98
C ARG B 53 39.70 -17.39 11.85
N GLU B 54 40.86 -16.92 12.33
CA GLU B 54 41.71 -17.70 13.24
C GLU B 54 41.12 -17.76 14.65
N GLN B 55 40.31 -16.76 14.99
CA GLN B 55 39.67 -16.70 16.31
C GLN B 55 38.22 -17.19 16.27
N SER B 56 37.79 -17.68 15.10
CA SER B 56 36.46 -18.26 14.93
C SER B 56 36.47 -19.76 15.18
N GLY B 57 35.38 -20.27 15.76
CA GLY B 57 35.24 -21.69 16.06
C GLY B 57 35.05 -22.55 14.81
N ASP C 1 -46.23 0.10 1.03
CA ASP C 1 -45.20 -0.27 2.03
C ASP C 1 -43.92 -0.78 1.35
N ILE C 2 -42.79 -0.41 1.92
CA ILE C 2 -41.49 -0.95 1.51
C ILE C 2 -41.01 -1.89 2.61
N SER C 3 -40.92 -3.18 2.28
CA SER C 3 -40.65 -4.24 3.26
C SER C 3 -39.33 -4.09 4.03
N THR C 4 -38.32 -3.52 3.37
CA THR C 4 -36.97 -3.40 3.94
C THR C 4 -36.70 -2.08 4.66
N VAL C 5 -37.73 -1.25 4.81
CA VAL C 5 -37.62 0.00 5.56
C VAL C 5 -38.16 -0.21 6.99
N PRO C 6 -37.37 0.16 8.02
CA PRO C 6 -37.76 -0.05 9.42
C PRO C 6 -38.96 0.80 9.87
N ASP C 7 -39.61 0.37 10.95
CA ASP C 7 -40.76 1.05 11.52
C ASP C 7 -40.47 2.49 11.94
N GLU C 8 -39.31 2.70 12.54
CA GLU C 8 -38.92 4.01 13.08
C GLU C 8 -38.81 5.12 12.03
N THR C 9 -38.61 4.74 10.76
CA THR C 9 -38.59 5.69 9.66
C THR C 9 -40.01 6.21 9.36
N TYR C 10 -40.95 5.29 9.20
CA TYR C 10 -42.36 5.63 8.97
C TYR C 10 -42.92 6.49 10.09
N ASP C 11 -42.58 6.14 11.32
CA ASP C 11 -42.96 6.92 12.51
C ASP C 11 -42.38 8.33 12.49
N ALA C 12 -41.11 8.45 12.09
CA ALA C 12 -40.42 9.75 12.02
C ALA C 12 -40.96 10.65 10.91
N LEU C 13 -41.55 10.05 9.89
CA LEU C 13 -42.13 10.78 8.77
C LEU C 13 -43.64 11.00 8.94
N LYS C 14 -44.21 10.50 10.03
CA LYS C 14 -45.65 10.55 10.33
C LYS C 14 -46.45 9.80 9.26
N LEU C 15 -46.07 8.55 9.01
CA LEU C 15 -46.73 7.72 8.01
C LEU C 15 -47.19 6.40 8.59
N ASP C 16 -48.30 5.90 8.05
CA ASP C 16 -48.85 4.59 8.42
C ASP C 16 -48.41 3.57 7.38
N ARG C 17 -47.63 2.58 7.81
CA ARG C 17 -47.06 1.54 6.93
C ARG C 17 -48.06 0.92 5.96
N GLY C 18 -49.18 0.43 6.50
CA GLY C 18 -50.17 -0.32 5.71
C GLY C 18 -51.06 0.55 4.85
N LYS C 19 -50.81 1.86 4.87
CA LYS C 19 -51.66 2.83 4.19
C LYS C 19 -50.87 3.70 3.19
N ALA C 20 -49.64 4.04 3.55
CA ALA C 20 -48.82 4.99 2.77
C ALA C 20 -48.44 4.46 1.39
N THR C 21 -48.60 5.31 0.38
CA THR C 21 -48.27 4.96 -1.00
C THR C 21 -46.83 5.34 -1.32
N PRO C 22 -46.27 4.81 -2.45
CA PRO C 22 -44.95 5.23 -2.90
C PRO C 22 -44.80 6.75 -3.06
N LYS C 23 -45.81 7.38 -3.67
CA LYS C 23 -45.84 8.84 -3.85
C LYS C 23 -45.76 9.56 -2.50
N GLU C 24 -46.57 9.12 -1.54
CA GLU C 24 -46.59 9.74 -0.21
C GLU C 24 -45.29 9.52 0.55
N THR C 25 -44.74 8.32 0.44
CA THR C 25 -43.49 7.96 1.11
C THR C 25 -42.32 8.77 0.55
N TYR C 26 -42.25 8.87 -0.78
CA TYR C 26 -41.22 9.67 -1.46
C TYR C 26 -41.26 11.14 -1.02
N GLU C 27 -42.44 11.75 -1.10
CA GLU C 27 -42.61 13.17 -0.78
C GLU C 27 -42.23 13.52 0.65
N ALA C 28 -42.55 12.64 1.60
CA ALA C 28 -42.20 12.83 3.00
C ALA C 28 -40.69 12.69 3.22
N LEU C 29 -40.11 11.65 2.61
CA LEU C 29 -38.66 11.42 2.61
C LEU C 29 -37.91 12.65 2.10
N VAL C 30 -38.36 13.19 0.97
CA VAL C 30 -37.72 14.34 0.32
C VAL C 30 -37.92 15.63 1.13
N LYS C 31 -39.10 15.79 1.71
CA LYS C 31 -39.42 16.93 2.58
C LYS C 31 -38.42 17.05 3.73
N ARG C 32 -38.07 15.92 4.35
CA ARG C 32 -37.02 15.88 5.36
C ARG C 32 -35.63 16.05 4.72
N TYR C 33 -35.43 15.39 3.59
CA TYR C 33 -34.15 15.37 2.87
C TYR C 33 -33.64 16.76 2.47
N LYS C 34 -34.56 17.62 2.03
CA LYS C 34 -34.21 18.97 1.55
C LYS C 34 -34.35 20.04 2.62
N ASP C 35 -34.71 19.63 3.84
CA ASP C 35 -34.90 20.55 4.94
C ASP C 35 -33.56 20.93 5.59
N PRO C 36 -33.25 22.24 5.64
CA PRO C 36 -32.02 22.72 6.28
C PRO C 36 -31.88 22.28 7.74
N ALA C 37 -33.01 22.23 8.45
CA ALA C 37 -33.05 21.79 9.85
C ALA C 37 -32.59 20.33 10.00
N HIS C 38 -32.79 19.54 8.95
CA HIS C 38 -32.38 18.13 8.93
C HIS C 38 -31.03 17.91 8.22
N GLY C 39 -30.34 19.00 7.89
CA GLY C 39 -28.96 18.93 7.43
C GLY C 39 -28.64 19.48 6.05
N ALA C 40 -29.68 19.81 5.27
CA ALA C 40 -29.51 20.34 3.92
C ALA C 40 -28.97 21.77 3.90
N GLY C 41 -28.47 22.21 2.74
CA GLY C 41 -27.94 23.56 2.57
C GLY C 41 -26.50 23.74 3.01
N LYS C 42 -26.14 24.97 3.38
CA LYS C 42 -24.75 25.32 3.73
C LYS C 42 -24.40 25.04 5.19
N GLY C 43 -25.43 24.81 6.02
CA GLY C 43 -25.23 24.50 7.43
C GLY C 43 -25.08 25.69 8.33
N THR C 44 -24.75 25.43 9.59
CA THR C 44 -24.70 26.46 10.65
C THR C 44 -23.53 27.43 10.51
N MET C 45 -22.52 27.06 9.72
CA MET C 45 -21.33 27.89 9.54
C MET C 45 -21.15 28.39 8.11
N GLY C 46 -22.26 28.47 7.37
CA GLY C 46 -22.27 28.91 5.98
C GLY C 46 -21.79 30.33 5.70
N ASP C 47 -21.75 31.17 6.74
CA ASP C 47 -21.26 32.53 6.61
C ASP C 47 -19.74 32.61 6.62
N TYR C 48 -19.11 31.51 6.97
CA TYR C 48 -17.66 31.46 7.09
C TYR C 48 -16.97 30.93 5.84
N TRP C 49 -17.72 30.31 4.94
CA TRP C 49 -17.18 29.70 3.73
C TRP C 49 -18.03 29.94 2.49
N GLU C 50 -17.38 29.89 1.33
CA GLU C 50 -18.03 30.07 0.04
C GLU C 50 -17.70 28.87 -0.86
N PRO C 51 -18.62 28.51 -1.77
CA PRO C 51 -18.37 27.43 -2.71
C PRO C 51 -17.21 27.73 -3.65
N ILE C 52 -16.55 26.68 -4.14
CA ILE C 52 -15.61 26.83 -5.24
C ILE C 52 -16.21 26.20 -6.49
N ALA C 53 -15.49 26.18 -7.60
CA ALA C 53 -16.06 25.75 -8.88
C ALA C 53 -16.63 24.32 -8.84
N ILE C 54 -15.88 23.41 -8.23
CA ILE C 54 -16.29 22.00 -8.14
C ILE C 54 -17.52 21.79 -7.23
N SER C 55 -17.74 22.72 -6.29
CA SER C 55 -18.85 22.62 -5.32
C SER C 55 -20.23 22.44 -5.94
N ILE C 56 -20.39 22.86 -7.20
CA ILE C 56 -21.69 22.73 -7.89
C ILE C 56 -22.04 21.26 -8.18
N TYR C 57 -21.01 20.41 -8.25
CA TYR C 57 -21.21 18.97 -8.43
C TYR C 57 -21.25 18.24 -7.09
N MET C 58 -20.67 18.86 -6.06
CA MET C 58 -20.60 18.25 -4.73
C MET C 58 -21.90 18.43 -3.96
N ASP C 59 -22.44 19.65 -3.98
CA ASP C 59 -23.76 19.93 -3.42
C ASP C 59 -24.64 20.62 -4.46
N PRO C 60 -25.19 19.84 -5.42
CA PRO C 60 -25.99 20.42 -6.51
C PRO C 60 -27.27 21.14 -6.07
N ASN C 61 -27.95 20.64 -5.04
CA ASN C 61 -29.18 21.27 -4.58
C ASN C 61 -28.99 22.68 -4.03
N THR C 62 -27.81 22.93 -3.46
CA THR C 62 -27.48 24.27 -2.95
C THR C 62 -26.83 25.14 -4.03
N PHE C 63 -25.97 24.56 -4.85
CA PHE C 63 -25.07 25.36 -5.69
C PHE C 63 -25.22 25.26 -7.20
N TYR C 64 -25.89 24.22 -7.70
CA TYR C 64 -25.91 24.01 -9.15
C TYR C 64 -26.88 24.88 -9.93
N LYS C 65 -26.37 25.45 -11.02
CA LYS C 65 -27.16 26.07 -12.06
C LYS C 65 -26.54 25.65 -13.40
N PRO C 66 -27.38 25.31 -14.39
CA PRO C 66 -26.90 24.87 -15.71
C PRO C 66 -25.99 25.92 -16.39
N PRO C 67 -25.17 25.48 -17.35
CA PRO C 67 -24.23 26.42 -17.98
C PRO C 67 -24.91 27.40 -18.93
N VAL C 68 -24.35 28.60 -19.05
CA VAL C 68 -24.88 29.65 -19.92
C VAL C 68 -24.75 29.29 -21.41
N SER C 69 -23.94 28.27 -21.69
CA SER C 69 -23.66 27.81 -23.04
C SER C 69 -23.51 26.28 -23.02
N PRO C 70 -24.08 25.58 -24.01
CA PRO C 70 -24.74 26.08 -25.22
C PRO C 70 -26.20 26.49 -25.01
N LYS C 71 -26.63 27.48 -25.79
CA LYS C 71 -28.01 27.93 -25.79
C LYS C 71 -28.77 27.00 -26.74
N GLU C 72 -29.29 25.90 -26.18
CA GLU C 72 -29.90 24.84 -26.97
C GLU C 72 -31.22 24.37 -26.36
N VAL C 73 -32.24 24.27 -27.21
CA VAL C 73 -33.48 23.59 -26.85
C VAL C 73 -33.43 22.20 -27.49
N ALA C 74 -33.58 21.16 -26.67
CA ALA C 74 -33.29 19.80 -27.11
C ALA C 74 -34.32 18.76 -26.70
N GLU C 75 -34.51 17.76 -27.56
CA GLU C 75 -35.33 16.60 -27.25
C GLU C 75 -34.46 15.44 -26.77
N ARG C 76 -35.11 14.38 -26.28
CA ARG C 76 -34.45 13.16 -25.79
C ARG C 76 -33.33 12.66 -26.71
N LYS C 77 -33.61 12.56 -28.00
CA LYS C 77 -32.66 12.05 -28.99
C LYS C 77 -31.46 12.98 -29.19
N ASP C 78 -31.70 14.29 -29.06
CA ASP C 78 -30.66 15.30 -29.24
C ASP C 78 -29.56 15.21 -28.18
N CYS C 79 -29.96 14.90 -26.94
CA CYS C 79 -29.03 14.65 -25.84
C CYS C 79 -27.97 13.64 -26.26
N VAL C 80 -28.43 12.48 -26.73
CA VAL C 80 -27.58 11.36 -27.13
C VAL C 80 -26.69 11.70 -28.33
N GLU C 81 -27.27 12.35 -29.34
CA GLU C 81 -26.59 12.62 -30.60
C GLU C 81 -25.44 13.63 -30.48
N CYS C 82 -25.72 14.77 -29.84
CA CYS C 82 -24.71 15.82 -29.68
C CYS C 82 -23.62 15.42 -28.68
N HIS C 83 -24.02 14.81 -27.56
CA HIS C 83 -23.05 14.37 -26.55
C HIS C 83 -22.24 13.15 -27.01
N SER C 84 -22.65 12.53 -28.13
CA SER C 84 -21.83 11.51 -28.79
C SER C 84 -20.52 12.12 -29.28
N ASP C 85 -20.55 13.43 -29.55
CA ASP C 85 -19.36 14.21 -29.90
C ASP C 85 -18.76 14.92 -28.69
N GLU C 86 -19.62 15.48 -27.85
CA GLU C 86 -19.18 16.35 -26.74
C GLU C 86 -18.60 15.60 -25.55
N THR C 87 -19.32 14.57 -25.10
CA THR C 87 -18.84 13.69 -24.04
C THR C 87 -19.02 12.24 -24.51
N PRO C 88 -18.19 11.79 -25.48
CA PRO C 88 -18.46 10.52 -26.17
C PRO C 88 -18.56 9.30 -25.25
N VAL C 89 -17.68 9.21 -24.26
CA VAL C 89 -17.63 8.05 -23.37
C VAL C 89 -18.84 7.97 -22.43
N TRP C 90 -19.37 9.12 -22.01
CA TRP C 90 -20.61 9.13 -21.22
C TRP C 90 -21.75 8.43 -21.98
N VAL C 91 -21.79 8.65 -23.30
CA VAL C 91 -22.82 8.03 -24.17
C VAL C 91 -22.59 6.52 -24.30
N ARG C 92 -21.34 6.11 -24.50
CA ARG C 92 -21.00 4.70 -24.66
C ARG C 92 -21.20 3.93 -23.35
N ALA C 93 -20.83 4.55 -22.23
CA ALA C 93 -21.05 3.94 -20.92
C ALA C 93 -22.55 3.77 -20.64
N TRP C 94 -23.33 4.81 -20.93
CA TRP C 94 -24.78 4.77 -20.76
C TRP C 94 -25.43 3.73 -21.67
N LYS C 95 -25.00 3.68 -22.93
CA LYS C 95 -25.57 2.77 -23.93
C LYS C 95 -25.42 1.30 -23.53
N ARG C 96 -24.32 0.96 -22.87
CA ARG C 96 -24.12 -0.41 -22.39
C ARG C 96 -24.68 -0.66 -20.98
N SER C 97 -25.26 0.38 -20.37
CA SER C 97 -25.85 0.24 -19.04
C SER C 97 -27.28 -0.33 -19.10
N THR C 98 -27.67 -0.98 -18.00
CA THR C 98 -29.02 -1.47 -17.80
C THR C 98 -30.08 -0.38 -18.05
N HIS C 99 -29.81 0.83 -17.55
CA HIS C 99 -30.68 1.99 -17.75
C HIS C 99 -31.09 2.22 -19.21
N ALA C 100 -30.19 1.89 -20.14
CA ALA C 100 -30.45 2.06 -21.56
C ALA C 100 -30.97 0.79 -22.25
N ASN C 101 -31.01 -0.32 -21.52
CA ASN C 101 -31.44 -1.60 -22.07
C ASN C 101 -32.53 -2.28 -21.23
N LEU C 102 -33.61 -1.55 -20.97
CA LEU C 102 -34.70 -2.03 -20.11
C LEU C 102 -35.48 -3.23 -20.67
N ASP C 103 -35.58 -3.32 -22.00
CA ASP C 103 -36.25 -4.45 -22.64
C ASP C 103 -35.51 -5.76 -22.43
N LYS C 104 -34.19 -5.68 -22.24
CA LYS C 104 -33.38 -6.85 -21.91
C LYS C 104 -33.74 -7.37 -20.52
N ILE C 105 -33.98 -6.45 -19.59
CA ILE C 105 -34.44 -6.77 -18.24
C ILE C 105 -35.85 -7.38 -18.26
N ARG C 106 -36.71 -6.87 -19.15
CA ARG C 106 -38.07 -7.43 -19.33
C ARG C 106 -38.05 -8.85 -19.90
N ASN C 107 -37.00 -9.18 -20.66
CA ASN C 107 -36.88 -10.49 -21.30
C ASN C 107 -36.23 -11.57 -20.43
N LEU C 108 -35.73 -11.18 -19.26
CA LEU C 108 -35.11 -12.12 -18.33
C LEU C 108 -36.05 -13.28 -17.99
N LYS C 109 -35.55 -14.50 -18.11
CA LYS C 109 -36.32 -15.69 -17.80
C LYS C 109 -36.02 -16.16 -16.38
N SER C 110 -36.93 -16.97 -15.82
CA SER C 110 -36.89 -17.35 -14.40
C SER C 110 -35.73 -18.26 -14.01
N ASP C 111 -35.03 -18.80 -15.01
CA ASP C 111 -33.83 -19.60 -14.78
C ASP C 111 -32.54 -18.77 -14.92
N ASP C 112 -32.68 -17.46 -15.10
CA ASP C 112 -31.55 -16.53 -15.14
C ASP C 112 -31.31 -16.03 -13.71
N PRO C 113 -30.08 -16.17 -13.20
CA PRO C 113 -29.74 -15.69 -11.85
C PRO C 113 -29.98 -14.19 -11.65
N LEU C 114 -30.12 -13.46 -12.75
CA LEU C 114 -30.35 -12.01 -12.69
C LEU C 114 -31.84 -11.64 -12.71
N TYR C 115 -32.69 -12.68 -12.72
CA TYR C 115 -34.15 -12.54 -12.79
C TYR C 115 -34.74 -11.50 -11.85
N TYR C 116 -34.12 -11.32 -10.68
CA TYR C 116 -34.59 -10.37 -9.67
C TYR C 116 -34.69 -8.94 -10.22
N LYS C 117 -33.88 -8.63 -11.24
CA LYS C 117 -33.87 -7.30 -11.86
C LYS C 117 -35.20 -6.95 -12.54
N LYS C 118 -35.83 -7.97 -13.14
CA LYS C 118 -37.14 -7.82 -13.76
C LYS C 118 -38.17 -7.31 -12.75
N GLY C 119 -38.19 -7.91 -11.57
CA GLY C 119 -39.06 -7.49 -10.48
C GLY C 119 -38.71 -6.12 -9.92
N LYS C 120 -37.42 -5.77 -9.97
CA LYS C 120 -36.96 -4.45 -9.54
C LYS C 120 -37.40 -3.36 -10.52
N LEU C 121 -37.37 -3.68 -11.81
CA LEU C 121 -37.89 -2.79 -12.85
C LEU C 121 -39.39 -2.52 -12.63
N GLU C 122 -40.15 -3.57 -12.37
CA GLU C 122 -41.60 -3.48 -12.17
C GLU C 122 -41.94 -2.64 -10.93
N GLU C 123 -41.14 -2.80 -9.87
CA GLU C 123 -41.29 -1.98 -8.67
C GLU C 123 -41.01 -0.50 -8.98
N VAL C 124 -40.01 -0.25 -9.82
CA VAL C 124 -39.73 1.12 -10.29
C VAL C 124 -40.94 1.70 -11.02
N GLU C 125 -41.54 0.91 -11.92
CA GLU C 125 -42.73 1.33 -12.66
C GLU C 125 -43.91 1.59 -11.74
N ASN C 126 -44.12 0.70 -10.76
CA ASN C 126 -45.13 0.90 -9.72
C ASN C 126 -44.96 2.24 -9.00
N ASN C 127 -43.72 2.57 -8.62
CA ASN C 127 -43.39 3.85 -7.99
C ASN C 127 -43.77 5.06 -8.84
N LEU C 128 -43.37 5.01 -10.12
CA LEU C 128 -43.60 6.12 -11.05
C LEU C 128 -45.08 6.33 -11.37
N ARG C 129 -45.80 5.22 -11.53
CA ARG C 129 -47.24 5.24 -11.78
C ARG C 129 -47.99 5.85 -10.60
N SER C 130 -47.60 5.46 -9.38
CA SER C 130 -48.12 6.06 -8.16
C SER C 130 -47.86 7.56 -8.10
N MET C 131 -46.74 8.00 -8.67
CA MET C 131 -46.37 9.42 -8.68
C MET C 131 -46.95 10.18 -9.86
N GLY C 132 -47.51 9.46 -10.83
CA GLY C 132 -48.09 10.08 -12.01
C GLY C 132 -47.07 10.48 -13.07
N LYS C 133 -45.92 9.80 -13.06
CA LYS C 133 -44.86 10.06 -14.05
C LYS C 133 -44.94 9.05 -15.19
N LEU C 134 -45.68 7.97 -14.96
CA LEU C 134 -45.82 6.88 -15.90
C LEU C 134 -47.28 6.43 -15.94
N GLY C 135 -47.76 6.11 -17.13
CA GLY C 135 -49.11 5.56 -17.30
C GLY C 135 -49.20 4.17 -16.67
N GLU C 136 -50.38 3.83 -16.16
CA GLU C 136 -50.63 2.53 -15.50
C GLU C 136 -50.20 1.32 -16.33
N LYS C 137 -50.29 1.45 -17.66
CA LYS C 137 -49.94 0.36 -18.56
C LYS C 137 -48.85 0.76 -19.55
N GLU C 138 -48.23 1.92 -19.30
CA GLU C 138 -47.11 2.40 -20.09
C GLU C 138 -45.82 1.82 -19.52
N THR C 139 -45.07 1.09 -20.34
CA THR C 139 -43.75 0.61 -19.93
C THR C 139 -42.76 1.77 -19.92
N LEU C 140 -41.87 1.76 -18.94
CA LEU C 140 -40.75 2.69 -18.90
C LEU C 140 -39.76 2.30 -20.00
N LYS C 141 -39.64 3.15 -21.02
CA LYS C 141 -38.85 2.81 -22.21
C LYS C 141 -37.35 2.75 -21.93
N GLU C 142 -36.85 3.74 -21.21
CA GLU C 142 -35.44 3.84 -20.87
C GLU C 142 -35.24 4.83 -19.73
N VAL C 143 -34.03 4.85 -19.20
CA VAL C 143 -33.58 5.91 -18.31
C VAL C 143 -32.40 6.57 -19.02
N GLY C 144 -32.69 7.67 -19.71
CA GLY C 144 -31.69 8.35 -20.53
C GLY C 144 -31.23 9.67 -19.96
N CYS C 145 -30.37 10.36 -20.71
CA CYS C 145 -29.81 11.65 -20.29
C CYS C 145 -30.88 12.58 -19.75
N ILE C 146 -31.95 12.76 -20.53
CA ILE C 146 -33.04 13.70 -20.20
C ILE C 146 -33.80 13.33 -18.92
N ASP C 147 -33.86 12.04 -18.59
CA ASP C 147 -34.60 11.59 -17.42
C ASP C 147 -33.93 12.00 -16.11
N CYS C 148 -32.65 11.66 -15.96
CA CYS C 148 -31.90 12.01 -14.76
C CYS C 148 -31.54 13.48 -14.71
N HIS C 149 -31.17 14.04 -15.86
CA HIS C 149 -30.68 15.43 -15.92
C HIS C 149 -31.75 16.51 -16.17
N VAL C 150 -32.99 16.11 -16.46
CA VAL C 150 -34.09 17.09 -16.60
C VAL C 150 -35.33 16.68 -15.78
N ASP C 151 -36.01 15.62 -16.21
CA ASP C 151 -37.22 15.14 -15.55
C ASP C 151 -37.53 13.72 -16.00
N VAL C 152 -37.90 12.87 -15.05
CA VAL C 152 -38.21 11.46 -15.31
C VAL C 152 -39.35 11.30 -16.32
N ASN C 153 -39.09 10.51 -17.37
CA ASN C 153 -40.07 10.17 -18.43
C ASN C 153 -40.56 11.38 -19.23
N LYS C 154 -39.68 12.38 -19.40
CA LYS C 154 -40.00 13.59 -20.16
C LYS C 154 -40.17 13.30 -21.64
N LYS C 155 -41.22 13.88 -22.23
CA LYS C 155 -41.62 13.59 -23.61
C LYS C 155 -41.31 14.74 -24.56
N ASP C 156 -41.15 15.94 -24.00
CA ASP C 156 -40.95 17.16 -24.81
C ASP C 156 -39.55 17.77 -24.67
N LYS C 157 -39.43 19.03 -25.08
CA LYS C 157 -38.15 19.72 -25.19
C LYS C 157 -37.62 20.24 -23.86
N ALA C 158 -36.30 20.30 -23.73
CA ALA C 158 -35.64 20.88 -22.57
C ALA C 158 -34.68 22.00 -22.96
N ASP C 159 -34.62 23.03 -22.13
CA ASP C 159 -33.72 24.17 -22.33
C ASP C 159 -32.42 23.89 -21.59
N HIS C 160 -31.32 23.75 -22.34
CA HIS C 160 -30.00 23.40 -21.77
C HIS C 160 -29.55 24.41 -20.70
N THR C 161 -29.93 25.67 -20.88
CA THR C 161 -29.51 26.76 -19.98
C THR C 161 -30.39 26.92 -18.73
N LYS C 162 -31.47 26.14 -18.64
CA LYS C 162 -32.47 26.35 -17.58
C LYS C 162 -32.93 25.05 -16.89
N ASP C 163 -33.07 23.98 -17.67
CA ASP C 163 -33.70 22.75 -17.19
C ASP C 163 -32.71 21.66 -16.76
N ILE C 164 -31.43 21.82 -17.12
CA ILE C 164 -30.41 20.84 -16.77
C ILE C 164 -30.11 20.88 -15.27
N ARG C 165 -30.17 19.72 -14.64
CA ARG C 165 -29.81 19.57 -13.23
C ARG C 165 -28.71 18.50 -13.10
N MET C 166 -27.98 18.53 -11.99
CA MET C 166 -27.17 17.40 -11.57
C MET C 166 -28.05 16.50 -10.71
N PRO C 167 -28.12 15.20 -11.06
CA PRO C 167 -29.01 14.28 -10.36
C PRO C 167 -28.54 13.97 -8.94
N THR C 168 -29.42 14.26 -7.99
CA THR C 168 -29.13 14.09 -6.57
C THR C 168 -29.81 12.83 -6.04
N ALA C 169 -29.67 12.57 -4.75
CA ALA C 169 -30.23 11.35 -4.14
C ALA C 169 -31.74 11.23 -4.35
N ASP C 170 -32.45 12.34 -4.20
CA ASP C 170 -33.89 12.40 -4.43
C ASP C 170 -34.28 12.19 -5.90
N THR C 171 -33.37 12.52 -6.82
CA THR C 171 -33.59 12.30 -8.25
C THR C 171 -33.64 10.80 -8.54
N CYS C 172 -32.59 10.08 -8.09
CA CYS C 172 -32.54 8.62 -8.17
C CYS C 172 -33.71 7.99 -7.41
N GLY C 173 -34.03 8.56 -6.25
CA GLY C 173 -35.09 8.07 -5.37
C GLY C 173 -36.49 8.10 -5.94
N THR C 174 -36.69 8.91 -6.98
CA THR C 174 -37.96 8.97 -7.73
C THR C 174 -38.34 7.59 -8.26
N CYS C 175 -37.34 6.87 -8.78
CA CYS C 175 -37.54 5.52 -9.29
C CYS C 175 -37.13 4.49 -8.25
N HIS C 176 -35.92 4.64 -7.72
CA HIS C 176 -35.36 3.72 -6.75
C HIS C 176 -35.75 4.14 -5.33
N LEU C 177 -37.05 4.08 -5.05
CA LEU C 177 -37.61 4.51 -3.76
C LEU C 177 -37.11 3.65 -2.61
N ARG C 178 -37.04 2.34 -2.86
CA ARG C 178 -36.61 1.38 -1.84
C ARG C 178 -35.23 1.72 -1.30
N GLU C 179 -34.27 1.83 -2.21
CA GLU C 179 -32.87 2.07 -1.87
C GLU C 179 -32.65 3.43 -1.23
N PHE C 180 -33.34 4.44 -1.74
CA PHE C 180 -33.28 5.80 -1.21
C PHE C 180 -33.88 5.87 0.20
N ALA C 181 -34.99 5.17 0.40
CA ALA C 181 -35.63 5.07 1.72
C ALA C 181 -34.76 4.29 2.70
N GLU C 182 -34.23 3.15 2.25
CA GLU C 182 -33.27 2.37 3.03
C GLU C 182 -32.10 3.25 3.49
N ARG C 183 -31.54 3.99 2.56
CA ARG C 183 -30.44 4.92 2.83
C ARG C 183 -30.86 5.98 3.83
N GLU C 184 -32.01 6.62 3.60
CA GLU C 184 -32.51 7.67 4.50
C GLU C 184 -32.87 7.16 5.90
N SER C 185 -33.21 5.87 6.00
CA SER C 185 -33.53 5.24 7.29
C SER C 185 -32.36 5.21 8.27
N GLU C 186 -31.16 5.49 7.78
CA GLU C 186 -29.97 5.61 8.63
C GLU C 186 -30.12 6.77 9.62
N ARG C 187 -30.88 7.79 9.23
CA ARG C 187 -31.25 8.91 10.11
C ARG C 187 -32.00 8.44 11.35
N ASP C 188 -32.79 7.38 11.19
CA ASP C 188 -33.70 6.90 12.23
C ASP C 188 -33.16 5.69 13.01
N THR C 189 -32.26 4.93 12.41
CA THR C 189 -31.70 3.73 13.05
C THR C 189 -30.40 3.99 13.81
N MET C 190 -29.59 4.95 13.34
CA MET C 190 -28.30 5.20 13.99
C MET C 190 -28.41 6.20 15.13
N VAL C 191 -29.12 5.80 16.18
CA VAL C 191 -29.29 6.60 17.37
C VAL C 191 -28.55 5.94 18.52
N TRP C 192 -27.58 6.66 19.08
CA TRP C 192 -26.75 6.15 20.16
C TRP C 192 -27.51 6.25 21.49
N PRO C 193 -27.33 5.26 22.38
CA PRO C 193 -28.07 5.24 23.64
C PRO C 193 -27.74 6.42 24.56
N ASN C 194 -26.52 6.94 24.48
CA ASN C 194 -26.08 8.06 25.30
C ASN C 194 -25.59 9.28 24.50
N GLY C 195 -26.06 9.39 23.26
CA GLY C 195 -25.64 10.46 22.36
C GLY C 195 -24.14 10.49 22.08
N GLN C 196 -23.52 9.31 21.99
CA GLN C 196 -22.08 9.18 21.72
C GLN C 196 -21.69 9.94 20.44
N TRP C 197 -22.50 9.77 19.41
CA TRP C 197 -22.43 10.56 18.19
C TRP C 197 -23.78 11.26 18.03
N PRO C 198 -23.85 12.33 17.21
CA PRO C 198 -25.14 12.95 16.92
C PRO C 198 -26.09 11.95 16.25
N ALA C 199 -27.38 12.09 16.52
CA ALA C 199 -28.39 11.16 16.00
C ALA C 199 -28.34 11.08 14.48
N GLY C 200 -28.35 9.86 13.96
CA GLY C 200 -28.24 9.61 12.52
C GLY C 200 -26.81 9.47 12.03
N ARG C 201 -25.85 9.50 12.95
CA ARG C 201 -24.43 9.50 12.59
C ARG C 201 -23.59 8.53 13.43
N PRO C 202 -22.51 7.97 12.84
CA PRO C 202 -22.06 8.18 11.46
C PRO C 202 -22.92 7.41 10.45
N SER C 203 -23.00 7.93 9.22
CA SER C 203 -23.83 7.33 8.18
C SER C 203 -23.55 7.95 6.82
N HIS C 204 -24.01 7.27 5.76
CA HIS C 204 -23.93 7.83 4.42
C HIS C 204 -25.03 8.88 4.21
N ALA C 205 -26.12 8.75 4.97
CA ALA C 205 -27.26 9.67 4.87
C ALA C 205 -26.89 11.07 5.30
N LEU C 206 -26.00 11.20 6.28
CA LEU C 206 -25.59 12.49 6.80
C LEU C 206 -24.08 12.76 6.65
N ASP C 207 -23.45 12.15 5.65
CA ASP C 207 -22.00 12.34 5.45
C ASP C 207 -21.60 13.75 5.04
N TYR C 208 -22.41 14.38 4.20
CA TYR C 208 -22.17 15.75 3.78
C TYR C 208 -22.43 16.76 4.90
N THR C 209 -23.51 16.56 5.65
CA THR C 209 -23.82 17.41 6.81
C THR C 209 -22.66 17.40 7.80
N ALA C 210 -22.19 16.21 8.16
CA ALA C 210 -21.05 16.06 9.08
C ALA C 210 -19.80 16.82 8.62
N ASN C 211 -19.54 16.76 7.31
CA ASN C 211 -18.43 17.48 6.69
C ASN C 211 -18.51 18.99 6.91
N ILE C 212 -19.64 19.59 6.50
CA ILE C 212 -19.82 21.03 6.57
C ILE C 212 -20.06 21.57 7.99
N GLU C 213 -20.39 20.67 8.91
CA GLU C 213 -20.54 21.02 10.34
C GLU C 213 -19.24 20.82 11.12
N THR C 214 -18.17 20.44 10.43
CA THR C 214 -16.84 20.39 11.03
C THR C 214 -16.23 21.79 10.99
N THR C 215 -15.88 22.30 12.17
CA THR C 215 -15.44 23.69 12.31
C THR C 215 -14.25 24.04 11.39
N VAL C 216 -13.19 23.25 11.46
CA VAL C 216 -11.98 23.51 10.66
C VAL C 216 -12.25 23.52 9.15
N TRP C 217 -13.14 22.64 8.70
CA TRP C 217 -13.56 22.61 7.30
C TRP C 217 -14.12 23.96 6.86
N ALA C 218 -14.97 24.54 7.71
CA ALA C 218 -15.59 25.83 7.45
C ALA C 218 -14.64 27.00 7.69
N ALA C 219 -13.74 26.84 8.66
CA ALA C 219 -12.86 27.92 9.13
C ALA C 219 -11.57 28.13 8.33
N MET C 220 -10.98 27.05 7.80
CA MET C 220 -9.69 27.12 7.11
C MET C 220 -9.76 27.86 5.76
N PRO C 221 -8.71 28.62 5.41
CA PRO C 221 -8.66 29.33 4.13
C PRO C 221 -8.38 28.45 2.90
N GLN C 222 -7.69 27.32 3.09
CA GLN C 222 -7.32 26.43 1.99
C GLN C 222 -8.54 25.65 1.49
N ARG C 223 -9.38 26.31 0.68
CA ARG C 223 -10.65 25.73 0.24
C ARG C 223 -10.47 24.45 -0.56
N GLU C 224 -9.43 24.42 -1.40
CA GLU C 224 -9.14 23.28 -2.25
C GLU C 224 -8.70 22.06 -1.44
N VAL C 225 -8.04 22.30 -0.30
CA VAL C 225 -7.73 21.24 0.66
C VAL C 225 -9.02 20.76 1.34
N ALA C 226 -9.80 21.69 1.89
CA ALA C 226 -11.08 21.38 2.53
C ALA C 226 -12.03 20.61 1.62
N GLU C 227 -11.95 20.87 0.32
CA GLU C 227 -12.85 20.24 -0.66
C GLU C 227 -12.51 18.79 -0.96
N GLY C 228 -11.27 18.40 -0.68
CA GLY C 228 -10.86 17.00 -0.72
C GLY C 228 -11.65 16.17 0.29
N CYS C 229 -11.85 16.75 1.48
CA CYS C 229 -12.71 16.15 2.49
C CYS C 229 -14.14 15.98 1.96
N THR C 230 -14.65 17.02 1.31
CA THR C 230 -15.99 17.02 0.72
C THR C 230 -16.19 15.86 -0.27
N MET C 231 -15.15 15.58 -1.05
CA MET C 231 -15.21 14.54 -2.10
C MET C 231 -15.47 13.13 -1.55
N CYS C 232 -15.04 12.87 -0.32
CA CYS C 232 -15.29 11.61 0.37
C CYS C 232 -16.63 11.64 1.12
N HIS C 233 -17.25 12.82 1.16
CA HIS C 233 -18.43 13.03 2.01
C HIS C 233 -19.66 13.45 1.19
N THR C 234 -19.85 12.89 0.00
CA THR C 234 -20.95 13.30 -0.91
C THR C 234 -22.14 12.34 -1.06
N ASN C 235 -22.09 11.18 -0.39
CA ASN C 235 -23.16 10.18 -0.52
C ASN C 235 -24.57 10.71 -0.26
N GLN C 236 -24.68 11.57 0.76
CA GLN C 236 -25.92 12.26 1.09
C GLN C 236 -26.50 13.00 -0.11
N ASN C 237 -25.64 13.60 -0.92
CA ASN C 237 -26.05 14.43 -2.04
C ASN C 237 -26.26 13.67 -3.35
N LYS C 238 -25.38 12.72 -3.65
CA LYS C 238 -25.45 11.97 -4.90
C LYS C 238 -25.17 10.48 -4.71
N CYS C 239 -25.77 9.66 -5.56
CA CYS C 239 -25.79 8.20 -5.38
C CYS C 239 -24.79 7.45 -6.26
N ASP C 240 -23.77 8.15 -6.77
CA ASP C 240 -22.87 7.54 -7.75
C ASP C 240 -21.44 7.30 -7.24
N ASN C 241 -21.28 7.15 -5.93
CA ASN C 241 -19.94 6.94 -5.36
C ASN C 241 -19.54 5.45 -5.25
N CYS C 242 -20.53 4.55 -5.18
CA CYS C 242 -20.29 3.10 -5.16
C CYS C 242 -20.56 2.47 -6.52
N HIS C 243 -21.76 2.71 -7.06
CA HIS C 243 -22.06 2.42 -8.45
C HIS C 243 -21.97 3.73 -9.24
N THR C 244 -20.84 3.93 -9.91
CA THR C 244 -20.48 5.21 -10.55
C THR C 244 -21.29 5.54 -11.81
N ARG C 245 -21.31 6.82 -12.18
CA ARG C 245 -21.78 7.26 -13.50
C ARG C 245 -20.75 6.85 -14.56
N HIS C 246 -21.17 6.57 -15.79
CA HIS C 246 -22.57 6.53 -16.19
C HIS C 246 -23.05 5.10 -16.48
N GLU C 247 -22.28 4.13 -15.97
CA GLU C 247 -22.65 2.72 -16.09
C GLU C 247 -23.66 2.28 -15.02
N PHE C 248 -23.53 2.87 -13.83
CA PHE C 248 -24.37 2.52 -12.66
C PHE C 248 -24.55 1.01 -12.54
N SER C 249 -23.43 0.32 -12.38
CA SER C 249 -23.39 -1.13 -12.28
C SER C 249 -23.49 -1.54 -10.81
N ALA C 250 -24.46 -2.39 -10.50
CA ALA C 250 -24.60 -2.95 -9.15
C ALA C 250 -23.44 -3.89 -8.82
N ALA C 251 -22.97 -4.62 -9.83
CA ALA C 251 -21.83 -5.53 -9.68
C ALA C 251 -20.58 -4.77 -9.21
N GLU C 252 -20.33 -3.64 -9.86
CA GLU C 252 -19.28 -2.71 -9.45
C GLU C 252 -19.37 -2.31 -7.97
N SER C 253 -20.57 -1.88 -7.55
CA SER C 253 -20.77 -1.44 -6.17
C SER C 253 -20.61 -2.55 -5.14
N ARG C 254 -20.73 -3.80 -5.60
CA ARG C 254 -20.54 -4.98 -4.73
C ARG C 254 -19.07 -5.29 -4.46
N LYS C 255 -18.19 -4.81 -5.33
CA LYS C 255 -16.76 -5.09 -5.22
C LYS C 255 -16.12 -4.22 -4.12
N PRO C 256 -15.16 -4.78 -3.37
CA PRO C 256 -14.52 -4.05 -2.27
C PRO C 256 -13.91 -2.72 -2.70
N GLU C 257 -13.41 -2.68 -3.94
CA GLU C 257 -12.80 -1.50 -4.53
C GLU C 257 -13.71 -0.27 -4.57
N ALA C 258 -15.02 -0.49 -4.64
CA ALA C 258 -15.99 0.62 -4.70
C ALA C 258 -15.99 1.48 -3.44
N CYS C 259 -15.60 0.89 -2.30
CA CYS C 259 -15.56 1.57 -1.01
C CYS C 259 -14.19 2.19 -0.68
N ALA C 260 -13.18 1.86 -1.49
CA ALA C 260 -11.78 2.09 -1.13
C ALA C 260 -11.33 3.55 -1.18
N THR C 261 -11.84 4.32 -2.13
CA THR C 261 -11.44 5.72 -2.27
C THR C 261 -11.75 6.51 -1.00
N CYS C 262 -12.87 6.18 -0.36
CA CYS C 262 -13.28 6.88 0.85
C CYS C 262 -12.86 6.18 2.14
N HIS C 263 -13.02 4.86 2.17
CA HIS C 263 -12.74 4.10 3.40
C HIS C 263 -11.30 3.60 3.46
N SER C 264 -10.37 4.56 3.46
CA SER C 264 -8.94 4.28 3.53
C SER C 264 -8.23 5.45 4.23
N GLY C 265 -6.95 5.28 4.55
CA GLY C 265 -6.12 6.36 5.10
C GLY C 265 -5.77 6.29 6.58
N VAL C 266 -5.06 7.32 7.06
CA VAL C 266 -4.45 7.33 8.39
C VAL C 266 -5.39 7.18 9.58
N ASP C 267 -6.66 7.54 9.41
CA ASP C 267 -7.59 7.53 10.55
C ASP C 267 -8.74 6.53 10.40
N HIS C 268 -8.65 5.71 9.34
CA HIS C 268 -9.60 4.62 9.07
C HIS C 268 -9.13 3.84 7.83
N ASN C 269 -8.18 2.93 8.04
CA ASN C 269 -7.56 2.19 6.94
C ASN C 269 -8.29 0.89 6.58
N ASN C 270 -9.60 0.98 6.40
CA ASN C 270 -10.42 -0.21 6.17
C ASN C 270 -10.01 -0.99 4.93
N TRP C 271 -9.85 -0.28 3.82
CA TRP C 271 -9.36 -0.88 2.58
C TRP C 271 -8.06 -1.64 2.80
N GLU C 272 -7.07 -0.96 3.38
CA GLU C 272 -5.76 -1.53 3.65
C GLU C 272 -5.86 -2.78 4.52
N ALA C 273 -6.61 -2.68 5.63
CA ALA C 273 -6.78 -3.78 6.57
C ALA C 273 -7.53 -4.96 5.94
N TYR C 274 -8.67 -4.67 5.32
CA TYR C 274 -9.46 -5.72 4.69
C TYR C 274 -8.69 -6.48 3.62
N THR C 275 -8.09 -5.76 2.66
CA THR C 275 -7.36 -6.41 1.56
C THR C 275 -6.24 -7.32 2.04
N MET C 276 -5.60 -6.91 3.14
CA MET C 276 -4.45 -7.65 3.68
C MET C 276 -4.85 -8.87 4.50
N SER C 277 -6.10 -8.90 4.96
CA SER C 277 -6.63 -10.06 5.69
C SER C 277 -6.80 -11.25 4.75
N LYS C 278 -6.92 -12.46 5.31
CA LYS C 278 -7.30 -13.63 4.53
C LYS C 278 -8.57 -13.38 3.74
N HIS C 279 -9.59 -12.84 4.41
CA HIS C 279 -10.86 -12.49 3.77
C HIS C 279 -10.64 -11.74 2.45
N GLY C 280 -9.84 -10.67 2.50
CA GLY C 280 -9.60 -9.80 1.35
C GLY C 280 -8.65 -10.38 0.32
N LYS C 281 -7.65 -11.11 0.78
CA LYS C 281 -6.71 -11.78 -0.12
C LYS C 281 -7.43 -12.88 -0.92
N LEU C 282 -8.39 -13.55 -0.29
CA LEU C 282 -9.24 -14.52 -0.98
C LEU C 282 -10.15 -13.87 -2.00
N ALA C 283 -10.70 -12.70 -1.66
CA ALA C 283 -11.54 -11.95 -2.59
C ALA C 283 -10.76 -11.53 -3.83
N GLU C 284 -9.48 -11.19 -3.65
CA GLU C 284 -8.59 -10.85 -4.76
C GLU C 284 -8.28 -12.08 -5.63
N MET C 285 -7.97 -13.19 -4.98
CA MET C 285 -7.64 -14.44 -5.69
C MET C 285 -8.84 -15.05 -6.42
N ASN C 286 -10.03 -14.86 -5.87
CA ASN C 286 -11.21 -15.56 -6.37
C ASN C 286 -12.18 -14.70 -7.18
N ARG C 287 -11.85 -13.41 -7.36
CA ARG C 287 -12.79 -12.48 -8.01
C ARG C 287 -13.29 -12.92 -9.40
N ASP C 288 -12.46 -13.67 -10.11
CA ASP C 288 -12.81 -14.21 -11.44
C ASP C 288 -13.71 -15.44 -11.39
N LYS C 289 -13.84 -16.02 -10.20
CA LYS C 289 -14.65 -17.23 -10.01
C LYS C 289 -16.05 -16.89 -9.56
N TRP C 290 -16.22 -15.66 -9.05
CA TRP C 290 -17.50 -15.22 -8.51
C TRP C 290 -18.34 -14.49 -9.55
N ASN C 291 -19.65 -14.66 -9.46
CA ASN C 291 -20.59 -13.87 -10.25
C ASN C 291 -20.99 -12.64 -9.44
N TRP C 292 -20.42 -11.50 -9.81
CA TRP C 292 -20.70 -10.23 -9.11
C TRP C 292 -22.06 -9.64 -9.47
N GLU C 293 -22.63 -10.08 -10.60
CA GLU C 293 -23.90 -9.58 -11.11
C GLU C 293 -25.09 -10.03 -10.26
N VAL C 294 -24.89 -11.14 -9.57
CA VAL C 294 -25.86 -11.71 -8.65
C VAL C 294 -26.06 -10.77 -7.44
N ARG C 295 -27.31 -10.64 -6.97
CA ARG C 295 -27.59 -9.80 -5.81
C ARG C 295 -26.96 -10.36 -4.53
N LEU C 296 -26.68 -9.48 -3.56
CA LEU C 296 -26.01 -9.86 -2.33
C LEU C 296 -26.63 -11.08 -1.61
N LYS C 297 -27.96 -11.09 -1.52
CA LYS C 297 -28.72 -12.21 -0.93
C LYS C 297 -28.36 -13.56 -1.56
N ASP C 298 -27.97 -13.53 -2.83
CA ASP C 298 -27.60 -14.75 -3.58
C ASP C 298 -26.09 -14.94 -3.75
N ALA C 299 -25.30 -14.01 -3.24
CA ALA C 299 -23.83 -14.01 -3.43
C ALA C 299 -23.18 -15.33 -3.05
N PHE C 300 -23.49 -15.83 -1.85
CA PHE C 300 -22.86 -17.05 -1.33
C PHE C 300 -23.38 -18.35 -1.97
N SER C 301 -24.48 -18.26 -2.72
CA SER C 301 -25.04 -19.43 -3.41
C SER C 301 -24.90 -19.34 -4.92
N LYS C 302 -25.75 -18.51 -5.55
CA LYS C 302 -25.71 -18.31 -7.00
C LYS C 302 -24.40 -17.68 -7.47
N GLY C 303 -23.88 -16.74 -6.69
CA GLY C 303 -22.63 -16.05 -7.02
C GLY C 303 -21.40 -16.91 -6.87
N GLY C 304 -21.46 -17.91 -6.00
CA GLY C 304 -20.31 -18.77 -5.71
C GLY C 304 -19.29 -18.14 -4.77
N GLN C 305 -19.68 -17.02 -4.14
CA GLN C 305 -18.78 -16.26 -3.27
C GLN C 305 -18.46 -17.04 -1.99
N ASN C 306 -17.18 -17.23 -1.72
CA ASN C 306 -16.74 -18.00 -0.55
C ASN C 306 -15.93 -17.20 0.46
N ALA C 307 -15.78 -15.90 0.20
CA ALA C 307 -15.11 -14.98 1.13
C ALA C 307 -15.93 -13.70 1.27
N PRO C 308 -15.96 -13.13 2.48
CA PRO C 308 -16.78 -11.94 2.70
C PRO C 308 -16.17 -10.68 2.08
N THR C 309 -17.03 -9.71 1.80
CA THR C 309 -16.63 -8.42 1.21
C THR C 309 -17.28 -7.31 2.04
N CYS C 310 -16.81 -6.07 1.85
CA CYS C 310 -17.35 -4.91 2.55
C CYS C 310 -18.87 -4.88 2.50
N ALA C 311 -19.41 -4.94 1.29
CA ALA C 311 -20.85 -4.85 1.07
C ALA C 311 -21.60 -6.00 1.73
N ALA C 312 -21.14 -7.23 1.50
CA ALA C 312 -21.75 -8.41 2.10
C ALA C 312 -21.82 -8.35 3.63
N CYS C 313 -20.76 -7.87 4.27
CA CYS C 313 -20.75 -7.76 5.73
C CYS C 313 -21.54 -6.57 6.25
N HIS C 314 -21.38 -5.42 5.60
CA HIS C 314 -21.94 -4.17 6.14
C HIS C 314 -23.37 -3.86 5.73
N MET C 315 -23.82 -4.40 4.60
CA MET C 315 -25.22 -4.23 4.17
C MET C 315 -26.13 -5.34 4.69
N GLU C 316 -25.54 -6.39 5.25
CA GLU C 316 -26.29 -7.50 5.83
C GLU C 316 -26.83 -7.11 7.19
N TYR C 317 -28.11 -7.42 7.44
CA TYR C 317 -28.70 -7.27 8.76
C TYR C 317 -29.83 -8.29 8.98
N GLU C 318 -29.65 -9.14 9.99
CA GLU C 318 -30.65 -10.17 10.36
C GLU C 318 -31.18 -10.97 9.17
N GLY C 319 -30.28 -11.32 8.25
CA GLY C 319 -30.65 -12.12 7.08
C GLY C 319 -31.09 -11.35 5.84
N GLU C 320 -31.23 -10.03 5.96
CA GLU C 320 -31.64 -9.18 4.83
C GLU C 320 -30.52 -8.25 4.38
N TYR C 321 -30.58 -7.81 3.12
CA TYR C 321 -29.64 -6.83 2.60
C TYR C 321 -30.33 -5.51 2.22
N THR C 322 -29.80 -4.39 2.74
CA THR C 322 -30.34 -3.05 2.45
C THR C 322 -29.21 -2.03 2.29
N HIS C 323 -29.55 -0.84 1.79
CA HIS C 323 -28.60 0.28 1.68
C HIS C 323 -28.29 0.96 3.02
N ASN C 324 -28.88 0.45 4.11
CA ASN C 324 -28.60 0.95 5.46
C ASN C 324 -27.40 0.20 6.05
N ILE C 325 -26.33 0.94 6.34
CA ILE C 325 -25.09 0.34 6.84
C ILE C 325 -24.79 0.61 8.34
N THR C 326 -25.82 1.03 9.09
CA THR C 326 -25.60 1.54 10.45
C THR C 326 -26.01 0.61 11.60
N ARG C 327 -26.82 -0.41 11.31
CA ARG C 327 -27.52 -1.15 12.36
C ARG C 327 -26.69 -2.10 13.22
N LYS C 328 -25.46 -2.38 12.82
CA LYS C 328 -24.57 -3.26 13.60
C LYS C 328 -23.36 -2.51 14.17
N THR C 329 -23.35 -1.19 13.99
CA THR C 329 -22.24 -0.35 14.44
C THR C 329 -22.16 -0.29 15.98
N ARG C 330 -20.99 -0.62 16.52
CA ARG C 330 -20.76 -0.56 17.97
C ARG C 330 -19.60 0.36 18.34
N TRP C 331 -18.47 0.18 17.66
CA TRP C 331 -17.25 0.95 17.95
C TRP C 331 -17.16 2.26 17.18
N ALA C 332 -17.72 2.28 15.99
CA ALA C 332 -17.71 3.44 15.08
C ALA C 332 -16.32 4.05 14.84
N ASN C 333 -15.34 3.17 14.61
CA ASN C 333 -13.98 3.54 14.15
C ASN C 333 -13.07 4.21 15.17
N TYR C 334 -13.56 5.23 15.87
CA TYR C 334 -12.74 5.97 16.84
C TYR C 334 -13.06 5.54 18.28
N PRO C 335 -12.21 4.68 18.87
CA PRO C 335 -12.51 4.04 20.16
C PRO C 335 -12.43 5.00 21.35
N PHE C 336 -11.83 6.17 21.13
CA PHE C 336 -11.63 7.18 22.17
C PHE C 336 -12.81 8.13 22.35
N VAL C 337 -13.80 8.05 21.45
CA VAL C 337 -14.99 8.92 21.57
C VAL C 337 -15.70 8.64 22.90
N PRO C 338 -15.90 9.69 23.72
CA PRO C 338 -16.51 9.52 25.04
C PRO C 338 -17.83 8.74 24.99
N GLY C 339 -17.96 7.79 25.89
CA GLY C 339 -19.15 6.96 25.97
C GLY C 339 -19.11 5.68 25.15
N ILE C 340 -18.15 5.58 24.23
CA ILE C 340 -18.07 4.42 23.32
C ILE C 340 -17.56 3.15 24.01
N ALA C 341 -16.42 3.25 24.69
CA ALA C 341 -15.86 2.11 25.42
C ALA C 341 -16.79 1.64 26.54
N GLU C 342 -17.34 2.60 27.29
CA GLU C 342 -18.26 2.32 28.39
C GLU C 342 -19.55 1.62 27.91
N ASN C 343 -19.93 1.89 26.66
CA ASN C 343 -21.14 1.35 26.05
C ASN C 343 -20.98 -0.06 25.47
N ILE C 344 -19.74 -0.55 25.40
CA ILE C 344 -19.47 -1.84 24.75
C ILE C 344 -20.09 -3.06 25.45
N THR C 345 -20.42 -2.91 26.73
CA THR C 345 -21.02 -3.99 27.53
C THR C 345 -22.55 -3.95 27.56
N SER C 346 -23.13 -2.85 27.09
CA SER C 346 -24.58 -2.63 27.16
C SER C 346 -25.38 -3.64 26.33
N ASP C 347 -26.67 -3.79 26.67
CA ASP C 347 -27.58 -4.67 25.92
C ASP C 347 -27.75 -4.20 24.48
N TRP C 348 -27.63 -2.89 24.28
CA TRP C 348 -27.65 -2.26 22.95
C TRP C 348 -26.49 -2.77 22.10
N SER C 349 -25.28 -2.77 22.67
CA SER C 349 -24.10 -3.23 21.95
C SER C 349 -24.08 -4.75 21.78
N GLU C 350 -24.60 -5.46 22.78
CA GLU C 350 -24.65 -6.92 22.74
C GLU C 350 -25.62 -7.43 21.69
N ALA C 351 -26.72 -6.70 21.49
CA ALA C 351 -27.70 -7.04 20.45
C ALA C 351 -27.10 -6.86 19.06
N ARG C 352 -26.31 -5.80 18.89
CA ARG C 352 -25.64 -5.54 17.63
C ARG C 352 -24.51 -6.54 17.38
N LEU C 353 -23.85 -6.98 18.45
CA LEU C 353 -22.89 -8.07 18.40
C LEU C 353 -23.55 -9.38 17.91
N ASP C 354 -24.71 -9.71 18.49
CA ASP C 354 -25.49 -10.88 18.06
C ASP C 354 -25.76 -10.84 16.54
N SER C 355 -26.10 -9.65 16.05
CA SER C 355 -26.34 -9.45 14.62
C SER C 355 -25.08 -9.71 13.80
N TRP C 356 -23.93 -9.23 14.29
CA TRP C 356 -22.64 -9.54 13.68
C TRP C 356 -22.34 -11.04 13.69
N VAL C 357 -22.61 -11.69 14.82
CA VAL C 357 -22.39 -13.12 14.94
C VAL C 357 -23.18 -13.86 13.86
N LEU C 358 -24.43 -13.45 13.66
CA LEU C 358 -25.27 -13.97 12.58
C LEU C 358 -24.57 -13.82 11.21
N THR C 359 -23.94 -12.67 10.99
CA THR C 359 -23.21 -12.41 9.74
C THR C 359 -22.05 -13.40 9.56
N CYS C 360 -21.22 -13.55 10.59
CA CYS C 360 -20.07 -14.44 10.54
C CYS C 360 -20.46 -15.92 10.41
N THR C 361 -21.56 -16.30 11.06
CA THR C 361 -21.98 -17.71 11.10
C THR C 361 -22.63 -18.23 9.83
N GLN C 362 -22.63 -17.42 8.78
CA GLN C 362 -22.93 -17.90 7.43
C GLN C 362 -21.80 -18.83 6.99
N CYS C 363 -20.63 -18.64 7.57
CA CYS C 363 -19.47 -19.48 7.28
C CYS C 363 -18.91 -20.13 8.55
N HIS C 364 -18.42 -19.31 9.48
CA HIS C 364 -17.77 -19.80 10.70
C HIS C 364 -18.78 -20.35 11.72
N SER C 365 -18.29 -21.15 12.67
CA SER C 365 -19.11 -21.54 13.81
C SER C 365 -19.29 -20.34 14.74
N GLU C 366 -20.38 -20.34 15.51
CA GLU C 366 -20.64 -19.28 16.50
C GLU C 366 -19.51 -19.16 17.52
N ARG C 367 -19.01 -20.30 17.99
CA ARG C 367 -17.92 -20.35 18.96
C ARG C 367 -16.68 -19.63 18.42
N PHE C 368 -16.38 -19.88 17.13
CA PHE C 368 -15.25 -19.25 16.46
C PHE C 368 -15.45 -17.73 16.32
N ALA C 369 -16.62 -17.36 15.80
CA ALA C 369 -16.96 -15.96 15.56
C ALA C 369 -16.89 -15.15 16.85
N ARG C 370 -17.48 -15.68 17.93
CA ARG C 370 -17.50 -15.00 19.21
C ARG C 370 -16.11 -14.97 19.85
N SER C 371 -15.31 -16.01 19.61
CA SER C 371 -13.90 -16.02 20.05
C SER C 371 -13.14 -14.84 19.45
N TYR C 372 -13.28 -14.64 18.15
CA TYR C 372 -12.58 -13.53 17.51
C TYR C 372 -13.13 -12.14 17.85
N LEU C 373 -14.45 -12.01 17.91
CA LEU C 373 -15.05 -10.71 18.21
C LEU C 373 -14.72 -10.25 19.64
N ASP C 374 -14.52 -11.21 20.53
CA ASP C 374 -14.03 -10.94 21.89
C ASP C 374 -12.60 -10.41 21.85
N LEU C 375 -11.79 -11.01 20.98
CA LEU C 375 -10.42 -10.54 20.75
C LEU C 375 -10.42 -9.10 20.20
N MET C 376 -11.30 -8.84 19.24
CA MET C 376 -11.46 -7.50 18.65
C MET C 376 -11.79 -6.44 19.71
N ASP C 377 -12.77 -6.72 20.55
CA ASP C 377 -13.21 -5.79 21.59
C ASP C 377 -12.11 -5.50 22.61
N LYS C 378 -11.45 -6.55 23.09
CA LYS C 378 -10.42 -6.43 24.12
C LYS C 378 -9.13 -5.81 23.58
N GLY C 379 -8.75 -6.20 22.37
CA GLY C 379 -7.60 -5.60 21.70
C GLY C 379 -7.76 -4.10 21.48
N THR C 380 -8.98 -3.69 21.12
CA THR C 380 -9.31 -2.28 20.94
C THR C 380 -9.12 -1.49 22.24
N LEU C 381 -9.64 -2.04 23.34
CA LEU C 381 -9.56 -1.40 24.65
C LEU C 381 -8.12 -1.31 25.14
N GLU C 382 -7.33 -2.34 24.85
CA GLU C 382 -5.90 -2.37 25.17
C GLU C 382 -5.16 -1.23 24.48
N GLY C 383 -5.50 -0.98 23.21
CA GLY C 383 -4.99 0.18 22.50
C GLY C 383 -5.39 1.48 23.16
N LEU C 384 -6.67 1.58 23.52
CA LEU C 384 -7.22 2.78 24.16
C LEU C 384 -6.54 3.09 25.49
N ALA C 385 -6.28 2.04 26.29
CA ALA C 385 -5.57 2.20 27.56
C ALA C 385 -4.17 2.78 27.35
N LYS C 386 -3.48 2.33 26.31
CA LYS C 386 -2.14 2.82 25.98
C LYS C 386 -2.16 4.32 25.67
N TYR C 387 -3.14 4.75 24.86
CA TYR C 387 -3.32 6.16 24.53
C TYR C 387 -3.70 6.97 25.76
N GLN C 388 -4.65 6.47 26.56
CA GLN C 388 -5.12 7.18 27.74
C GLN C 388 -3.99 7.50 28.72
N GLU C 389 -3.06 6.56 28.90
CA GLU C 389 -1.91 6.79 29.75
C GLU C 389 -1.02 7.91 29.20
N ALA C 390 -0.76 7.88 27.90
CA ALA C 390 0.05 8.90 27.24
C ALA C 390 -0.64 10.26 27.26
N ASN C 391 -1.95 10.25 27.03
CA ASN C 391 -2.77 11.47 27.09
C ASN C 391 -2.77 12.15 28.47
N ALA C 392 -2.67 11.35 29.52
CA ALA C 392 -2.63 11.88 30.89
C ALA C 392 -1.41 12.80 31.09
N ILE C 393 -0.31 12.44 30.45
CA ILE C 393 0.94 13.19 30.53
C ILE C 393 0.82 14.55 29.82
N VAL C 394 0.45 14.51 28.54
CA VAL C 394 0.36 15.71 27.72
C VAL C 394 -0.74 16.66 28.20
N HIS C 395 -1.86 16.10 28.65
CA HIS C 395 -2.96 16.90 29.18
C HIS C 395 -2.56 17.63 30.48
N LYS C 396 -1.77 16.96 31.32
CA LYS C 396 -1.25 17.58 32.54
C LYS C 396 -0.36 18.78 32.22
N MET C 397 0.53 18.61 31.23
CA MET C 397 1.37 19.71 30.76
C MET C 397 0.54 20.90 30.29
N TYR C 398 -0.50 20.62 29.51
CA TYR C 398 -1.44 21.65 29.03
C TYR C 398 -2.08 22.43 30.18
N GLU C 399 -2.57 21.70 31.19
CA GLU C 399 -3.15 22.30 32.39
C GLU C 399 -2.10 23.12 33.16
N ASP C 400 -0.87 22.62 33.18
CA ASP C 400 0.25 23.32 33.82
C ASP C 400 0.71 24.54 33.03
N GLY C 401 0.35 24.61 31.76
CA GLY C 401 0.75 25.70 30.87
C GLY C 401 2.18 25.54 30.39
N THR C 402 2.69 24.31 30.44
CA THR C 402 4.11 24.05 30.21
C THR C 402 4.45 23.54 28.81
N LEU C 403 3.45 23.38 27.94
CA LEU C 403 3.69 22.98 26.55
C LEU C 403 4.54 24.01 25.84
N THR C 404 5.40 23.53 24.95
CA THR C 404 6.30 24.41 24.18
C THR C 404 5.49 25.48 23.46
N GLY C 405 5.80 26.74 23.76
CA GLY C 405 5.15 27.90 23.15
C GLY C 405 3.73 28.22 23.61
N GLN C 406 3.23 27.51 24.62
CA GLN C 406 1.83 27.65 25.05
C GLN C 406 1.44 29.07 25.50
N LYS C 407 2.39 29.79 26.10
CA LYS C 407 2.13 31.13 26.62
C LYS C 407 2.78 32.24 25.80
N THR C 408 3.67 31.86 24.89
CA THR C 408 4.46 32.83 24.11
C THR C 408 4.16 32.83 22.61
N ASN C 409 3.73 31.67 22.07
CA ASN C 409 3.51 31.52 20.63
C ASN C 409 2.38 30.54 20.30
N ARG C 410 1.19 30.83 20.82
CA ARG C 410 0.03 29.96 20.61
C ARG C 410 -1.16 30.77 20.09
N PRO C 411 -1.18 31.04 18.77
CA PRO C 411 -2.23 31.88 18.20
C PRO C 411 -3.57 31.15 18.09
N ASN C 412 -4.65 31.91 18.15
CA ASN C 412 -6.00 31.37 18.07
C ASN C 412 -6.33 30.80 16.68
N PRO C 413 -7.07 29.67 16.65
CA PRO C 413 -7.54 29.08 15.40
C PRO C 413 -8.48 30.02 14.64
N PRO C 414 -8.64 29.82 13.32
CA PRO C 414 -9.55 30.65 12.54
C PRO C 414 -10.98 30.55 13.05
N GLU C 415 -11.73 31.64 12.92
CA GLU C 415 -13.13 31.70 13.34
C GLU C 415 -13.99 30.72 12.54
N PRO C 416 -15.02 30.12 13.18
CA PRO C 416 -15.50 30.35 14.55
C PRO C 416 -14.94 29.38 15.59
N GLU C 417 -13.80 28.75 15.30
CA GLU C 417 -13.19 27.80 16.23
C GLU C 417 -12.73 28.49 17.51
N LYS C 418 -12.88 27.78 18.62
CA LYS C 418 -12.39 28.21 19.92
C LYS C 418 -11.11 27.44 20.27
N PRO C 419 -10.11 28.12 20.89
CA PRO C 419 -8.86 27.46 21.28
C PRO C 419 -9.08 26.33 22.29
N GLY C 420 -8.21 25.33 22.26
CA GLY C 420 -8.31 24.18 23.16
C GLY C 420 -7.18 23.18 22.95
N PHE C 421 -7.21 22.12 23.76
CA PHE C 421 -6.17 21.10 23.75
C PHE C 421 -6.52 19.91 22.85
N GLY C 422 -5.59 19.56 21.95
CA GLY C 422 -5.72 18.37 21.10
C GLY C 422 -7.06 18.25 20.39
N ILE C 423 -7.43 19.31 19.68
CA ILE C 423 -8.72 19.37 18.98
C ILE C 423 -8.55 19.03 17.50
N PHE C 424 -9.62 18.56 16.87
CA PHE C 424 -9.58 18.13 15.47
C PHE C 424 -8.96 19.18 14.54
N THR C 425 -9.31 20.44 14.78
CA THR C 425 -8.80 21.59 14.04
C THR C 425 -7.28 21.57 13.84
N GLN C 426 -6.55 21.10 14.86
CA GLN C 426 -5.09 21.08 14.84
C GLN C 426 -4.47 20.08 13.85
N LEU C 427 -5.31 19.25 13.23
CA LEU C 427 -4.88 18.34 12.15
C LEU C 427 -4.91 19.01 10.77
N PHE C 428 -5.74 20.04 10.62
CA PHE C 428 -5.89 20.73 9.34
C PHE C 428 -5.48 22.21 9.35
N TRP C 429 -5.24 22.74 10.54
CA TRP C 429 -4.72 24.08 10.70
C TRP C 429 -3.65 24.12 11.78
N SER C 430 -2.53 24.76 11.45
CA SER C 430 -1.47 25.01 12.41
C SER C 430 -0.84 26.37 12.15
N LYS C 431 -0.45 27.04 13.23
CA LYS C 431 0.27 28.30 13.15
C LYS C 431 1.06 28.45 14.44
N GLY C 432 2.29 28.93 14.32
CA GLY C 432 3.19 29.06 15.47
C GLY C 432 3.30 27.74 16.21
N ASN C 433 3.18 27.80 17.54
CA ASN C 433 3.18 26.61 18.38
C ASN C 433 1.77 26.14 18.74
N ASN C 434 0.80 26.44 17.87
CA ASN C 434 -0.54 25.86 17.98
C ASN C 434 -0.82 24.93 16.79
N PRO C 435 -0.71 23.60 17.02
CA PRO C 435 -0.43 22.94 18.29
C PRO C 435 1.06 22.82 18.60
N ALA C 436 1.36 22.37 19.83
CA ALA C 436 2.70 21.93 20.18
C ALA C 436 2.90 20.54 19.60
N SER C 437 4.15 20.13 19.42
CA SER C 437 4.45 18.82 18.83
C SER C 437 3.92 17.66 19.68
N LEU C 438 4.13 17.74 20.99
CA LEU C 438 3.62 16.74 21.94
C LEU C 438 2.11 16.62 21.84
N GLU C 439 1.45 17.77 21.68
CA GLU C 439 0.00 17.87 21.59
C GLU C 439 -0.52 17.18 20.33
N LEU C 440 0.15 17.42 19.20
CA LEU C 440 -0.21 16.79 17.93
C LEU C 440 0.06 15.29 17.97
N LYS C 441 1.19 14.91 18.56
CA LYS C 441 1.59 13.50 18.62
C LYS C 441 0.58 12.66 19.38
N VAL C 442 0.10 13.15 20.51
CA VAL C 442 -0.86 12.42 21.33
C VAL C 442 -2.25 12.46 20.69
N LEU C 443 -2.55 13.53 19.97
CA LEU C 443 -3.79 13.59 19.19
C LEU C 443 -3.76 12.53 18.08
N GLU C 444 -2.66 12.48 17.34
CA GLU C 444 -2.49 11.48 16.26
C GLU C 444 -2.43 10.06 16.80
N MET C 445 -1.88 9.89 18.01
CA MET C 445 -1.87 8.60 18.69
C MET C 445 -3.28 7.99 18.76
N ALA C 446 -4.26 8.82 19.12
CA ALA C 446 -5.65 8.38 19.18
C ALA C 446 -6.34 8.45 17.82
N GLU C 447 -6.23 9.61 17.15
CA GLU C 447 -6.96 9.87 15.90
C GLU C 447 -6.56 8.93 14.76
N ASN C 448 -5.26 8.64 14.68
CA ASN C 448 -4.74 7.85 13.57
C ASN C 448 -4.45 6.41 13.96
N ASN C 449 -3.56 6.24 14.94
CA ASN C 449 -2.98 4.94 15.23
C ASN C 449 -3.85 4.01 16.08
N LEU C 450 -4.61 4.58 17.01
CA LEU C 450 -5.60 3.81 17.77
C LEU C 450 -6.75 3.39 16.85
N ALA C 451 -7.18 4.31 15.99
CA ALA C 451 -8.27 4.05 15.05
C ALA C 451 -7.89 2.93 14.08
N LYS C 452 -6.70 3.02 13.49
CA LYS C 452 -6.20 1.96 12.60
C LYS C 452 -6.01 0.62 13.31
N MET C 453 -5.57 0.67 14.57
CA MET C 453 -5.48 -0.54 15.41
C MET C 453 -6.82 -1.25 15.48
N HIS C 454 -7.87 -0.51 15.77
CA HIS C 454 -9.22 -1.06 15.83
C HIS C 454 -9.68 -1.60 14.47
N VAL C 455 -9.44 -0.82 13.42
CA VAL C 455 -9.77 -1.23 12.05
C VAL C 455 -9.06 -2.55 11.71
N GLY C 456 -7.79 -2.63 12.07
CA GLY C 456 -7.00 -3.86 11.88
C GLY C 456 -7.67 -5.05 12.56
N LEU C 457 -8.07 -4.86 13.81
CA LEU C 457 -8.76 -5.88 14.59
C LEU C 457 -10.12 -6.27 14.00
N ALA C 458 -10.93 -5.26 13.66
CA ALA C 458 -12.27 -5.51 13.12
C ALA C 458 -12.24 -6.28 11.80
N HIS C 459 -11.16 -6.09 11.04
CA HIS C 459 -11.08 -6.63 9.69
C HIS C 459 -10.03 -7.72 9.50
N VAL C 460 -9.56 -8.25 10.63
CA VAL C 460 -8.79 -9.50 10.70
C VAL C 460 -7.44 -9.44 9.96
N ASN C 461 -6.73 -8.34 10.16
CA ASN C 461 -5.37 -8.19 9.66
C ASN C 461 -4.38 -8.08 10.82
N PRO C 462 -3.75 -9.20 11.20
CA PRO C 462 -2.87 -9.30 12.37
C PRO C 462 -1.78 -8.22 12.43
N GLY C 463 -1.05 -8.03 11.35
CA GLY C 463 -0.04 -6.97 11.28
C GLY C 463 -0.62 -5.58 11.45
N GLY C 464 -1.91 -5.43 11.11
CA GLY C 464 -2.62 -4.17 11.23
C GLY C 464 -2.99 -3.74 12.64
N TRP C 465 -2.71 -4.56 13.64
CA TRP C 465 -2.88 -4.14 15.03
C TRP C 465 -1.68 -4.41 15.92
N THR C 466 -0.65 -5.02 15.34
CA THR C 466 0.55 -5.40 16.08
C THR C 466 1.77 -4.62 15.60
N TYR C 467 2.54 -5.21 14.68
CA TYR C 467 3.81 -4.63 14.21
C TYR C 467 3.66 -3.32 13.44
N THR C 468 2.74 -3.31 12.48
CA THR C 468 2.75 -2.34 11.39
C THR C 468 1.79 -1.17 11.62
N GLU C 469 0.54 -1.46 11.95
CA GLU C 469 -0.40 -0.44 12.39
C GLU C 469 -0.87 -0.73 13.80
N GLY C 470 -1.27 0.32 14.52
CA GLY C 470 -1.80 0.15 15.87
C GLY C 470 -0.75 0.08 16.94
N TRP C 471 -0.48 -1.13 17.44
CA TRP C 471 0.40 -1.32 18.60
C TRP C 471 1.82 -0.79 18.44
N GLY C 472 2.44 -1.10 17.30
CA GLY C 472 3.80 -0.65 17.01
C GLY C 472 3.95 0.86 17.00
N PRO C 473 3.14 1.55 16.16
CA PRO C 473 3.12 3.01 16.10
C PRO C 473 2.67 3.69 17.39
N MET C 474 1.71 3.11 18.10
CA MET C 474 1.31 3.66 19.40
C MET C 474 2.41 3.53 20.44
N ASN C 475 3.18 2.44 20.37
CA ASN C 475 4.34 2.24 21.23
C ASN C 475 5.37 3.35 21.04
N ARG C 476 5.65 3.69 19.78
CA ARG C 476 6.60 4.76 19.45
C ARG C 476 6.15 6.11 19.99
N ALA C 477 4.88 6.43 19.76
CA ALA C 477 4.27 7.64 20.29
C ALA C 477 4.39 7.68 21.82
N TYR C 478 4.10 6.56 22.48
CA TYR C 478 4.19 6.48 23.94
C TYR C 478 5.62 6.76 24.39
N VAL C 479 6.57 6.07 23.77
CA VAL C 479 7.99 6.20 24.09
C VAL C 479 8.47 7.64 23.92
N GLU C 480 8.14 8.22 22.78
CA GLU C 480 8.58 9.58 22.43
C GLU C 480 7.91 10.65 23.29
N ILE C 481 6.67 10.39 23.72
CA ILE C 481 5.97 11.27 24.65
C ILE C 481 6.68 11.28 26.01
N GLN C 482 6.97 10.09 26.54
CA GLN C 482 7.67 9.95 27.82
C GLN C 482 9.06 10.59 27.78
N ASP C 483 9.75 10.41 26.66
CA ASP C 483 11.10 10.93 26.45
C ASP C 483 11.11 12.46 26.49
N GLU C 484 10.25 13.09 25.69
CA GLU C 484 10.16 14.55 25.64
C GLU C 484 9.73 15.14 27.00
N TYR C 485 8.80 14.46 27.66
CA TYR C 485 8.35 14.86 28.99
C TYR C 485 9.49 14.89 30.01
N THR C 486 10.29 13.82 30.03
CA THR C 486 11.45 13.72 30.92
C THR C 486 12.50 14.76 30.57
N LYS C 487 12.80 14.90 29.28
CA LYS C 487 13.71 15.93 28.77
C LYS C 487 13.27 17.34 29.17
N MET C 488 11.98 17.63 29.01
CA MET C 488 11.44 18.94 29.36
C MET C 488 11.38 19.18 30.88
N GLN C 489 11.24 18.09 31.64
CA GLN C 489 11.29 18.17 33.11
C GLN C 489 12.67 18.57 33.60
N GLU C 490 13.72 17.95 33.06
CA GLU C 490 15.07 18.23 33.53
C GLU C 490 15.60 19.57 33.03
N LEU C 491 15.11 20.00 31.87
CA LEU C 491 15.42 21.32 31.32
C LEU C 491 14.73 22.41 32.14
N SER C 492 13.52 22.12 32.61
CA SER C 492 12.80 23.01 33.53
C SER C 492 13.56 23.15 34.85
N ALA C 493 14.05 22.03 35.36
CA ALA C 493 14.85 22.00 36.61
C ALA C 493 16.18 22.73 36.44
N LEU C 494 16.75 22.68 35.24
CA LEU C 494 17.98 23.38 34.92
C LEU C 494 17.76 24.89 34.83
N GLN C 495 16.62 25.28 34.28
CA GLN C 495 16.23 26.69 34.22
C GLN C 495 15.94 27.24 35.62
N ALA C 496 15.44 26.38 36.50
CA ALA C 496 15.19 26.74 37.89
C ALA C 496 16.49 27.01 38.66
N ARG C 497 17.53 26.24 38.35
CA ARG C 497 18.83 26.41 38.98
C ARG C 497 19.54 27.68 38.51
N VAL C 498 19.33 28.04 37.25
CA VAL C 498 19.82 29.31 36.70
C VAL C 498 19.04 30.48 37.30
N ASN C 499 17.73 30.27 37.45
CA ASN C 499 16.83 31.23 38.09
C ASN C 499 17.30 31.65 39.49
N LYS C 500 17.68 30.67 40.32
CA LYS C 500 18.14 30.96 41.68
C LYS C 500 19.62 31.33 41.77
N LEU C 501 20.29 31.45 40.63
CA LEU C 501 21.64 32.00 40.55
C LEU C 501 21.60 33.49 40.19
N GLU C 502 20.47 33.92 39.63
CA GLU C 502 20.26 35.32 39.27
C GLU C 502 19.67 36.10 40.43
N SER D 1 -28.81 11.46 28.69
CA SER D 1 -27.62 11.83 29.53
C SER D 1 -26.46 10.86 29.33
N SER D 2 -25.25 11.36 29.54
CA SER D 2 -24.02 10.61 29.30
C SER D 2 -23.78 9.50 30.32
N LEU D 3 -23.00 8.50 29.91
CA LEU D 3 -22.46 7.50 30.81
C LEU D 3 -21.29 8.08 31.59
N ALA D 4 -21.13 7.62 32.84
CA ALA D 4 -19.97 7.99 33.65
C ALA D 4 -18.71 7.38 33.02
N PRO D 5 -17.64 8.19 32.89
CA PRO D 5 -16.39 7.72 32.26
C PRO D 5 -15.73 6.57 33.03
N ILE D 6 -15.42 5.49 32.31
CA ILE D 6 -14.66 4.38 32.87
C ILE D 6 -13.45 4.13 31.98
N SER D 7 -12.26 4.15 32.58
CA SER D 7 -11.01 3.97 31.84
C SER D 7 -10.96 2.60 31.17
N ALA D 8 -10.24 2.52 30.05
CA ALA D 8 -10.13 1.28 29.28
C ALA D 8 -9.58 0.13 30.11
N LYS D 9 -8.58 0.42 30.94
CA LYS D 9 -7.99 -0.59 31.82
C LYS D 9 -9.01 -1.19 32.80
N ASP D 10 -9.90 -0.33 33.32
CA ASP D 10 -10.96 -0.77 34.21
C ASP D 10 -12.04 -1.55 33.45
N MET D 11 -12.31 -1.12 32.22
CA MET D 11 -13.22 -1.84 31.32
C MET D 11 -12.71 -3.25 31.01
N LEU D 12 -11.40 -3.37 30.82
CA LEU D 12 -10.73 -4.65 30.54
C LEU D 12 -10.77 -5.59 31.74
N ASP D 13 -10.46 -5.06 32.92
CA ASP D 13 -10.50 -5.82 34.16
C ASP D 13 -11.92 -6.31 34.44
N TYR D 14 -12.90 -5.44 34.21
CA TYR D 14 -14.31 -5.78 34.34
C TYR D 14 -14.71 -6.93 33.41
N LEU D 15 -14.25 -6.87 32.16
CA LEU D 15 -14.53 -7.92 31.18
C LEU D 15 -13.81 -9.23 31.50
N ALA D 16 -12.57 -9.11 31.99
CA ALA D 16 -11.80 -10.28 32.42
C ALA D 16 -12.47 -11.06 33.55
N CYS D 17 -13.44 -10.41 34.20
CA CYS D 17 -14.12 -10.99 35.35
C CYS D 17 -15.53 -11.52 35.06
N LYS D 18 -15.92 -11.53 33.79
CA LYS D 18 -17.19 -12.12 33.39
C LYS D 18 -17.16 -13.64 33.50
N ASP D 19 -18.21 -14.20 34.11
CA ASP D 19 -18.29 -15.63 34.45
C ASP D 19 -17.21 -16.07 35.46
N LYS D 20 -16.77 -15.12 36.28
CA LYS D 20 -15.83 -15.39 37.36
C LYS D 20 -16.41 -14.99 38.70
N LYS D 21 -15.89 -15.60 39.77
CA LYS D 21 -16.32 -15.28 41.13
C LYS D 21 -15.69 -13.95 41.56
N PRO D 22 -16.38 -13.21 42.46
CA PRO D 22 -15.82 -11.97 43.01
C PRO D 22 -14.47 -12.16 43.74
N THR D 23 -14.20 -13.37 44.24
CA THR D 23 -12.93 -13.65 44.92
C THR D 23 -11.83 -14.10 43.96
N ASP D 24 -12.17 -14.34 42.69
CA ASP D 24 -11.19 -14.71 41.68
C ASP D 24 -10.23 -13.56 41.42
N VAL D 25 -8.96 -13.91 41.22
CA VAL D 25 -7.91 -12.94 40.95
C VAL D 25 -7.38 -13.12 39.54
N VAL D 26 -7.55 -12.09 38.72
CA VAL D 26 -7.12 -12.11 37.33
C VAL D 26 -5.93 -11.17 37.08
N LYS D 27 -5.17 -11.45 36.04
CA LYS D 27 -4.14 -10.54 35.57
C LYS D 27 -4.76 -9.37 34.82
N SER D 28 -4.17 -8.19 35.02
CA SER D 28 -4.46 -7.01 34.21
C SER D 28 -4.13 -7.30 32.74
N HIS D 29 -4.80 -6.59 31.84
CA HIS D 29 -4.48 -6.67 30.42
C HIS D 29 -3.55 -5.53 29.99
N THR D 30 -3.28 -4.59 30.89
CA THR D 30 -2.59 -3.35 30.55
C THR D 30 -1.42 -2.95 31.46
N GLU D 31 -1.50 -3.33 32.73
CA GLU D 31 -0.58 -2.78 33.74
C GLU D 31 0.57 -3.71 34.13
N VAL D 32 1.78 -3.14 34.13
CA VAL D 32 2.96 -3.81 34.63
C VAL D 32 3.59 -2.90 35.69
N GLU D 33 3.80 -3.44 36.89
CA GLU D 33 4.46 -2.70 37.97
C GLU D 33 5.49 -3.61 38.63
N ASN D 34 6.67 -3.07 38.86
CA ASN D 34 7.78 -3.80 39.51
C ASN D 34 8.16 -5.10 38.80
N GLY D 35 8.16 -5.06 37.47
CA GLY D 35 8.53 -6.22 36.64
C GLY D 35 7.50 -7.34 36.59
N LYS D 36 6.26 -7.05 37.01
CA LYS D 36 5.19 -8.05 36.99
C LYS D 36 3.88 -7.42 36.54
N ILE D 37 3.04 -8.23 35.89
CA ILE D 37 1.68 -7.83 35.56
C ILE D 37 0.90 -7.68 36.87
N VAL D 38 0.22 -6.56 37.01
CA VAL D 38 -0.61 -6.28 38.18
C VAL D 38 -1.78 -7.26 38.22
N ARG D 39 -2.07 -7.79 39.41
CA ARG D 39 -3.24 -8.66 39.59
C ARG D 39 -4.41 -7.86 40.13
N VAL D 40 -5.61 -8.19 39.67
CA VAL D 40 -6.82 -7.51 40.10
C VAL D 40 -7.83 -8.51 40.64
N LYS D 41 -8.36 -8.23 41.82
CA LYS D 41 -9.43 -9.00 42.41
C LYS D 41 -10.76 -8.61 41.75
N CYS D 42 -11.50 -9.61 41.28
CA CYS D 42 -12.73 -9.39 40.52
C CYS D 42 -13.79 -8.59 41.28
N GLY D 43 -13.95 -8.86 42.57
CA GLY D 43 -14.90 -8.13 43.41
C GLY D 43 -14.66 -6.64 43.42
N ASP D 44 -13.38 -6.26 43.46
CA ASP D 44 -12.97 -4.84 43.51
C ASP D 44 -13.31 -4.06 42.23
N ILE D 45 -13.03 -4.65 41.07
CA ILE D 45 -13.32 -3.98 39.79
C ILE D 45 -14.83 -3.92 39.51
N VAL D 46 -15.55 -4.98 39.85
CA VAL D 46 -17.01 -5.01 39.71
C VAL D 46 -17.65 -3.90 40.56
N ALA D 47 -17.14 -3.70 41.77
CA ALA D 47 -17.63 -2.64 42.66
C ALA D 47 -17.31 -1.24 42.11
N LEU D 48 -16.13 -1.09 41.52
CA LEU D 48 -15.70 0.17 40.91
C LEU D 48 -16.61 0.54 39.74
N VAL D 49 -16.96 -0.45 38.92
CA VAL D 49 -17.83 -0.26 37.77
C VAL D 49 -19.29 0.00 38.19
N GLN D 50 -19.78 -0.77 39.16
CA GLN D 50 -21.13 -0.58 39.71
C GLN D 50 -21.38 0.84 40.22
N LYS D 51 -20.37 1.41 40.88
CA LYS D 51 -20.41 2.79 41.35
C LYS D 51 -20.56 3.78 40.19
N ALA D 52 -19.86 3.51 39.09
CA ALA D 52 -19.92 4.34 37.89
C ALA D 52 -21.26 4.20 37.15
N ARG D 53 -21.82 2.98 37.14
CA ARG D 53 -23.12 2.73 36.54
C ARG D 53 -24.24 3.40 37.33
N GLU D 54 -23.98 3.62 38.62
CA GLU D 54 -24.91 4.30 39.53
C GLU D 54 -24.68 5.82 39.53
N GLN D 55 -23.48 6.23 39.13
CA GLN D 55 -23.13 7.65 38.99
C GLN D 55 -23.89 8.33 37.85
N SER D 56 -24.23 7.54 36.82
CA SER D 56 -24.94 8.04 35.65
C SER D 56 -26.38 7.54 35.57
N GLY D 57 -26.83 6.87 36.62
CA GLY D 57 -28.20 6.36 36.70
C GLY D 57 -28.41 5.11 35.86
N ASP E 1 7.94 10.49 -44.46
CA ASP E 1 7.52 11.39 -43.34
C ASP E 1 6.81 10.61 -42.24
N ILE E 2 7.34 10.70 -41.03
CA ILE E 2 6.66 10.18 -39.85
C ILE E 2 5.86 11.34 -39.27
N SER E 3 4.56 11.34 -39.56
CA SER E 3 3.68 12.50 -39.28
C SER E 3 3.42 12.75 -37.79
N THR E 4 3.74 11.76 -36.96
CA THR E 4 3.57 11.87 -35.51
C THR E 4 4.79 12.48 -34.81
N VAL E 5 5.87 12.67 -35.57
CA VAL E 5 7.07 13.34 -35.08
C VAL E 5 6.99 14.85 -35.35
N PRO E 6 7.19 15.69 -34.30
CA PRO E 6 7.17 17.15 -34.37
C PRO E 6 8.21 17.73 -35.34
N ASP E 7 7.89 18.90 -35.91
CA ASP E 7 8.81 19.65 -36.77
C ASP E 7 10.14 19.93 -36.08
N GLU E 8 10.07 20.27 -34.79
CA GLU E 8 11.24 20.60 -33.97
C GLU E 8 12.31 19.52 -34.02
N THR E 9 11.88 18.26 -34.09
CA THR E 9 12.79 17.12 -34.17
C THR E 9 13.53 17.07 -35.50
N TYR E 10 12.78 17.13 -36.61
CA TYR E 10 13.37 17.17 -37.95
C TYR E 10 14.30 18.36 -38.11
N ASP E 11 13.88 19.52 -37.59
CA ASP E 11 14.67 20.75 -37.60
C ASP E 11 15.97 20.61 -36.83
N ALA E 12 15.89 20.07 -35.61
CA ALA E 12 17.07 19.84 -34.77
C ALA E 12 18.01 18.81 -35.39
N LEU E 13 17.45 17.94 -36.21
CA LEU E 13 18.22 16.92 -36.93
C LEU E 13 18.73 17.40 -38.30
N LYS E 14 18.36 18.63 -38.65
CA LYS E 14 18.70 19.24 -39.96
C LYS E 14 18.21 18.36 -41.11
N LEU E 15 16.94 17.96 -41.03
CA LEU E 15 16.35 17.08 -42.03
C LEU E 15 15.07 17.68 -42.61
N ASP E 16 14.81 17.35 -43.87
CA ASP E 16 13.56 17.71 -44.54
C ASP E 16 12.55 16.56 -44.37
N ARG E 17 11.38 16.88 -43.82
CA ARG E 17 10.32 15.90 -43.56
C ARG E 17 9.97 15.02 -44.75
N GLY E 18 9.75 15.65 -45.90
CA GLY E 18 9.32 14.94 -47.10
C GLY E 18 10.40 14.14 -47.79
N LYS E 19 11.62 14.66 -47.77
CA LYS E 19 12.74 14.03 -48.48
C LYS E 19 13.42 12.92 -47.70
N ALA E 20 13.59 13.12 -46.39
CA ALA E 20 14.31 12.16 -45.55
C ALA E 20 13.77 10.74 -45.69
N THR E 21 14.68 9.79 -45.90
CA THR E 21 14.35 8.37 -45.92
C THR E 21 14.37 7.83 -44.49
N PRO E 22 13.75 6.64 -44.27
CA PRO E 22 13.88 5.96 -42.98
C PRO E 22 15.33 5.77 -42.53
N LYS E 23 16.19 5.35 -43.46
CA LYS E 23 17.63 5.19 -43.19
C LYS E 23 18.23 6.49 -42.69
N GLU E 24 17.94 7.59 -43.37
CA GLU E 24 18.49 8.90 -43.02
C GLU E 24 17.98 9.41 -41.67
N THR E 25 16.68 9.25 -41.43
CA THR E 25 16.07 9.68 -40.17
C THR E 25 16.61 8.88 -38.99
N TYR E 26 16.65 7.55 -39.14
CA TYR E 26 17.24 6.67 -38.14
C TYR E 26 18.69 7.06 -37.81
N GLU E 27 19.51 7.22 -38.85
CA GLU E 27 20.93 7.56 -38.69
C GLU E 27 21.15 8.88 -37.96
N ALA E 28 20.34 9.88 -38.28
CA ALA E 28 20.40 11.18 -37.62
C ALA E 28 20.00 11.09 -36.14
N LEU E 29 18.93 10.34 -35.85
CA LEU E 29 18.48 10.14 -34.49
C LEU E 29 19.52 9.42 -33.64
N VAL E 30 20.13 8.37 -34.21
CA VAL E 30 21.15 7.57 -33.54
C VAL E 30 22.44 8.37 -33.29
N LYS E 31 22.84 9.19 -34.27
CA LYS E 31 24.00 10.08 -34.14
C LYS E 31 23.88 10.99 -32.91
N ARG E 32 22.71 11.59 -32.71
CA ARG E 32 22.44 12.41 -31.53
C ARG E 32 22.33 11.55 -30.28
N TYR E 33 21.57 10.46 -30.39
CA TYR E 33 21.30 9.53 -29.30
C TYR E 33 22.56 8.98 -28.63
N LYS E 34 23.60 8.75 -29.43
CA LYS E 34 24.82 8.10 -28.94
C LYS E 34 25.95 9.07 -28.67
N ASP E 35 25.67 10.37 -28.82
CA ASP E 35 26.67 11.42 -28.62
C ASP E 35 26.77 11.77 -27.13
N PRO E 36 27.98 11.65 -26.55
CA PRO E 36 28.20 12.01 -25.15
C PRO E 36 27.74 13.43 -24.81
N ALA E 37 27.91 14.36 -25.73
CA ALA E 37 27.49 15.75 -25.56
C ALA E 37 25.97 15.86 -25.44
N HIS E 38 25.25 14.87 -25.99
CA HIS E 38 23.79 14.83 -25.91
C HIS E 38 23.27 13.88 -24.81
N GLY E 39 24.16 13.43 -23.94
CA GLY E 39 23.78 12.69 -22.74
C GLY E 39 24.25 11.24 -22.60
N ALA E 40 24.75 10.66 -23.69
CA ALA E 40 25.21 9.27 -23.69
C ALA E 40 26.51 9.08 -22.90
N GLY E 41 26.84 7.83 -22.59
CA GLY E 41 28.09 7.50 -21.90
C GLY E 41 28.01 7.62 -20.39
N LYS E 42 29.14 7.96 -19.78
CA LYS E 42 29.24 8.06 -18.32
C LYS E 42 28.89 9.46 -17.79
N GLY E 43 28.77 10.43 -18.70
CA GLY E 43 28.43 11.80 -18.31
C GLY E 43 29.56 12.56 -17.65
N THR E 44 29.25 13.74 -17.12
CA THR E 44 30.28 14.69 -16.67
C THR E 44 31.00 14.28 -15.38
N MET E 45 30.40 13.38 -14.62
CA MET E 45 30.99 12.93 -13.36
C MET E 45 31.48 11.48 -13.43
N GLY E 46 31.75 11.02 -14.66
CA GLY E 46 32.21 9.65 -14.91
C GLY E 46 33.48 9.21 -14.19
N ASP E 47 34.33 10.17 -13.81
CA ASP E 47 35.59 9.84 -13.12
C ASP E 47 35.40 9.52 -11.64
N TYR E 48 34.17 9.67 -11.16
CA TYR E 48 33.89 9.47 -9.73
C TYR E 48 33.27 8.11 -9.40
N TRP E 49 32.80 7.40 -10.42
CA TRP E 49 32.11 6.13 -10.22
C TRP E 49 32.51 5.09 -11.25
N GLU E 50 32.41 3.83 -10.86
CA GLU E 50 32.69 2.70 -11.73
C GLU E 50 31.44 1.84 -11.85
N PRO E 51 31.24 1.20 -13.01
CA PRO E 51 30.10 0.30 -13.16
C PRO E 51 30.21 -0.90 -12.24
N ILE E 52 29.06 -1.43 -11.82
CA ILE E 52 29.02 -2.72 -11.13
C ILE E 52 28.55 -3.77 -12.15
N ALA E 53 28.43 -5.02 -11.71
CA ALA E 53 28.11 -6.12 -12.62
C ALA E 53 26.81 -5.90 -13.41
N ILE E 54 25.78 -5.41 -12.73
CA ILE E 54 24.46 -5.20 -13.35
C ILE E 54 24.45 -4.04 -14.35
N SER E 55 25.49 -3.21 -14.31
CA SER E 55 25.57 -2.01 -15.16
C SER E 55 25.66 -2.31 -16.65
N ILE E 56 26.11 -3.52 -17.00
CA ILE E 56 26.21 -3.93 -18.40
C ILE E 56 24.83 -4.11 -19.04
N TYR E 57 23.81 -4.25 -18.21
CA TYR E 57 22.42 -4.38 -18.67
C TYR E 57 21.67 -3.04 -18.59
N MET E 58 22.12 -2.18 -17.69
CA MET E 58 21.51 -0.85 -17.50
C MET E 58 21.97 0.15 -18.56
N ASP E 59 23.28 0.14 -18.87
CA ASP E 59 23.84 0.96 -19.95
C ASP E 59 24.71 0.09 -20.87
N PRO E 60 24.07 -0.73 -21.73
CA PRO E 60 24.81 -1.66 -22.58
C PRO E 60 25.78 -1.01 -23.57
N ASN E 61 25.39 0.13 -24.16
CA ASN E 61 26.22 0.82 -25.14
C ASN E 61 27.56 1.31 -24.59
N THR E 62 27.61 1.60 -23.30
CA THR E 62 28.85 2.01 -22.64
C THR E 62 29.61 0.81 -22.07
N PHE E 63 28.87 -0.15 -21.50
CA PHE E 63 29.48 -1.16 -20.64
C PHE E 63 29.45 -2.61 -21.11
N TYR E 64 28.53 -2.96 -22.02
CA TYR E 64 28.31 -4.37 -22.33
C TYR E 64 29.33 -5.04 -23.27
N LYS E 65 29.84 -6.18 -22.81
CA LYS E 65 30.54 -7.12 -23.66
C LYS E 65 29.93 -8.51 -23.43
N PRO E 66 29.86 -9.33 -24.50
CA PRO E 66 29.31 -10.68 -24.43
C PRO E 66 30.12 -11.58 -23.47
N PRO E 67 29.50 -12.67 -22.96
CA PRO E 67 30.18 -13.57 -22.02
C PRO E 67 31.31 -14.35 -22.68
N VAL E 68 32.34 -14.67 -21.91
CA VAL E 68 33.49 -15.45 -22.40
C VAL E 68 33.13 -16.91 -22.72
N SER E 69 32.12 -17.43 -22.02
CA SER E 69 31.57 -18.75 -22.32
C SER E 69 30.03 -18.69 -22.25
N PRO E 70 29.33 -19.57 -22.99
CA PRO E 70 29.84 -20.68 -23.81
C PRO E 70 30.60 -20.23 -25.06
N LYS E 71 31.59 -21.02 -25.45
CA LYS E 71 32.33 -20.80 -26.69
C LYS E 71 31.57 -21.51 -27.80
N GLU E 72 30.60 -20.81 -28.39
CA GLU E 72 29.69 -21.39 -29.37
C GLU E 72 29.54 -20.51 -30.60
N VAL E 73 29.32 -21.16 -31.74
CA VAL E 73 29.04 -20.47 -33.01
C VAL E 73 27.71 -21.02 -33.53
N ALA E 74 26.69 -20.17 -33.55
CA ALA E 74 25.31 -20.64 -33.69
C ALA E 74 24.52 -20.01 -34.82
N GLU E 75 23.65 -20.81 -35.42
CA GLU E 75 22.66 -20.34 -36.39
C GLU E 75 21.41 -19.80 -35.68
N ARG E 76 20.56 -19.11 -36.44
CA ARG E 76 19.28 -18.60 -35.98
C ARG E 76 18.48 -19.65 -35.19
N LYS E 77 18.38 -20.86 -35.74
CA LYS E 77 17.66 -21.96 -35.11
C LYS E 77 18.33 -22.48 -33.83
N ASP E 78 19.66 -22.33 -33.74
CA ASP E 78 20.41 -22.83 -32.59
C ASP E 78 20.17 -22.02 -31.33
N CYS E 79 19.92 -20.72 -31.49
CA CYS E 79 19.60 -19.83 -30.37
C CYS E 79 18.41 -20.36 -29.60
N VAL E 80 17.37 -20.74 -30.34
CA VAL E 80 16.12 -21.25 -29.80
C VAL E 80 16.30 -22.60 -29.10
N GLU E 81 16.95 -23.54 -29.81
CA GLU E 81 17.09 -24.92 -29.35
C GLU E 81 17.83 -25.04 -28.02
N CYS E 82 18.96 -24.36 -27.93
CA CYS E 82 19.82 -24.44 -26.74
C CYS E 82 19.26 -23.66 -25.55
N HIS E 83 18.72 -22.47 -25.81
CA HIS E 83 18.13 -21.65 -24.76
C HIS E 83 16.79 -22.20 -24.26
N SER E 84 16.21 -23.15 -25.00
CA SER E 84 14.94 -23.78 -24.63
C SER E 84 14.97 -24.46 -23.25
N ASP E 85 16.18 -24.78 -22.77
CA ASP E 85 16.33 -25.20 -21.37
C ASP E 85 17.37 -24.39 -20.60
N GLU E 86 18.22 -23.67 -21.33
CA GLU E 86 19.17 -22.74 -20.71
C GLU E 86 18.44 -21.54 -20.09
N THR E 87 17.55 -20.93 -20.87
CA THR E 87 16.67 -19.87 -20.39
C THR E 87 15.25 -20.14 -20.92
N PRO E 88 14.58 -21.18 -20.39
CA PRO E 88 13.36 -21.76 -20.99
C PRO E 88 12.23 -20.75 -21.25
N VAL E 89 11.92 -19.93 -20.24
CA VAL E 89 10.80 -19.01 -20.34
C VAL E 89 11.01 -17.91 -21.39
N TRP E 90 12.26 -17.46 -21.55
CA TRP E 90 12.58 -16.52 -22.62
C TRP E 90 12.15 -17.08 -23.98
N VAL E 91 12.46 -18.36 -24.22
CA VAL E 91 12.05 -19.05 -25.46
C VAL E 91 10.53 -19.18 -25.56
N ARG E 92 9.88 -19.60 -24.48
CA ARG E 92 8.43 -19.76 -24.46
C ARG E 92 7.70 -18.43 -24.62
N ALA E 93 8.14 -17.40 -23.89
CA ALA E 93 7.57 -16.05 -24.00
C ALA E 93 7.76 -15.46 -25.39
N TRP E 94 8.95 -15.67 -25.96
CA TRP E 94 9.22 -15.23 -27.34
C TRP E 94 8.33 -15.96 -28.35
N LYS E 95 8.20 -17.26 -28.20
CA LYS E 95 7.36 -18.10 -29.08
C LYS E 95 5.89 -17.68 -29.04
N ARG E 96 5.44 -17.20 -27.88
CA ARG E 96 4.08 -16.65 -27.71
C ARG E 96 3.93 -15.28 -28.39
N SER E 97 5.03 -14.56 -28.54
CA SER E 97 4.98 -13.14 -28.93
C SER E 97 4.74 -12.89 -30.42
N THR E 98 4.22 -11.70 -30.73
CA THR E 98 4.02 -11.24 -32.10
C THR E 98 5.31 -11.34 -32.93
N HIS E 99 6.43 -10.98 -32.31
CA HIS E 99 7.75 -11.06 -32.95
C HIS E 99 8.03 -12.44 -33.59
N ALA E 100 7.53 -13.50 -32.95
CA ALA E 100 7.70 -14.87 -33.45
C ALA E 100 6.57 -15.34 -34.38
N ASN E 101 5.54 -14.51 -34.54
CA ASN E 101 4.33 -14.91 -35.25
C ASN E 101 3.88 -13.88 -36.30
N LEU E 102 4.82 -13.43 -37.12
CA LEU E 102 4.56 -12.35 -38.10
C LEU E 102 3.56 -12.72 -39.20
N ASP E 103 3.49 -14.01 -39.54
CA ASP E 103 2.56 -14.49 -40.56
C ASP E 103 1.11 -14.31 -40.14
N LYS E 104 0.84 -14.53 -38.85
CA LYS E 104 -0.47 -14.32 -38.25
C LYS E 104 -0.91 -12.85 -38.40
N ILE E 105 0.06 -11.94 -38.30
CA ILE E 105 -0.20 -10.51 -38.50
C ILE E 105 -0.52 -10.19 -39.96
N ARG E 106 0.10 -10.91 -40.89
CA ARG E 106 -0.18 -10.77 -42.33
C ARG E 106 -1.57 -11.26 -42.71
N ASN E 107 -2.07 -12.25 -41.97
CA ASN E 107 -3.37 -12.84 -42.23
C ASN E 107 -4.55 -12.07 -41.62
N LEU E 108 -4.26 -10.96 -40.96
CA LEU E 108 -5.29 -10.18 -40.28
C LEU E 108 -6.26 -9.54 -41.28
N LYS E 109 -7.52 -9.43 -40.86
CA LYS E 109 -8.59 -8.90 -41.71
C LYS E 109 -8.86 -7.44 -41.37
N SER E 110 -9.30 -6.67 -42.36
CA SER E 110 -9.46 -5.22 -42.24
C SER E 110 -10.55 -4.81 -41.24
N ASP E 111 -11.41 -5.76 -40.85
CA ASP E 111 -12.45 -5.50 -39.86
C ASP E 111 -12.04 -5.93 -38.44
N ASP E 112 -10.80 -6.42 -38.30
CA ASP E 112 -10.21 -6.75 -37.00
C ASP E 112 -9.68 -5.46 -36.38
N PRO E 113 -10.02 -5.19 -35.10
CA PRO E 113 -9.47 -4.01 -34.43
C PRO E 113 -7.93 -4.03 -34.34
N LEU E 114 -7.35 -5.22 -34.46
CA LEU E 114 -5.90 -5.39 -34.42
C LEU E 114 -5.24 -5.31 -35.80
N TYR E 115 -6.01 -4.93 -36.82
CA TYR E 115 -5.49 -4.84 -38.19
C TYR E 115 -4.36 -3.83 -38.36
N TYR E 116 -4.36 -2.78 -37.54
CA TYR E 116 -3.31 -1.76 -37.57
C TYR E 116 -1.90 -2.36 -37.52
N LYS E 117 -1.78 -3.51 -36.85
CA LYS E 117 -0.51 -4.22 -36.72
C LYS E 117 0.05 -4.69 -38.06
N LYS E 118 -0.82 -5.01 -39.01
CA LYS E 118 -0.38 -5.37 -40.35
C LYS E 118 0.28 -4.18 -41.05
N GLY E 119 -0.33 -3.00 -40.91
CA GLY E 119 0.24 -1.76 -41.45
C GLY E 119 1.58 -1.42 -40.82
N LYS E 120 1.68 -1.67 -39.52
CA LYS E 120 2.92 -1.47 -38.77
C LYS E 120 4.02 -2.46 -39.16
N LEU E 121 3.63 -3.70 -39.46
CA LEU E 121 4.58 -4.71 -39.97
C LEU E 121 5.20 -4.24 -41.29
N GLU E 122 4.35 -3.77 -42.19
CA GLU E 122 4.77 -3.28 -43.51
C GLU E 122 5.60 -2.00 -43.40
N GLU E 123 5.29 -1.20 -42.37
CA GLU E 123 6.07 0.00 -42.06
C GLU E 123 7.48 -0.39 -41.63
N VAL E 124 7.58 -1.38 -40.75
CA VAL E 124 8.87 -1.94 -40.32
C VAL E 124 9.65 -2.47 -41.53
N GLU E 125 8.98 -3.22 -42.39
CA GLU E 125 9.58 -3.77 -43.60
C GLU E 125 10.08 -2.68 -44.54
N ASN E 126 9.27 -1.62 -44.69
CA ASN E 126 9.65 -0.44 -45.47
C ASN E 126 10.89 0.25 -44.90
N ASN E 127 10.92 0.41 -43.58
CA ASN E 127 12.09 0.94 -42.88
C ASN E 127 13.35 0.12 -43.18
N LEU E 128 13.21 -1.20 -43.09
CA LEU E 128 14.34 -2.14 -43.23
C LEU E 128 14.89 -2.23 -44.65
N ARG E 129 14.01 -2.16 -45.64
CA ARG E 129 14.43 -2.12 -47.04
C ARG E 129 15.25 -0.85 -47.30
N SER E 130 14.79 0.28 -46.75
CA SER E 130 15.51 1.55 -46.85
C SER E 130 16.90 1.47 -46.22
N MET E 131 17.02 0.70 -45.13
CA MET E 131 18.30 0.52 -44.43
C MET E 131 19.19 -0.54 -45.07
N GLY E 132 18.67 -1.25 -46.07
CA GLY E 132 19.41 -2.29 -46.76
C GLY E 132 19.46 -3.61 -46.02
N LYS E 133 18.64 -3.72 -44.96
CA LYS E 133 18.60 -4.93 -44.13
C LYS E 133 17.60 -5.97 -44.65
N LEU E 134 16.74 -5.54 -45.58
CA LEU E 134 15.72 -6.39 -46.15
C LEU E 134 15.58 -6.15 -47.66
N GLY E 135 15.47 -7.23 -48.42
CA GLY E 135 15.28 -7.15 -49.87
C GLY E 135 13.96 -6.51 -50.28
N GLU E 136 13.96 -5.89 -51.45
CA GLU E 136 12.78 -5.21 -52.00
C GLU E 136 11.58 -6.14 -52.17
N LYS E 137 11.85 -7.40 -52.51
CA LYS E 137 10.80 -8.41 -52.68
C LYS E 137 10.86 -9.47 -51.58
N GLU E 138 11.61 -9.18 -50.52
CA GLU E 138 11.79 -10.11 -49.40
C GLU E 138 10.94 -9.69 -48.19
N THR E 139 10.16 -10.62 -47.67
CA THR E 139 9.38 -10.38 -46.46
C THR E 139 10.22 -10.68 -45.23
N LEU E 140 9.98 -9.94 -44.15
CA LEU E 140 10.59 -10.24 -42.85
C LEU E 140 9.94 -11.49 -42.29
N LYS E 141 10.74 -12.55 -42.13
CA LYS E 141 10.23 -13.85 -41.71
C LYS E 141 9.83 -13.89 -40.24
N GLU E 142 10.68 -13.33 -39.38
CA GLU E 142 10.44 -13.26 -37.94
C GLU E 142 11.34 -12.21 -37.28
N VAL E 143 11.09 -12.00 -35.99
CA VAL E 143 11.98 -11.23 -35.13
C VAL E 143 12.42 -12.16 -34.00
N GLY E 144 13.52 -12.87 -34.23
CA GLY E 144 14.01 -13.89 -33.31
C GLY E 144 15.20 -13.44 -32.49
N CYS E 145 15.73 -14.34 -31.68
CA CYS E 145 16.86 -14.05 -30.79
C CYS E 145 18.00 -13.34 -31.52
N ILE E 146 18.42 -13.92 -32.64
CA ILE E 146 19.59 -13.44 -33.39
C ILE E 146 19.38 -12.04 -34.00
N ASP E 147 18.13 -11.67 -34.24
CA ASP E 147 17.82 -10.36 -34.82
C ASP E 147 18.09 -9.22 -33.83
N CYS E 148 17.51 -9.32 -32.64
CA CYS E 148 17.69 -8.30 -31.60
C CYS E 148 19.07 -8.40 -30.96
N HIS E 149 19.55 -9.62 -30.72
CA HIS E 149 20.76 -9.84 -29.94
C HIS E 149 22.08 -9.86 -30.75
N VAL E 150 21.97 -9.89 -32.09
CA VAL E 150 23.18 -9.84 -32.94
C VAL E 150 23.03 -8.81 -34.07
N ASP E 151 22.15 -9.10 -35.02
CA ASP E 151 21.88 -8.19 -36.14
C ASP E 151 20.55 -8.51 -36.81
N VAL E 152 19.81 -7.46 -37.17
CA VAL E 152 18.49 -7.59 -37.78
C VAL E 152 18.54 -8.31 -39.13
N ASN E 153 17.82 -9.43 -39.20
CA ASN E 153 17.71 -10.26 -40.42
C ASN E 153 19.02 -10.95 -40.81
N LYS E 154 19.82 -11.31 -39.80
CA LYS E 154 21.07 -12.05 -40.00
C LYS E 154 20.79 -13.42 -40.61
N LYS E 155 21.55 -13.76 -41.65
N LYS E 155 21.55 -13.76 -41.65
CA LYS E 155 21.36 -15.01 -42.39
CA LYS E 155 21.36 -15.00 -42.40
C LYS E 155 22.37 -16.09 -42.03
C LYS E 155 22.38 -16.09 -42.06
N ASP E 156 23.52 -15.68 -41.51
CA ASP E 156 24.62 -16.61 -41.20
C ASP E 156 24.82 -16.87 -39.70
N LYS E 157 26.00 -17.39 -39.35
CA LYS E 157 26.32 -17.81 -37.98
C LYS E 157 26.89 -16.67 -37.14
N ALA E 158 26.65 -16.74 -35.83
CA ALA E 158 27.13 -15.73 -34.89
C ALA E 158 28.05 -16.36 -33.85
N ASP E 159 29.07 -15.60 -33.44
CA ASP E 159 29.94 -16.01 -32.35
C ASP E 159 29.35 -15.50 -31.03
N HIS E 160 28.95 -16.43 -30.16
CA HIS E 160 28.32 -16.13 -28.86
C HIS E 160 29.21 -15.26 -27.97
N THR E 161 30.53 -15.37 -28.15
CA THR E 161 31.51 -14.65 -27.31
C THR E 161 31.91 -13.27 -27.86
N LYS E 162 31.40 -12.93 -29.04
CA LYS E 162 31.88 -11.77 -29.77
C LYS E 162 30.75 -10.92 -30.34
N ASP E 163 29.68 -11.58 -30.79
CA ASP E 163 28.61 -10.94 -31.56
C ASP E 163 27.35 -10.59 -30.74
N ILE E 164 27.19 -11.23 -29.58
CA ILE E 164 26.01 -10.99 -28.72
C ILE E 164 26.03 -9.59 -28.12
N ARG E 165 24.87 -8.93 -28.17
CA ARG E 165 24.68 -7.58 -27.63
C ARG E 165 23.37 -7.51 -26.84
N MET E 166 23.27 -6.53 -25.94
CA MET E 166 22.00 -6.21 -25.31
C MET E 166 21.24 -5.20 -26.16
N PRO E 167 20.02 -5.54 -26.59
CA PRO E 167 19.24 -4.65 -27.45
C PRO E 167 18.91 -3.34 -26.75
N THR E 168 19.41 -2.24 -27.30
CA THR E 168 19.19 -0.91 -26.76
C THR E 168 18.09 -0.22 -27.55
N ALA E 169 17.77 1.02 -27.20
CA ALA E 169 16.70 1.76 -27.88
C ALA E 169 16.95 1.88 -29.39
N ASP E 170 18.20 2.10 -29.78
CA ASP E 170 18.58 2.16 -31.19
C ASP E 170 18.43 0.82 -31.91
N THR E 171 18.58 -0.28 -31.17
CA THR E 171 18.37 -1.62 -31.73
C THR E 171 16.90 -1.80 -32.15
N CYS E 172 15.99 -1.52 -31.21
CA CYS E 172 14.54 -1.55 -31.48
C CYS E 172 14.17 -0.57 -32.58
N GLY E 173 14.78 0.61 -32.54
CA GLY E 173 14.49 1.70 -33.46
C GLY E 173 14.83 1.44 -34.92
N THR E 174 15.70 0.45 -35.16
CA THR E 174 16.04 0.00 -36.51
C THR E 174 14.78 -0.45 -37.23
N CYS E 175 13.89 -1.12 -36.50
CA CYS E 175 12.61 -1.55 -37.05
C CYS E 175 11.51 -0.57 -36.65
N HIS E 176 11.43 -0.30 -35.35
CA HIS E 176 10.40 0.58 -34.80
C HIS E 176 10.87 2.04 -34.81
N LEU E 177 11.06 2.57 -36.01
CA LEU E 177 11.56 3.94 -36.20
C LEU E 177 10.58 4.98 -35.66
N ARG E 178 9.29 4.80 -35.96
CA ARG E 178 8.26 5.72 -35.50
C ARG E 178 8.34 5.93 -33.99
N GLU E 179 8.30 4.82 -33.25
CA GLU E 179 8.27 4.87 -31.79
C GLU E 179 9.56 5.44 -31.19
N PHE E 180 10.69 5.05 -31.77
CA PHE E 180 12.01 5.54 -31.36
C PHE E 180 12.12 7.04 -31.60
N ALA E 181 11.62 7.50 -32.75
CA ALA E 181 11.64 8.92 -33.12
C ALA E 181 10.70 9.75 -32.24
N GLU E 182 9.48 9.25 -32.03
CA GLU E 182 8.54 9.88 -31.11
C GLU E 182 9.13 10.03 -29.71
N ARG E 183 9.74 8.97 -29.20
CA ARG E 183 10.38 9.00 -27.87
C ARG E 183 11.52 10.02 -27.85
N GLU E 184 12.36 10.00 -28.89
CA GLU E 184 13.47 10.94 -28.99
C GLU E 184 13.04 12.41 -29.11
N SER E 185 11.85 12.62 -29.70
CA SER E 185 11.29 13.98 -29.86
C SER E 185 11.02 14.70 -28.53
N GLU E 186 11.07 13.97 -27.42
CA GLU E 186 11.00 14.56 -26.07
C GLU E 186 12.17 15.53 -25.82
N ARG E 187 13.32 15.25 -26.41
CA ARG E 187 14.48 16.16 -26.37
C ARG E 187 14.15 17.54 -26.93
N ASP E 188 13.24 17.57 -27.89
CA ASP E 188 12.95 18.78 -28.65
C ASP E 188 11.67 19.48 -28.22
N THR E 189 10.75 18.74 -27.61
CA THR E 189 9.45 19.30 -27.21
C THR E 189 9.44 19.80 -25.77
N MET E 190 10.17 19.13 -24.89
CA MET E 190 10.19 19.50 -23.48
C MET E 190 11.19 20.63 -23.20
N VAL E 191 10.84 21.83 -23.66
CA VAL E 191 11.65 23.01 -23.44
C VAL E 191 10.84 23.99 -22.58
N TRP E 192 11.37 24.29 -21.39
CA TRP E 192 10.71 25.18 -20.46
C TRP E 192 10.90 26.65 -20.85
N PRO E 193 9.86 27.49 -20.65
CA PRO E 193 9.91 28.89 -21.08
C PRO E 193 10.98 29.70 -20.35
N ASN E 194 11.37 29.27 -19.16
CA ASN E 194 12.35 29.99 -18.36
C ASN E 194 13.42 29.08 -17.78
N GLY E 195 13.64 27.94 -18.44
CA GLY E 195 14.63 26.95 -18.02
C GLY E 195 14.40 26.41 -16.62
N GLN E 196 13.13 26.21 -16.25
CA GLN E 196 12.76 25.62 -14.96
C GLN E 196 13.44 24.28 -14.74
N TRP E 197 13.48 23.48 -15.80
CA TRP E 197 14.23 22.23 -15.86
C TRP E 197 15.16 22.31 -17.06
N PRO E 198 16.23 21.50 -17.09
CA PRO E 198 17.08 21.43 -18.28
C PRO E 198 16.26 21.05 -19.53
N ALA E 199 16.65 21.61 -20.67
CA ALA E 199 15.96 21.33 -21.94
C ALA E 199 15.85 19.84 -22.21
N GLY E 200 14.64 19.39 -22.54
CA GLY E 200 14.38 17.98 -22.80
C GLY E 200 14.03 17.18 -21.56
N ARG E 201 13.91 17.87 -20.42
CA ARG E 201 13.63 17.20 -19.15
C ARG E 201 12.48 17.87 -18.37
N PRO E 202 11.74 17.08 -17.55
CA PRO E 202 11.86 15.63 -17.39
C PRO E 202 11.29 14.86 -18.58
N SER E 203 11.85 13.69 -18.85
CA SER E 203 11.41 12.82 -19.95
C SER E 203 11.98 11.41 -19.82
N HIS E 204 11.42 10.49 -20.59
CA HIS E 204 11.97 9.15 -20.71
C HIS E 204 13.21 9.15 -21.61
N ALA E 205 13.27 10.11 -22.53
CA ALA E 205 14.38 10.22 -23.47
C ALA E 205 15.71 10.51 -22.77
N LEU E 206 15.63 11.19 -21.63
CA LEU E 206 16.82 11.58 -20.89
C LEU E 206 16.81 11.15 -19.41
N ASP E 207 16.08 10.07 -19.10
CA ASP E 207 16.00 9.60 -17.72
C ASP E 207 17.32 9.10 -17.15
N TYR E 208 18.11 8.41 -17.98
CA TYR E 208 19.41 7.89 -17.53
C TYR E 208 20.46 8.99 -17.38
N THR E 209 20.47 9.91 -18.34
CA THR E 209 21.30 11.11 -18.26
C THR E 209 21.00 11.89 -16.98
N ALA E 210 19.71 12.09 -16.68
CA ALA E 210 19.32 12.78 -15.44
C ALA E 210 19.89 12.09 -14.21
N ASN E 211 19.81 10.76 -14.22
CA ASN E 211 20.30 9.88 -13.16
C ASN E 211 21.80 10.03 -12.91
N ILE E 212 22.59 9.90 -13.97
CA ILE E 212 24.06 9.94 -13.86
C ILE E 212 24.59 11.38 -13.69
N GLU E 213 23.75 12.36 -13.96
CA GLU E 213 24.13 13.76 -13.76
C GLU E 213 23.64 14.29 -12.42
N THR E 214 23.14 13.39 -11.58
CA THR E 214 22.78 13.73 -10.21
C THR E 214 24.00 13.52 -9.34
N THR E 215 24.40 14.57 -8.61
CA THR E 215 25.66 14.56 -7.87
C THR E 215 25.85 13.42 -6.85
N VAL E 216 24.86 13.14 -6.00
CA VAL E 216 25.02 12.03 -5.03
C VAL E 216 25.13 10.67 -5.69
N TRP E 217 24.41 10.49 -6.79
CA TRP E 217 24.44 9.21 -7.50
C TRP E 217 25.87 8.88 -7.89
N ALA E 218 26.59 9.89 -8.38
CA ALA E 218 27.99 9.73 -8.79
C ALA E 218 28.95 9.78 -7.60
N ALA E 219 28.58 10.54 -6.57
CA ALA E 219 29.50 10.80 -5.45
C ALA E 219 29.46 9.78 -4.31
N MET E 220 28.29 9.19 -4.06
CA MET E 220 28.13 8.27 -2.92
C MET E 220 28.88 6.95 -3.10
N PRO E 221 29.46 6.41 -2.01
CA PRO E 221 30.21 5.16 -2.08
C PRO E 221 29.34 3.91 -2.23
N GLN E 222 28.10 4.00 -1.78
CA GLN E 222 27.17 2.87 -1.83
C GLN E 222 26.64 2.67 -3.24
N ARG E 223 27.42 1.99 -4.07
CA ARG E 223 27.09 1.84 -5.50
C ARG E 223 25.80 1.05 -5.75
N GLU E 224 25.61 0.00 -4.95
CA GLU E 224 24.46 -0.88 -5.10
C GLU E 224 23.15 -0.16 -4.70
N VAL E 225 23.26 0.81 -3.80
CA VAL E 225 22.12 1.68 -3.47
C VAL E 225 21.82 2.62 -4.64
N ALA E 226 22.85 3.33 -5.11
CA ALA E 226 22.73 4.25 -6.25
C ALA E 226 22.11 3.58 -7.48
N GLU E 227 22.45 2.31 -7.69
CA GLU E 227 22.02 1.57 -8.88
C GLU E 227 20.54 1.18 -8.85
N GLY E 228 19.94 1.23 -7.67
CA GLY E 228 18.49 1.12 -7.53
C GLY E 228 17.81 2.29 -8.23
N CYS E 229 18.41 3.47 -8.13
CA CYS E 229 17.94 4.66 -8.84
C CYS E 229 18.03 4.44 -10.34
N THR E 230 19.16 3.89 -10.78
CA THR E 230 19.39 3.56 -12.19
C THR E 230 18.28 2.67 -12.77
N MET E 231 17.84 1.67 -12.00
CA MET E 231 16.82 0.73 -12.46
C MET E 231 15.46 1.39 -12.83
N CYS E 232 15.16 2.53 -12.18
CA CYS E 232 13.99 3.34 -12.54
C CYS E 232 14.27 4.34 -13.66
N HIS E 233 15.53 4.43 -14.09
CA HIS E 233 15.96 5.48 -15.01
C HIS E 233 16.63 4.91 -16.28
N THR E 234 16.14 3.77 -16.78
CA THR E 234 16.78 3.12 -17.93
C THR E 234 16.06 3.24 -19.27
N ASN E 235 14.94 3.96 -19.31
CA ASN E 235 14.16 4.11 -20.56
C ASN E 235 14.97 4.68 -21.72
N GLN E 236 15.86 5.63 -21.41
CA GLN E 236 16.82 6.16 -22.37
C GLN E 236 17.55 5.03 -23.07
N ASN E 237 18.02 4.07 -22.29
CA ASN E 237 18.91 3.02 -22.79
C ASN E 237 18.22 1.81 -23.39
N LYS E 238 17.09 1.41 -22.82
CA LYS E 238 16.40 0.20 -23.26
C LYS E 238 14.88 0.38 -23.28
N CYS E 239 14.24 -0.25 -24.26
CA CYS E 239 12.82 -0.08 -24.53
C CYS E 239 11.89 -1.13 -23.90
N ASP E 240 12.40 -1.86 -22.90
CA ASP E 240 11.64 -2.99 -22.34
C ASP E 240 11.04 -2.77 -20.94
N ASN E 241 10.87 -1.52 -20.53
CA ASN E 241 10.37 -1.23 -19.19
C ASN E 241 8.82 -1.17 -19.06
N CYS E 242 8.13 -0.79 -20.14
CA CYS E 242 6.65 -0.81 -20.13
C CYS E 242 6.10 -2.07 -20.77
N HIS E 243 6.55 -2.35 -22.00
CA HIS E 243 6.35 -3.66 -22.62
C HIS E 243 7.63 -4.47 -22.42
N THR E 244 7.57 -5.45 -21.52
CA THR E 244 8.76 -6.16 -21.04
C THR E 244 9.23 -7.29 -21.95
N ARG E 245 10.51 -7.62 -21.85
CA ARG E 245 11.07 -8.83 -22.45
C ARG E 245 10.48 -10.06 -21.74
N HIS E 246 10.27 -11.16 -22.47
CA HIS E 246 10.50 -11.28 -23.90
C HIS E 246 9.19 -11.42 -24.69
N GLU E 247 8.08 -11.11 -24.03
CA GLU E 247 6.76 -11.13 -24.66
C GLU E 247 6.55 -9.87 -25.51
N PHE E 248 7.13 -8.75 -25.08
CA PHE E 248 6.97 -7.44 -25.73
C PHE E 248 5.53 -7.16 -26.15
N SER E 249 4.62 -7.23 -25.18
CA SER E 249 3.19 -7.04 -25.42
C SER E 249 2.79 -5.58 -25.26
N ALA E 250 2.18 -5.02 -26.31
CA ALA E 250 1.67 -3.64 -26.28
C ALA E 250 0.53 -3.50 -25.27
N ALA E 251 -0.32 -4.53 -25.20
CA ALA E 251 -1.43 -4.58 -24.26
C ALA E 251 -0.94 -4.44 -22.82
N GLU E 252 0.16 -5.12 -22.50
CA GLU E 252 0.80 -5.02 -21.19
C GLU E 252 1.19 -3.57 -20.86
N SER E 253 1.82 -2.89 -21.82
CA SER E 253 2.30 -1.52 -21.61
C SER E 253 1.17 -0.50 -21.47
N ARG E 254 -0.02 -0.87 -21.92
CA ARG E 254 -1.21 -0.03 -21.78
C ARG E 254 -1.82 -0.11 -20.38
N LYS E 255 -1.46 -1.15 -19.64
CA LYS E 255 -1.99 -1.35 -18.29
C LYS E 255 -1.25 -0.47 -17.28
N PRO E 256 -1.99 0.13 -16.32
CA PRO E 256 -1.41 1.05 -15.33
C PRO E 256 -0.25 0.44 -14.53
N GLU E 257 -0.30 -0.87 -14.32
CA GLU E 257 0.75 -1.60 -13.60
C GLU E 257 2.14 -1.47 -14.27
N ALA E 258 2.17 -1.31 -15.59
CA ALA E 258 3.42 -1.17 -16.34
C ALA E 258 4.27 0.04 -15.92
N CYS E 259 3.61 1.10 -15.43
CA CYS E 259 4.28 2.34 -14.99
C CYS E 259 4.62 2.35 -13.50
N ALA E 260 4.06 1.38 -12.77
CA ALA E 260 4.01 1.44 -11.31
C ALA E 260 5.34 1.32 -10.57
N THR E 261 6.24 0.49 -11.11
CA THR E 261 7.52 0.22 -10.47
C THR E 261 8.38 1.48 -10.31
N CYS E 262 8.32 2.37 -11.31
CA CYS E 262 9.10 3.60 -11.29
C CYS E 262 8.29 4.79 -10.78
N HIS E 263 7.05 4.92 -11.25
CA HIS E 263 6.22 6.07 -10.90
C HIS E 263 5.45 5.81 -9.61
N SER E 264 6.20 5.59 -8.54
CA SER E 264 5.64 5.30 -7.23
C SER E 264 6.62 5.76 -6.16
N GLY E 265 6.15 5.80 -4.92
CA GLY E 265 7.04 6.09 -3.79
C GLY E 265 6.94 7.46 -3.16
N VAL E 266 7.86 7.72 -2.25
CA VAL E 266 7.79 8.81 -1.29
C VAL E 266 7.88 10.24 -1.88
N ASP E 267 8.47 10.38 -3.06
CA ASP E 267 8.57 11.70 -3.70
C ASP E 267 7.76 11.84 -5.01
N HIS E 268 7.01 10.79 -5.35
CA HIS E 268 6.09 10.77 -6.49
C HIS E 268 5.23 9.51 -6.45
N ASN E 269 4.14 9.57 -5.70
CA ASN E 269 3.30 8.38 -5.47
C ASN E 269 2.16 8.23 -6.49
N ASN E 270 2.52 8.24 -7.77
CA ASN E 270 1.54 8.22 -8.85
C ASN E 270 0.73 6.93 -8.91
N TRP E 271 1.41 5.79 -8.79
CA TRP E 271 0.72 4.50 -8.71
C TRP E 271 -0.25 4.49 -7.54
N GLU E 272 0.23 4.90 -6.37
CA GLU E 272 -0.56 4.93 -5.15
C GLU E 272 -1.79 5.83 -5.28
N ALA E 273 -1.59 7.05 -5.77
CA ALA E 273 -2.68 8.02 -5.93
C ALA E 273 -3.70 7.60 -6.99
N TYR E 274 -3.21 7.21 -8.16
CA TYR E 274 -4.08 6.79 -9.25
C TYR E 274 -4.96 5.60 -8.85
N THR E 275 -4.36 4.53 -8.34
CA THR E 275 -5.11 3.32 -8.01
C THR E 275 -6.13 3.51 -6.89
N MET E 276 -5.87 4.46 -6.00
CA MET E 276 -6.80 4.77 -4.91
C MET E 276 -7.93 5.70 -5.36
N SER E 277 -7.72 6.45 -6.44
CA SER E 277 -8.75 7.31 -7.01
C SER E 277 -9.89 6.47 -7.58
N LYS E 278 -11.01 7.11 -7.87
CA LYS E 278 -12.12 6.40 -8.53
C LYS E 278 -11.68 5.89 -9.89
N HIS E 279 -10.99 6.74 -10.65
CA HIS E 279 -10.41 6.36 -11.94
C HIS E 279 -9.68 5.02 -11.86
N GLY E 280 -8.77 4.90 -10.89
CA GLY E 280 -7.90 3.72 -10.76
C GLY E 280 -8.58 2.50 -10.18
N LYS E 281 -9.51 2.72 -9.26
CA LYS E 281 -10.32 1.64 -8.69
C LYS E 281 -11.26 1.03 -9.73
N LEU E 282 -11.83 1.88 -10.59
CA LEU E 282 -12.61 1.43 -11.74
C LEU E 282 -11.77 0.61 -12.70
N ALA E 283 -10.53 1.05 -12.93
CA ALA E 283 -9.60 0.32 -13.79
C ALA E 283 -9.31 -1.08 -13.24
N GLU E 284 -9.14 -1.18 -11.92
CA GLU E 284 -8.96 -2.47 -11.26
C GLU E 284 -10.21 -3.36 -11.40
N MET E 285 -11.37 -2.76 -11.15
CA MET E 285 -12.65 -3.48 -11.20
C MET E 285 -13.04 -3.94 -12.60
N ASN E 286 -12.70 -3.14 -13.60
CA ASN E 286 -13.16 -3.37 -14.97
C ASN E 286 -12.12 -3.98 -15.92
N ARG E 287 -10.94 -4.33 -15.40
CA ARG E 287 -9.84 -4.76 -16.27
C ARG E 287 -10.14 -5.93 -17.19
N ASP E 288 -11.11 -6.76 -16.80
CA ASP E 288 -11.46 -7.96 -17.57
C ASP E 288 -12.56 -7.72 -18.58
N LYS E 289 -13.16 -6.54 -18.50
CA LYS E 289 -14.21 -6.15 -19.44
C LYS E 289 -13.61 -5.34 -20.60
N TRP E 290 -12.42 -4.80 -20.39
CA TRP E 290 -11.75 -3.98 -21.40
C TRP E 290 -10.89 -4.82 -22.33
N ASN E 291 -10.90 -4.49 -23.62
CA ASN E 291 -9.98 -5.11 -24.58
C ASN E 291 -8.66 -4.34 -24.63
N TRP E 292 -7.67 -4.86 -23.91
CA TRP E 292 -6.36 -4.22 -23.78
C TRP E 292 -5.50 -4.30 -25.06
N GLU E 293 -5.85 -5.22 -25.95
CA GLU E 293 -5.06 -5.47 -27.19
C GLU E 293 -5.28 -4.38 -28.24
N VAL E 294 -6.38 -3.67 -28.09
CA VAL E 294 -6.74 -2.56 -28.95
C VAL E 294 -5.79 -1.36 -28.72
N ARG E 295 -5.47 -0.63 -29.79
CA ARG E 295 -4.59 0.54 -29.67
C ARG E 295 -5.26 1.64 -28.82
N LEU E 296 -4.43 2.49 -28.19
CA LEU E 296 -4.94 3.54 -27.30
C LEU E 296 -6.00 4.43 -27.97
N LYS E 297 -5.80 4.70 -29.26
CA LYS E 297 -6.73 5.50 -30.06
C LYS E 297 -8.13 4.86 -30.09
N ASP E 298 -8.20 3.53 -30.02
CA ASP E 298 -9.45 2.79 -30.04
C ASP E 298 -9.95 2.37 -28.65
N ALA E 299 -9.17 2.64 -27.61
CA ALA E 299 -9.45 2.13 -26.27
C ALA E 299 -10.86 2.49 -25.77
N PHE E 300 -11.25 3.75 -25.95
CA PHE E 300 -12.51 4.25 -25.40
C PHE E 300 -13.74 3.86 -26.23
N SER E 301 -13.53 3.34 -27.44
CA SER E 301 -14.65 2.87 -28.26
C SER E 301 -14.63 1.34 -28.43
N LYS E 302 -13.71 0.85 -29.25
CA LYS E 302 -13.59 -0.58 -29.51
C LYS E 302 -13.08 -1.39 -28.32
N GLY E 303 -12.37 -0.74 -27.41
CA GLY E 303 -11.85 -1.39 -26.21
C GLY E 303 -12.86 -1.51 -25.09
N GLY E 304 -13.84 -0.61 -25.08
CA GLY E 304 -14.89 -0.59 -24.07
C GLY E 304 -14.45 0.07 -22.78
N GLN E 305 -13.29 0.73 -22.82
CA GLN E 305 -12.67 1.35 -21.65
C GLN E 305 -13.45 2.60 -21.25
N ASN E 306 -13.88 2.65 -20.00
CA ASN E 306 -14.73 3.74 -19.52
C ASN E 306 -14.09 4.56 -18.41
N ALA E 307 -12.88 4.19 -18.04
CA ALA E 307 -12.11 4.91 -17.02
C ALA E 307 -10.69 5.13 -17.53
N PRO E 308 -10.08 6.28 -17.18
CA PRO E 308 -8.77 6.59 -17.75
C PRO E 308 -7.62 5.84 -17.09
N THR E 309 -6.54 5.68 -17.84
CA THR E 309 -5.35 4.98 -17.38
C THR E 309 -4.13 5.87 -17.64
N CYS E 310 -3.01 5.54 -16.99
CA CYS E 310 -1.76 6.29 -17.18
C CYS E 310 -1.44 6.56 -18.65
N ALA E 311 -1.42 5.50 -19.45
CA ALA E 311 -1.04 5.59 -20.86
C ALA E 311 -2.03 6.42 -21.67
N ALA E 312 -3.33 6.18 -21.47
CA ALA E 312 -4.37 6.91 -22.19
C ALA E 312 -4.33 8.42 -21.89
N CYS E 313 -4.08 8.78 -20.64
CA CYS E 313 -3.98 10.19 -20.27
C CYS E 313 -2.66 10.83 -20.70
N HIS E 314 -1.55 10.14 -20.46
CA HIS E 314 -0.24 10.76 -20.63
C HIS E 314 0.37 10.61 -22.04
N MET E 315 -0.07 9.62 -22.81
CA MET E 315 0.37 9.48 -24.20
C MET E 315 -0.54 10.17 -25.21
N GLU E 316 -1.69 10.66 -24.76
CA GLU E 316 -2.58 11.45 -25.60
C GLU E 316 -2.07 12.87 -25.75
N TYR E 317 -2.15 13.40 -26.97
CA TYR E 317 -1.88 14.82 -27.22
C TYR E 317 -2.64 15.29 -28.45
N GLU E 318 -3.57 16.22 -28.23
CA GLU E 318 -4.37 16.83 -29.30
C GLU E 318 -5.02 15.80 -30.26
N GLY E 319 -5.58 14.74 -29.68
CA GLY E 319 -6.29 13.71 -30.43
C GLY E 319 -5.46 12.56 -30.98
N GLU E 320 -4.15 12.57 -30.72
CA GLU E 320 -3.28 11.48 -31.19
C GLU E 320 -2.45 10.88 -30.05
N TYR E 321 -1.96 9.66 -30.26
CA TYR E 321 -1.14 8.97 -29.29
C TYR E 321 0.27 8.71 -29.82
N THR E 322 1.27 9.13 -29.05
CA THR E 322 2.68 8.89 -29.37
C THR E 322 3.48 8.44 -28.14
N HIS E 323 4.70 7.97 -28.36
CA HIS E 323 5.63 7.63 -27.27
C HIS E 323 6.26 8.88 -26.62
N ASN E 324 5.83 10.07 -27.02
CA ASN E 324 6.26 11.33 -26.40
C ASN E 324 5.27 11.68 -25.29
N ILE E 325 5.75 11.74 -24.05
CA ILE E 325 4.88 11.96 -22.88
C ILE E 325 5.01 13.33 -22.22
N THR E 326 5.68 14.26 -22.88
CA THR E 326 6.11 15.53 -22.27
C THR E 326 5.23 16.75 -22.53
N ARG E 327 4.36 16.68 -23.53
CA ARG E 327 3.79 17.91 -24.10
C ARG E 327 2.68 18.62 -23.31
N LYS E 328 2.16 17.97 -22.27
CA LYS E 328 1.11 18.57 -21.45
C LYS E 328 1.58 18.90 -20.03
N THR E 329 2.85 18.63 -19.76
CA THR E 329 3.44 18.80 -18.44
C THR E 329 3.54 20.27 -18.04
N ARG E 330 3.05 20.59 -16.84
CA ARG E 330 3.03 21.97 -16.34
C ARG E 330 3.71 22.09 -14.96
N TRP E 331 3.32 21.22 -14.03
CA TRP E 331 3.84 21.22 -12.67
C TRP E 331 5.11 20.38 -12.52
N ALA E 332 5.21 19.32 -13.32
CA ALA E 332 6.35 18.39 -13.29
C ALA E 332 6.66 17.85 -11.89
N ASN E 333 5.63 17.37 -11.21
CA ASN E 333 5.75 16.66 -9.92
C ASN E 333 6.18 17.49 -8.71
N TYR E 334 7.30 18.21 -8.83
CA TYR E 334 7.89 18.95 -7.71
C TYR E 334 7.51 20.43 -7.79
N PRO E 335 6.52 20.86 -6.97
CA PRO E 335 5.91 22.19 -7.08
C PRO E 335 6.78 23.34 -6.57
N PHE E 336 7.87 23.01 -5.87
CA PHE E 336 8.75 23.99 -5.24
C PHE E 336 9.92 24.42 -6.13
N VAL E 337 10.10 23.72 -7.25
CA VAL E 337 11.19 24.02 -8.19
C VAL E 337 11.06 25.46 -8.70
N PRO E 338 12.15 26.26 -8.58
CA PRO E 338 12.08 27.69 -8.91
C PRO E 338 11.51 27.96 -10.30
N GLY E 339 10.52 28.84 -10.38
CA GLY E 339 9.92 29.24 -11.65
C GLY E 339 8.65 28.47 -12.02
N ILE E 340 8.43 27.32 -11.39
CA ILE E 340 7.30 26.44 -11.76
C ILE E 340 5.96 27.04 -11.37
N ALA E 341 5.80 27.39 -10.09
CA ALA E 341 4.57 28.04 -9.61
C ALA E 341 4.31 29.35 -10.34
N GLU E 342 5.36 30.16 -10.49
CA GLU E 342 5.29 31.46 -11.16
C GLU E 342 4.86 31.34 -12.64
N ASN E 343 5.19 30.21 -13.26
CA ASN E 343 4.86 29.93 -14.66
C ASN E 343 3.45 29.36 -14.88
N ILE E 344 2.76 29.02 -13.78
CA ILE E 344 1.48 28.30 -13.90
C ILE E 344 0.38 29.10 -14.60
N THR E 345 0.52 30.42 -14.64
CA THR E 345 -0.48 31.31 -15.23
C THR E 345 -0.08 31.88 -16.59
N SER E 346 1.02 31.37 -17.15
CA SER E 346 1.51 31.84 -18.45
C SER E 346 0.68 31.25 -19.60
N ASP E 347 0.79 31.87 -20.78
CA ASP E 347 0.15 31.38 -22.00
C ASP E 347 0.60 29.95 -22.35
N TRP E 348 1.86 29.67 -22.07
CA TRP E 348 2.48 28.35 -22.28
C TRP E 348 1.80 27.26 -21.43
N SER E 349 1.59 27.56 -20.15
CA SER E 349 0.94 26.60 -19.26
C SER E 349 -0.54 26.50 -19.57
N GLU E 350 -1.14 27.63 -19.94
CA GLU E 350 -2.57 27.69 -20.29
C GLU E 350 -2.90 26.85 -21.52
N ALA E 351 -2.02 26.87 -22.52
CA ALA E 351 -2.17 26.04 -23.72
C ALA E 351 -2.07 24.56 -23.37
N ARG E 352 -1.17 24.23 -22.44
CA ARG E 352 -1.04 22.87 -21.95
C ARG E 352 -2.24 22.45 -21.09
N LEU E 353 -2.80 23.42 -20.36
CA LEU E 353 -4.05 23.18 -19.64
C LEU E 353 -5.20 22.88 -20.61
N ASP E 354 -5.27 23.63 -21.72
CA ASP E 354 -6.25 23.39 -22.77
C ASP E 354 -6.17 21.96 -23.32
N SER E 355 -4.94 21.49 -23.50
CA SER E 355 -4.67 20.13 -24.01
C SER E 355 -5.14 19.06 -23.02
N TRP E 356 -4.93 19.32 -21.73
CA TRP E 356 -5.45 18.45 -20.66
C TRP E 356 -6.97 18.42 -20.67
N VAL E 357 -7.58 19.60 -20.78
CA VAL E 357 -9.04 19.71 -20.82
C VAL E 357 -9.61 18.83 -21.93
N LEU E 358 -8.95 18.83 -23.09
CA LEU E 358 -9.33 17.98 -24.22
C LEU E 358 -9.29 16.49 -23.85
N THR E 359 -8.24 16.08 -23.13
CA THR E 359 -8.11 14.72 -22.63
C THR E 359 -9.30 14.35 -21.73
N CYS E 360 -9.59 15.20 -20.76
CA CYS E 360 -10.66 14.96 -19.78
C CYS E 360 -12.05 14.94 -20.42
N THR E 361 -12.25 15.83 -21.39
CA THR E 361 -13.57 16.01 -22.02
C THR E 361 -13.96 14.91 -23.00
N GLN E 362 -13.12 13.89 -23.13
CA GLN E 362 -13.53 12.66 -23.81
C GLN E 362 -14.63 12.00 -22.97
N CYS E 363 -14.65 12.33 -21.68
CA CYS E 363 -15.62 11.78 -20.74
C CYS E 363 -16.42 12.87 -20.04
N HIS E 364 -15.74 13.68 -19.23
CA HIS E 364 -16.40 14.73 -18.44
C HIS E 364 -16.79 15.94 -19.31
N SER E 365 -17.67 16.80 -18.78
CA SER E 365 -17.93 18.09 -19.42
C SER E 365 -16.74 19.01 -19.20
N GLU E 366 -16.57 20.00 -20.08
CA GLU E 366 -15.49 20.98 -19.95
C GLU E 366 -15.60 21.75 -18.64
N ARG E 367 -16.83 22.11 -18.29
CA ARG E 367 -17.11 22.81 -17.04
C ARG E 367 -16.63 22.00 -15.83
N PHE E 368 -16.90 20.70 -15.85
CA PHE E 368 -16.45 19.80 -14.78
C PHE E 368 -14.93 19.73 -14.73
N ALA E 369 -14.32 19.41 -15.89
CA ALA E 369 -12.88 19.23 -16.00
C ALA E 369 -12.10 20.47 -15.57
N ARG E 370 -12.56 21.65 -16.01
CA ARG E 370 -11.91 22.92 -15.64
C ARG E 370 -12.07 23.24 -14.15
N SER E 371 -13.21 22.86 -13.59
CA SER E 371 -13.48 23.07 -12.17
C SER E 371 -12.49 22.30 -11.30
N TYR E 372 -12.24 21.04 -11.64
CA TYR E 372 -11.30 20.23 -10.87
C TYR E 372 -9.84 20.61 -11.11
N LEU E 373 -9.49 20.92 -12.36
CA LEU E 373 -8.11 21.31 -12.67
C LEU E 373 -7.72 22.63 -11.98
N ASP E 374 -8.71 23.51 -11.76
CA ASP E 374 -8.55 24.73 -10.95
C ASP E 374 -8.29 24.37 -9.48
N LEU E 375 -8.99 23.35 -8.98
CA LEU E 375 -8.78 22.85 -7.62
C LEU E 375 -7.37 22.27 -7.46
N MET E 376 -6.93 21.52 -8.47
CA MET E 376 -5.58 20.94 -8.51
C MET E 376 -4.49 22.02 -8.43
N ASP E 377 -4.58 23.02 -9.30
CA ASP E 377 -3.62 24.12 -9.33
C ASP E 377 -3.55 24.87 -8.00
N LYS E 378 -4.72 25.29 -7.51
CA LYS E 378 -4.79 26.10 -6.29
C LYS E 378 -4.45 25.31 -5.03
N GLY E 379 -4.82 24.03 -5.00
CA GLY E 379 -4.45 23.15 -3.89
C GLY E 379 -2.95 22.92 -3.82
N THR E 380 -2.32 22.82 -4.98
CA THR E 380 -0.86 22.67 -5.07
C THR E 380 -0.15 23.90 -4.51
N LEU E 381 -0.63 25.08 -4.89
CA LEU E 381 -0.07 26.34 -4.40
C LEU E 381 -0.28 26.49 -2.89
N GLU E 382 -1.45 26.06 -2.41
CA GLU E 382 -1.74 26.08 -0.96
C GLU E 382 -0.78 25.20 -0.18
N GLY E 383 -0.43 24.05 -0.75
CA GLY E 383 0.60 23.19 -0.16
C GLY E 383 1.97 23.86 -0.19
N LEU E 384 2.29 24.49 -1.32
CA LEU E 384 3.56 25.18 -1.50
C LEU E 384 3.73 26.33 -0.50
N ALA E 385 2.66 27.07 -0.26
CA ALA E 385 2.65 28.16 0.71
C ALA E 385 3.01 27.65 2.11
N LYS E 386 2.43 26.52 2.48
CA LYS E 386 2.68 25.91 3.80
C LYS E 386 4.14 25.54 4.00
N TYR E 387 4.74 24.92 2.98
CA TYR E 387 6.16 24.60 2.99
C TYR E 387 7.04 25.85 3.03
N GLN E 388 6.66 26.87 2.26
CA GLN E 388 7.45 28.10 2.17
C GLN E 388 7.56 28.83 3.50
N GLU E 389 6.49 28.77 4.31
CA GLU E 389 6.52 29.36 5.64
C GLU E 389 7.50 28.60 6.54
N ALA E 390 7.44 27.27 6.49
CA ALA E 390 8.33 26.41 7.27
C ALA E 390 9.79 26.54 6.83
N ASN E 391 10.03 26.59 5.52
CA ASN E 391 11.38 26.77 4.99
C ASN E 391 12.02 28.09 5.37
N ALA E 392 11.20 29.14 5.48
CA ALA E 392 11.67 30.47 5.88
C ALA E 392 12.33 30.44 7.25
N ILE E 393 11.75 29.64 8.16
CA ILE E 393 12.29 29.42 9.50
C ILE E 393 13.64 28.69 9.46
N VAL E 394 13.67 27.55 8.78
CA VAL E 394 14.85 26.67 8.80
C VAL E 394 16.00 27.25 7.97
N HIS E 395 15.69 27.82 6.80
CA HIS E 395 16.70 28.47 5.96
C HIS E 395 17.35 29.64 6.68
N LYS E 396 16.56 30.39 7.44
CA LYS E 396 17.07 31.47 8.28
C LYS E 396 18.11 30.95 9.27
N MET E 397 17.78 29.83 9.93
CA MET E 397 18.69 29.20 10.89
C MET E 397 20.02 28.82 10.24
N TYR E 398 19.96 28.24 9.04
CA TYR E 398 21.15 27.88 8.28
C TYR E 398 22.05 29.09 8.01
N GLU E 399 21.44 30.17 7.54
CA GLU E 399 22.17 31.39 7.23
C GLU E 399 22.68 32.09 8.49
N ASP E 400 21.95 31.92 9.60
CA ASP E 400 22.38 32.44 10.91
C ASP E 400 23.43 31.55 11.57
N GLY E 401 23.64 30.37 11.01
CA GLY E 401 24.62 29.41 11.53
C GLY E 401 24.17 28.72 12.82
N THR E 402 22.86 28.64 13.03
CA THR E 402 22.31 28.15 14.31
C THR E 402 21.75 26.72 14.29
N LEU E 403 21.84 26.03 13.15
CA LEU E 403 21.44 24.63 13.08
C LEU E 403 22.35 23.77 13.94
N THR E 404 21.78 22.69 14.50
CA THR E 404 22.51 21.77 15.36
C THR E 404 23.75 21.20 14.67
N GLY E 405 24.89 21.36 15.32
CA GLY E 405 26.18 20.88 14.83
C GLY E 405 26.75 21.61 13.63
N GLN E 406 26.10 22.69 13.20
CA GLN E 406 26.49 23.42 11.98
C GLN E 406 27.94 23.91 11.97
N LYS E 407 28.45 24.33 13.13
CA LYS E 407 29.81 24.86 13.24
C LYS E 407 30.72 23.90 13.99
N THR E 408 30.17 22.75 14.37
CA THR E 408 30.83 21.82 15.29
C THR E 408 31.00 20.43 14.67
N ASN E 409 30.02 19.99 13.89
CA ASN E 409 30.01 18.65 13.33
C ASN E 409 29.24 18.54 12.02
N ARG E 410 29.60 19.37 11.03
CA ARG E 410 29.00 19.33 9.70
C ARG E 410 30.07 19.03 8.64
N PRO E 411 30.46 17.75 8.50
CA PRO E 411 31.48 17.42 7.51
C PRO E 411 30.98 17.61 6.08
N ASN E 412 31.90 17.91 5.18
CA ASN E 412 31.56 18.16 3.78
C ASN E 412 31.10 16.90 3.07
N PRO E 413 30.16 17.05 2.11
CA PRO E 413 29.70 15.93 1.28
C PRO E 413 30.80 15.38 0.38
N PRO E 414 30.62 14.15 -0.16
CA PRO E 414 31.65 13.56 -1.02
C PRO E 414 31.74 14.24 -2.39
N GLU E 415 32.97 14.38 -2.89
CA GLU E 415 33.26 15.00 -4.18
C GLU E 415 32.46 14.37 -5.33
N PRO E 416 32.04 15.18 -6.32
CA PRO E 416 32.34 16.61 -6.45
C PRO E 416 31.28 17.52 -5.84
N GLU E 417 30.50 17.03 -4.87
CA GLU E 417 29.46 17.85 -4.25
C GLU E 417 30.04 18.97 -3.41
N LYS E 418 29.35 20.10 -3.40
CA LYS E 418 29.70 21.24 -2.56
C LYS E 418 28.70 21.37 -1.42
N PRO E 419 29.14 21.90 -0.26
CA PRO E 419 28.23 22.07 0.89
C PRO E 419 27.13 23.11 0.64
N GLY E 420 25.96 22.87 1.23
CA GLY E 420 24.83 23.79 1.13
C GLY E 420 23.68 23.39 2.03
N PHE E 421 22.56 24.12 1.92
CA PHE E 421 21.38 23.87 2.75
C PHE E 421 20.29 23.10 2.01
N GLY E 422 19.74 22.09 2.68
CA GLY E 422 18.59 21.33 2.15
C GLY E 422 18.78 20.88 0.71
N ILE E 423 19.92 20.24 0.45
CA ILE E 423 20.28 19.80 -0.89
C ILE E 423 19.89 18.34 -1.11
N PHE E 424 19.67 17.98 -2.37
CA PHE E 424 19.23 16.63 -2.72
C PHE E 424 20.17 15.56 -2.15
N THR E 425 21.46 15.89 -2.13
CA THR E 425 22.50 15.01 -1.59
C THR E 425 22.20 14.49 -0.18
N GLN E 426 21.62 15.34 0.65
CA GLN E 426 21.32 15.00 2.04
C GLN E 426 20.25 13.92 2.22
N LEU E 427 19.61 13.51 1.12
CA LEU E 427 18.65 12.41 1.16
C LEU E 427 19.34 11.06 0.97
N PHE E 428 20.48 11.06 0.29
CA PHE E 428 21.20 9.83 -0.02
C PHE E 428 22.58 9.71 0.63
N TRP E 429 22.98 10.77 1.34
CA TRP E 429 24.22 10.77 2.11
C TRP E 429 24.09 11.64 3.36
N SER E 430 24.57 11.11 4.49
CA SER E 430 24.63 11.87 5.74
C SER E 430 25.83 11.44 6.59
N LYS E 431 26.37 12.39 7.35
CA LYS E 431 27.52 12.16 8.23
C LYS E 431 27.55 13.24 9.28
N GLY E 432 27.78 12.85 10.53
CA GLY E 432 27.67 13.77 11.66
C GLY E 432 26.34 14.49 11.62
N ASN E 433 26.38 15.82 11.73
CA ASN E 433 25.17 16.63 11.64
C ASN E 433 25.01 17.29 10.27
N ASN E 434 25.48 16.62 9.23
CA ASN E 434 25.19 17.02 7.85
C ASN E 434 24.33 15.95 7.18
N PRO E 435 23.01 16.19 7.04
CA PRO E 435 22.30 17.41 7.49
C PRO E 435 21.91 17.36 8.96
N ALA E 436 21.39 18.48 9.47
CA ALA E 436 20.72 18.52 10.77
C ALA E 436 19.30 17.98 10.59
N SER E 437 18.65 17.59 11.69
CA SER E 437 17.30 17.04 11.65
C SER E 437 16.28 18.00 11.04
N LEU E 438 16.28 19.24 11.55
CA LEU E 438 15.40 20.29 11.03
C LEU E 438 15.55 20.50 9.53
N GLU E 439 16.79 20.46 9.07
CA GLU E 439 17.13 20.63 7.66
C GLU E 439 16.55 19.49 6.81
N LEU E 440 16.78 18.25 7.24
CA LEU E 440 16.21 17.09 6.54
C LEU E 440 14.68 17.15 6.53
N LYS E 441 14.10 17.53 7.67
CA LYS E 441 12.65 17.59 7.85
C LYS E 441 11.97 18.56 6.88
N VAL E 442 12.52 19.76 6.74
CA VAL E 442 11.94 20.73 5.80
C VAL E 442 12.22 20.37 4.34
N LEU E 443 13.33 19.68 4.10
CA LEU E 443 13.68 19.17 2.77
C LEU E 443 12.65 18.13 2.36
N GLU E 444 12.38 17.16 3.24
CA GLU E 444 11.41 16.11 3.00
C GLU E 444 9.98 16.64 2.93
N MET E 445 9.73 17.74 3.64
CA MET E 445 8.43 18.41 3.57
C MET E 445 8.11 18.83 2.12
N ALA E 446 9.11 19.35 1.42
CA ALA E 446 8.93 19.75 0.02
C ALA E 446 9.09 18.56 -0.92
N GLU E 447 10.22 17.87 -0.78
CA GLU E 447 10.62 16.79 -1.68
C GLU E 447 9.65 15.63 -1.69
N ASN E 448 9.17 15.26 -0.51
CA ASN E 448 8.28 14.12 -0.36
C ASN E 448 6.81 14.50 -0.26
N ASN E 449 6.48 15.26 0.79
CA ASN E 449 5.08 15.45 1.16
C ASN E 449 4.32 16.48 0.32
N LEU E 450 5.00 17.54 -0.13
CA LEU E 450 4.41 18.49 -1.07
C LEU E 450 4.26 17.86 -2.45
N ALA E 451 5.29 17.13 -2.88
CA ALA E 451 5.25 16.43 -4.17
C ALA E 451 4.08 15.45 -4.22
N LYS E 452 3.95 14.63 -3.18
CA LYS E 452 2.83 13.69 -3.03
C LYS E 452 1.48 14.38 -2.91
N MET E 453 1.45 15.55 -2.28
CA MET E 453 0.23 16.36 -2.24
C MET E 453 -0.21 16.71 -3.66
N HIS E 454 0.71 17.21 -4.47
CA HIS E 454 0.37 17.54 -5.85
C HIS E 454 -0.08 16.32 -6.67
N VAL E 455 0.65 15.21 -6.54
CA VAL E 455 0.30 13.95 -7.20
C VAL E 455 -1.11 13.51 -6.82
N GLY E 456 -1.43 13.58 -5.54
CA GLY E 456 -2.77 13.28 -5.05
C GLY E 456 -3.83 14.15 -5.72
N LEU E 457 -3.55 15.43 -5.81
CA LEU E 457 -4.45 16.38 -6.48
C LEU E 457 -4.58 16.09 -7.98
N ALA E 458 -3.46 15.82 -8.63
CA ALA E 458 -3.45 15.59 -10.07
C ALA E 458 -4.17 14.29 -10.46
N HIS E 459 -4.11 13.30 -9.57
CA HIS E 459 -4.67 12.00 -9.89
C HIS E 459 -5.97 11.66 -9.15
N VAL E 460 -6.55 12.68 -8.51
CA VAL E 460 -7.91 12.65 -7.95
C VAL E 460 -8.11 11.65 -6.79
N ASN E 461 -7.18 11.68 -5.84
CA ASN E 461 -7.30 10.87 -4.64
C ASN E 461 -7.42 11.76 -3.41
N PRO E 462 -8.66 12.04 -2.97
CA PRO E 462 -8.94 12.98 -1.88
C PRO E 462 -8.07 12.79 -0.64
N GLY E 463 -7.92 11.55 -0.18
CA GLY E 463 -7.08 11.26 0.98
C GLY E 463 -5.61 11.56 0.74
N GLY E 464 -5.22 11.51 -0.52
CA GLY E 464 -3.83 11.70 -0.94
C GLY E 464 -3.35 13.13 -1.00
N TRP E 465 -4.24 14.09 -0.73
CA TRP E 465 -3.79 15.47 -0.52
C TRP E 465 -4.31 16.07 0.79
N THR E 466 -5.11 15.29 1.52
CA THR E 466 -5.74 15.76 2.76
C THR E 466 -5.19 15.06 4.02
N TYR E 467 -5.84 13.98 4.45
CA TYR E 467 -5.51 13.30 5.71
C TYR E 467 -4.20 12.53 5.68
N THR E 468 -4.01 11.76 4.62
CA THR E 468 -3.04 10.66 4.60
C THR E 468 -1.73 11.04 3.94
N GLU E 469 -1.83 11.73 2.80
CA GLU E 469 -0.65 12.32 2.16
C GLU E 469 -0.95 13.79 1.94
N GLY E 470 0.10 14.58 1.77
CA GLY E 470 -0.03 16.01 1.52
C GLY E 470 -0.20 16.82 2.77
N TRP E 471 -1.42 17.32 2.98
CA TRP E 471 -1.72 18.28 4.04
C TRP E 471 -1.46 17.74 5.45
N GLY E 472 -1.88 16.50 5.70
CA GLY E 472 -1.65 15.84 6.98
C GLY E 472 -0.18 15.78 7.39
N PRO E 473 0.66 15.10 6.59
CA PRO E 473 2.10 15.03 6.86
C PRO E 473 2.82 16.39 6.84
N MET E 474 2.41 17.30 5.95
CA MET E 474 2.98 18.65 5.94
C MET E 474 2.62 19.44 7.19
N ASN E 475 1.38 19.27 7.67
CA ASN E 475 0.94 19.86 8.94
C ASN E 475 1.85 19.45 10.10
N ARG E 476 2.19 18.16 10.17
CA ARG E 476 3.06 17.64 11.23
C ARG E 476 4.46 18.23 11.14
N ALA E 477 5.05 18.22 9.95
CA ALA E 477 6.37 18.81 9.72
C ALA E 477 6.41 20.27 10.17
N TYR E 478 5.41 21.05 9.75
CA TYR E 478 5.26 22.44 10.18
C TYR E 478 5.24 22.54 11.70
N VAL E 479 4.41 21.72 12.33
CA VAL E 479 4.25 21.69 13.79
C VAL E 479 5.57 21.39 14.49
N GLU E 480 6.28 20.38 14.00
CA GLU E 480 7.54 19.94 14.61
C GLU E 480 8.67 20.92 14.34
N ILE E 481 8.67 21.54 13.17
CA ILE E 481 9.64 22.60 12.84
C ILE E 481 9.47 23.80 13.78
N GLN E 482 8.23 24.26 13.94
CA GLN E 482 7.91 25.36 14.86
C GLN E 482 8.23 25.01 16.31
N ASP E 483 8.00 23.76 16.68
CA ASP E 483 8.27 23.29 18.04
C ASP E 483 9.77 23.27 18.36
N GLU E 484 10.56 22.66 17.48
CA GLU E 484 12.01 22.61 17.64
C GLU E 484 12.61 24.01 17.59
N TYR E 485 12.07 24.85 16.70
CA TYR E 485 12.49 26.25 16.60
C TYR E 485 12.36 26.97 17.94
N THR E 486 11.19 26.87 18.55
CA THR E 486 10.91 27.51 19.84
C THR E 486 11.77 26.94 20.97
N LYS E 487 11.88 25.62 21.03
CA LYS E 487 12.76 24.95 22.01
C LYS E 487 14.20 25.43 21.88
N MET E 488 14.71 25.52 20.65
CA MET E 488 16.08 25.94 20.40
C MET E 488 16.34 27.42 20.72
N GLN E 489 15.33 28.27 20.51
CA GLN E 489 15.39 29.67 20.93
C GLN E 489 15.46 29.76 22.46
N GLU E 490 14.60 29.00 23.14
CA GLU E 490 14.54 28.99 24.60
C GLU E 490 15.85 28.51 25.21
N LEU E 491 16.46 27.51 24.58
CA LEU E 491 17.72 26.94 25.03
C LEU E 491 18.88 27.91 24.74
N SER E 492 18.77 28.65 23.64
CA SER E 492 19.75 29.67 23.26
C SER E 492 19.76 30.82 24.27
N ALA E 493 18.57 31.22 24.71
CA ALA E 493 18.40 32.26 25.73
C ALA E 493 18.89 31.79 27.11
N LEU E 494 18.69 30.52 27.41
CA LEU E 494 19.18 29.93 28.65
C LEU E 494 20.72 29.88 28.64
N GLN E 495 21.29 29.58 27.48
CA GLN E 495 22.75 29.58 27.30
C GLN E 495 23.31 30.99 27.45
N ALA E 496 22.57 31.98 26.96
CA ALA E 496 22.94 33.39 27.08
C ALA E 496 22.95 33.86 28.53
N ARG E 497 22.02 33.33 29.32
CA ARG E 497 21.93 33.66 30.74
C ARG E 497 23.07 33.05 31.57
N VAL E 498 23.54 31.88 31.16
CA VAL E 498 24.69 31.24 31.79
C VAL E 498 25.98 31.97 31.42
N ASN E 499 26.04 32.46 30.18
CA ASN E 499 27.14 33.31 29.71
C ASN E 499 27.29 34.58 30.53
N LYS E 500 26.16 35.22 30.84
CA LYS E 500 26.11 36.44 31.66
C LYS E 500 26.67 36.21 33.06
N LEU E 501 26.25 35.11 33.69
CA LEU E 501 26.68 34.75 35.04
C LEU E 501 28.17 34.45 35.11
N GLU E 502 28.75 34.03 33.98
CA GLU E 502 30.17 33.72 33.90
C GLU E 502 31.02 34.96 33.64
N GLY E 503 30.50 35.89 32.86
CA GLY E 503 31.21 37.12 32.49
C GLY E 503 31.50 38.04 33.66
N SER F 1 14.57 34.83 -20.27
CA SER F 1 15.41 34.75 -19.03
C SER F 1 14.72 33.98 -17.91
N SER F 2 15.03 34.33 -16.66
CA SER F 2 14.46 33.69 -15.48
C SER F 2 13.35 34.55 -14.87
N LEU F 3 12.32 33.89 -14.35
CA LEU F 3 11.18 34.56 -13.74
C LEU F 3 11.52 35.09 -12.35
N ALA F 4 11.05 36.30 -12.05
CA ALA F 4 11.17 36.85 -10.71
C ALA F 4 10.29 36.04 -9.74
N PRO F 5 10.86 35.62 -8.60
CA PRO F 5 10.15 34.77 -7.65
C PRO F 5 8.89 35.43 -7.08
N ILE F 6 7.79 34.70 -7.08
CA ILE F 6 6.55 35.12 -6.44
C ILE F 6 6.12 34.01 -5.49
N SER F 7 5.88 34.36 -4.23
CA SER F 7 5.44 33.40 -3.22
C SER F 7 4.10 32.78 -3.59
N ALA F 8 3.87 31.54 -3.14
CA ALA F 8 2.64 30.82 -3.45
C ALA F 8 1.42 31.54 -2.92
N LYS F 9 1.52 32.12 -1.72
CA LYS F 9 0.42 32.89 -1.14
C LYS F 9 0.05 34.11 -2.01
N ASP F 10 1.07 34.74 -2.59
CA ASP F 10 0.85 35.87 -3.51
C ASP F 10 0.26 35.42 -4.85
N MET F 11 0.73 34.28 -5.36
CA MET F 11 0.14 33.67 -6.56
C MET F 11 -1.34 33.36 -6.35
N LEU F 12 -1.69 32.85 -5.16
CA LEU F 12 -3.08 32.55 -4.82
C LEU F 12 -3.95 33.81 -4.81
N ASP F 13 -3.49 34.85 -4.11
CA ASP F 13 -4.23 36.10 -4.00
C ASP F 13 -4.41 36.76 -5.37
N TYR F 14 -3.37 36.71 -6.20
CA TYR F 14 -3.43 37.18 -7.58
C TYR F 14 -4.52 36.42 -8.36
N LEU F 15 -4.56 35.10 -8.19
CA LEU F 15 -5.57 34.25 -8.82
C LEU F 15 -6.99 34.58 -8.38
N ALA F 16 -7.17 34.82 -7.08
CA ALA F 16 -8.47 35.18 -6.52
C ALA F 16 -8.96 36.55 -7.00
N CYS F 17 -8.02 37.42 -7.32
CA CYS F 17 -8.30 38.77 -7.80
C CYS F 17 -8.29 38.87 -9.33
N LYS F 18 -8.09 37.74 -10.01
CA LYS F 18 -7.97 37.70 -11.46
C LYS F 18 -9.33 37.66 -12.15
N ASP F 19 -10.04 38.80 -12.09
CA ASP F 19 -11.33 39.02 -12.77
C ASP F 19 -12.18 40.06 -12.02
N LYS F 20 -11.53 40.88 -11.19
CA LYS F 20 -12.26 41.90 -10.44
C LYS F 20 -11.53 43.23 -10.20
N LYS F 21 -12.20 44.14 -9.50
CA LYS F 21 -11.74 45.53 -9.33
C LYS F 21 -10.58 45.66 -8.34
N PRO F 22 -9.70 46.66 -8.56
CA PRO F 22 -8.58 46.93 -7.65
C PRO F 22 -9.04 47.31 -6.24
N THR F 23 -10.29 47.73 -6.12
CA THR F 23 -10.87 48.16 -4.85
C THR F 23 -11.52 47.00 -4.08
N ASP F 24 -11.71 45.88 -4.76
CA ASP F 24 -12.35 44.70 -4.18
C ASP F 24 -11.45 43.99 -3.17
N VAL F 25 -12.09 43.43 -2.13
CA VAL F 25 -11.39 42.70 -1.08
C VAL F 25 -11.78 41.22 -1.13
N VAL F 26 -10.77 40.35 -1.12
CA VAL F 26 -10.98 38.90 -1.09
C VAL F 26 -10.31 38.29 0.13
N LYS F 27 -10.69 37.06 0.46
CA LYS F 27 -10.02 36.32 1.53
C LYS F 27 -8.73 35.66 1.03
N SER F 28 -7.77 35.53 1.94
CA SER F 28 -6.56 34.76 1.70
C SER F 28 -6.91 33.27 1.53
N HIS F 29 -6.08 32.56 0.77
CA HIS F 29 -6.21 31.11 0.65
C HIS F 29 -5.28 30.39 1.63
N THR F 30 -4.50 31.15 2.40
CA THR F 30 -3.40 30.57 3.17
C THR F 30 -3.17 31.17 4.57
N GLU F 31 -3.52 32.44 4.75
CA GLU F 31 -3.10 33.19 5.93
C GLU F 31 -4.20 33.40 6.97
N VAL F 32 -3.87 33.12 8.22
CA VAL F 32 -4.74 33.40 9.36
C VAL F 32 -4.01 34.31 10.34
N GLU F 33 -4.63 35.43 10.70
CA GLU F 33 -4.08 36.34 11.71
C GLU F 33 -5.17 36.83 12.64
N ASN F 34 -4.87 36.87 13.94
CA ASN F 34 -5.83 37.28 14.98
C ASN F 34 -7.16 36.50 14.97
N GLY F 35 -7.07 35.20 14.73
CA GLY F 35 -8.23 34.32 14.72
C GLY F 35 -9.16 34.51 13.53
N LYS F 36 -8.65 35.13 12.47
CA LYS F 36 -9.43 35.39 11.26
C LYS F 36 -8.59 35.20 10.00
N ILE F 37 -9.24 34.75 8.92
CA ILE F 37 -8.59 34.69 7.61
C ILE F 37 -8.26 36.11 7.17
N VAL F 38 -7.02 36.32 6.76
CA VAL F 38 -6.53 37.62 6.32
C VAL F 38 -7.27 38.06 5.06
N ARG F 39 -7.69 39.33 5.04
CA ARG F 39 -8.32 39.92 3.86
C ARG F 39 -7.27 40.64 3.01
N VAL F 40 -7.43 40.56 1.70
CA VAL F 40 -6.48 41.18 0.78
C VAL F 40 -7.20 42.11 -0.19
N LYS F 41 -6.76 43.36 -0.24
CA LYS F 41 -7.25 44.32 -1.23
C LYS F 41 -6.60 43.98 -2.56
N CYS F 42 -7.42 43.80 -3.60
CA CYS F 42 -6.94 43.31 -4.89
C CYS F 42 -5.91 44.21 -5.58
N GLY F 43 -6.02 45.51 -5.37
CA GLY F 43 -5.07 46.47 -5.93
C GLY F 43 -3.64 46.23 -5.47
N ASP F 44 -3.48 45.86 -4.20
CA ASP F 44 -2.16 45.65 -3.60
C ASP F 44 -1.42 44.43 -4.17
N ILE F 45 -2.14 43.33 -4.37
CA ILE F 45 -1.53 42.11 -4.89
C ILE F 45 -1.18 42.17 -6.38
N VAL F 46 -2.10 42.71 -7.19
CA VAL F 46 -1.89 42.87 -8.63
C VAL F 46 -0.69 43.78 -8.91
N ALA F 47 -0.54 44.83 -8.11
CA ALA F 47 0.59 45.76 -8.22
C ALA F 47 1.93 45.08 -7.90
N LEU F 48 1.93 44.22 -6.88
CA LEU F 48 3.12 43.47 -6.49
C LEU F 48 3.51 42.43 -7.55
N VAL F 49 2.52 41.87 -8.23
CA VAL F 49 2.76 40.90 -9.29
C VAL F 49 3.26 41.59 -10.57
N GLN F 50 2.62 42.69 -10.95
CA GLN F 50 2.94 43.41 -12.19
C GLN F 50 4.36 44.00 -12.23
N LYS F 51 4.88 44.40 -11.06
CA LYS F 51 6.26 44.87 -10.97
C LYS F 51 7.25 43.71 -11.11
N ALA F 52 6.85 42.52 -10.66
CA ALA F 52 7.68 41.32 -10.74
C ALA F 52 7.71 40.74 -12.16
N ARG F 53 6.60 40.88 -12.89
CA ARG F 53 6.55 40.48 -14.29
C ARG F 53 7.44 41.38 -15.14
N GLU F 54 7.51 42.66 -14.76
CA GLU F 54 8.38 43.65 -15.40
C GLU F 54 9.86 43.32 -15.20
N GLN F 55 10.21 42.85 -14.01
CA GLN F 55 11.58 42.46 -13.68
C GLN F 55 12.00 41.12 -14.28
N SER F 56 11.04 40.39 -14.85
CA SER F 56 11.30 39.10 -15.49
C SER F 56 11.96 39.26 -16.85
FE HEC G . 0.37 -27.36 0.88
CHA HEC G . 0.12 -28.28 -2.43
CHB HEC G . -0.93 -30.37 1.83
CHC HEC G . 0.95 -26.60 4.21
CHD HEC G . 1.41 -24.23 -0.01
NA HEC G . -0.30 -29.00 -0.12
C1A HEC G . -0.30 -29.20 -1.49
C2A HEC G . -0.83 -30.52 -1.75
C3A HEC G . -1.10 -31.08 -0.57
C4A HEC G . -0.78 -30.15 0.48
CMA HEC G . -1.69 -32.49 -0.35
CAA HEC G . -1.00 -31.19 -3.13
CBA HEC G . -2.32 -30.79 -3.77
CGA HEC G . -2.22 -30.85 -5.27
O1A HEC G . -3.14 -31.42 -5.92
O2A HEC G . -1.23 -30.31 -5.83
NB HEC G . 0.03 -28.30 2.71
C1B HEC G . -0.39 -29.60 2.84
C2B HEC G . -0.20 -30.00 4.23
C3B HEC G . 0.32 -28.95 4.89
C4B HEC G . 0.46 -27.86 3.94
CMB HEC G . -0.53 -31.40 4.79
CAB HEC G . 0.70 -28.90 6.39
CBB HEC G . 1.85 -29.46 6.80
NC HEC G . 1.06 -25.73 1.91
C1C HEC G . 1.19 -25.60 3.28
C2C HEC G . 1.61 -24.24 3.56
C3C HEC G . 1.74 -23.60 2.40
C4C HEC G . 1.40 -24.52 1.33
CMC HEC G . 1.87 -23.66 4.97
CAC HEC G . 2.18 -22.13 2.20
CBC HEC G . 3.38 -21.74 2.64
ND HEC G . 0.67 -26.39 -0.93
C1D HEC G . 1.22 -25.11 -1.05
C2D HEC G . 1.57 -24.87 -2.44
C3D HEC G . 1.15 -26.14 -3.18
C4D HEC G . 0.62 -27.03 -2.18
CMD HEC G . 2.22 -23.61 -3.06
CAD HEC G . 1.33 -26.44 -4.69
CBD HEC G . 2.66 -27.19 -4.75
CGD HEC G . 3.00 -27.71 -6.12
O1D HEC G . 2.23 -27.49 -7.10
O2D HEC G . 4.08 -28.34 -6.22
FE HEC H . -6.24 -33.36 1.22
CHA HEC H . -6.48 -32.98 -2.16
CHB HEC H . -4.84 -30.28 1.51
CHC HEC H . -6.68 -33.48 4.63
CHD HEC H . -6.89 -36.70 1.02
NA HEC H . -5.74 -31.89 -0.10
C1A HEC H . -5.93 -31.93 -1.47
C2A HEC H . -5.47 -30.66 -2.01
C3A HEC H . -5.01 -29.91 -0.99
C4A HEC H . -5.18 -30.68 0.23
CMA HEC H . -4.42 -28.49 -1.08
CAA HEC H . -5.50 -30.26 -3.51
CBA HEC H . -6.91 -29.85 -3.92
CGA HEC H . -6.92 -29.29 -5.32
O1A HEC H . -7.39 -29.99 -6.25
O2A HEC H . -6.44 -28.14 -5.51
NB HEC H . -5.83 -32.12 2.79
C1B HEC H . -5.26 -30.87 2.67
C2B HEC H . -5.18 -30.29 4.00
C3B HEC H . -5.69 -31.17 4.87
C4B HEC H . -6.11 -32.34 4.12
CMB HEC H . -4.59 -28.90 4.34
CAB HEC H . -5.82 -31.02 6.40
CBB HEC H . -6.65 -30.10 6.92
NC HEC H . -6.72 -34.82 2.58
C1C HEC H . -6.82 -34.67 3.95
C2C HEC H . -7.09 -35.97 4.53
C3C HEC H . -7.15 -36.86 3.54
C4C HEC H . -6.91 -36.15 2.29
CMC HEC H . -7.27 -36.26 6.05
CAC HEC H . -7.41 -38.38 3.67
CBC HEC H . -8.64 -38.84 3.94
ND HEC H . -6.68 -34.64 -0.34
C1D HEC H . -6.78 -36.02 -0.18
C2D HEC H . -6.74 -36.64 -1.48
C3D HEC H . -6.61 -35.48 -2.48
C4D HEC H . -6.58 -34.28 -1.69
CMD HEC H . -6.81 -38.14 -1.79
CAD HEC H . -6.52 -35.59 -4.03
CBD HEC H . -5.06 -35.78 -4.45
CGD HEC H . -4.34 -34.45 -4.52
O1D HEC H . -3.36 -34.25 -3.76
O2D HEC H . -4.74 -33.60 -5.36
FE HEC I . -21.27 -29.78 14.12
CHA HEC I . -19.96 -26.92 15.49
CHB HEC I . -18.18 -30.63 12.94
CHC HEC I . -22.49 -32.84 13.28
CHD HEC I . -24.48 -28.64 14.65
NA HEC I . -19.41 -28.93 14.21
C1A HEC I . -19.08 -27.73 14.83
C2A HEC I . -17.66 -27.52 14.63
C3A HEC I . -17.17 -28.54 13.93
C4A HEC I . -18.26 -29.45 13.65
CMA HEC I . -15.71 -28.75 13.49
CAA HEC I . -16.85 -26.31 15.16
CBA HEC I . -16.66 -26.48 16.67
CGA HEC I . -15.89 -25.33 17.27
O1A HEC I . -15.96 -24.18 16.76
O2A HEC I . -15.20 -25.59 18.29
NB HEC I . -20.48 -31.42 13.25
C1B HEC I . -19.16 -31.60 12.87
C2B HEC I . -19.02 -32.96 12.39
C3B HEC I . -20.20 -33.57 12.49
C4B HEC I . -21.16 -32.62 13.03
CMB HEC I . -17.69 -33.57 11.86
CAB HEC I . -20.55 -35.02 12.10
CBB HEC I . -20.03 -36.04 12.83
NC HEC I . -23.16 -30.60 14.02
C1C HEC I . -23.43 -31.88 13.60
C2C HEC I . -24.88 -32.03 13.54
C3C HEC I . -25.43 -30.86 13.91
C4C HEC I . -24.35 -29.94 14.22
CMC HEC I . -25.61 -33.33 13.11
CAC HEC I . -26.94 -30.50 13.99
CBC HEC I . -27.87 -31.35 14.47
ND HEC I . -22.10 -28.06 14.97
C1D HEC I . -23.46 -27.79 15.04
C2D HEC I . -23.66 -26.47 15.60
C3D HEC I . -22.24 -25.94 15.87
C4D HEC I . -21.34 -26.98 15.43
CMD HEC I . -24.99 -25.74 15.89
CAD HEC I . -21.87 -24.56 16.46
CBD HEC I . -21.34 -24.67 17.88
CGD HEC I . -20.88 -23.31 18.32
O1D HEC I . -21.06 -22.96 19.52
O2D HEC I . -20.31 -22.55 17.49
FE HEC J . -13.63 -28.10 8.87
CHA HEC J . -12.40 -25.75 11.06
CHB HEC J . -16.83 -27.31 9.84
CHC HEC J . -14.85 -30.34 6.58
CHD HEC J . -10.41 -29.03 7.97
NA HEC J . -14.47 -26.76 10.21
C1A HEC J . -13.77 -25.88 11.04
C2A HEC J . -14.76 -25.15 11.83
C3A HEC J . -15.97 -25.59 11.48
C4A HEC J . -15.82 -26.61 10.46
CMA HEC J . -17.33 -25.11 12.05
CAA HEC J . -14.49 -24.07 12.92
CBA HEC J . -13.67 -22.87 12.42
CGA HEC J . -14.47 -22.03 11.48
O1A HEC J . -15.72 -22.10 11.51
O2A HEC J . -13.84 -21.26 10.69
NB HEC J . -15.47 -28.71 8.33
C1B HEC J . -16.67 -28.25 8.84
C2B HEC J . -17.74 -28.92 8.13
C3B HEC J . -17.19 -29.76 7.23
C4B HEC J . -15.76 -29.64 7.34
CMB HEC J . -19.25 -28.71 8.37
CAB HEC J . -17.94 -30.68 6.24
CBB HEC J . -18.52 -30.13 5.16
NC HEC J . -12.77 -29.41 7.49
C1C HEC J . -13.48 -30.32 6.73
C2C HEC J . -12.54 -31.23 6.10
C3C HEC J . -11.30 -30.88 6.49
C4C HEC J . -11.43 -29.72 7.37
CMC HEC J . -12.91 -32.40 5.17
CAC HEC J . -9.98 -31.59 6.08
CBC HEC J . -9.54 -31.52 4.81
ND HEC J . -11.70 -27.49 9.43
C1D HEC J . -10.52 -27.97 8.86
C2D HEC J . -9.40 -27.20 9.37
C3D HEC J . -10.03 -26.18 10.33
C4D HEC J . -11.46 -26.44 10.31
CMD HEC J . -7.91 -27.35 9.01
CAD HEC J . -9.27 -25.11 11.13
CBD HEC J . -8.74 -25.73 12.43
CGD HEC J . -8.15 -24.66 13.32
O1D HEC J . -8.28 -23.45 13.00
O2D HEC J . -7.55 -25.03 14.34
FE HEC K . 11.37 -14.11 -1.61
CHA HEC K . 14.00 -13.86 0.56
CHB HEC K . 9.21 -14.46 0.96
CHC HEC K . 8.76 -13.50 -3.77
CHD HEC K . 13.44 -14.68 -4.24
NA HEC K . 11.57 -14.07 0.42
C1A HEC K . 12.76 -14.14 1.11
C2A HEC K . 12.47 -14.54 2.47
C3A HEC K . 11.14 -14.71 2.57
C4A HEC K . 10.55 -14.41 1.28
CMA HEC K . 10.34 -15.13 3.83
CAA HEC K . 13.53 -14.75 3.58
CBA HEC K . 14.13 -16.16 3.46
CGA HEC K . 15.38 -16.21 2.60
O1A HEC K . 15.39 -17.01 1.62
O2A HEC K . 16.36 -15.46 2.88
NB HEC K . 9.34 -14.01 -1.45
C1B HEC K . 8.65 -14.12 -0.26
C2B HEC K . 7.27 -13.80 -0.52
C3B HEC K . 7.14 -13.52 -1.83
C4B HEC K . 8.45 -13.67 -2.45
CMB HEC K . 6.15 -13.78 0.54
CAB HEC K . 5.85 -13.12 -2.58
CBB HEC K . 5.14 -12.05 -2.18
NC HEC K . 11.16 -14.05 -3.67
C1C HEC K . 9.95 -13.92 -4.34
C2C HEC K . 10.18 -14.32 -5.72
C3C HEC K . 11.47 -14.65 -5.85
C4C HEC K . 12.11 -14.48 -4.56
CMC HEC K . 9.12 -14.35 -6.83
CAC HEC K . 12.16 -15.16 -7.15
CBC HEC K . 12.41 -14.28 -8.13
ND HEC K . 13.42 -14.26 -1.81
C1D HEC K . 14.06 -14.40 -3.04
C2D HEC K . 15.49 -14.22 -2.84
C3D HEC K . 15.66 -13.95 -1.33
C4D HEC K . 14.32 -14.02 -0.77
CMD HEC K . 16.60 -14.26 -3.91
CAD HEC K . 16.98 -13.70 -0.57
CBD HEC K . 17.65 -15.06 -0.43
CGD HEC K . 18.83 -14.96 0.48
O1D HEC K . 18.67 -15.21 1.69
O2D HEC K . 19.94 -14.60 0.00
FE HEC L . 6.11 -18.11 5.47
CHA HEC L . 9.01 -18.37 7.27
CHB HEC L . 7.92 -18.41 2.55
CHC HEC L . 3.19 -18.44 3.71
CHD HEC L . 4.37 -17.13 8.23
NA HEC L . 8.11 -18.37 4.99
C1A HEC L . 9.16 -18.41 5.89
C2A HEC L . 10.40 -18.50 5.14
C3A HEC L . 10.10 -18.51 3.84
C4A HEC L . 8.64 -18.43 3.72
CMA HEC L . 11.09 -18.58 2.66
CAA HEC L . 11.82 -18.56 5.75
CBA HEC L . 12.15 -17.22 6.42
CGA HEC L . 13.61 -17.05 6.73
O1A HEC L . 14.01 -15.93 7.14
O2A HEC L . 14.38 -18.02 6.56
NB HEC L . 5.65 -18.41 3.49
C1B HEC L . 6.54 -18.41 2.44
C2B HEC L . 5.78 -18.44 1.20
C3B HEC L . 4.48 -18.46 1.52
C4B HEC L . 4.37 -18.43 2.97
CMB HEC L . 6.40 -18.45 -0.22
CAB HEC L . 3.29 -18.48 0.52
CBB HEC L . 3.08 -19.56 -0.24
NC HEC L . 4.14 -17.82 5.90
C1C HEC L . 3.08 -18.05 5.03
C2C HEC L . 1.85 -17.85 5.77
C3C HEC L . 2.18 -17.49 7.02
C4C HEC L . 3.62 -17.46 7.11
CMC HEC L . 0.43 -18.02 5.19
CAC HEC L . 1.20 -17.14 8.17
CBC HEC L . 0.32 -18.01 8.66
ND HEC L . 6.61 -17.81 7.44
C1D HEC L . 5.71 -17.34 8.40
C2D HEC L . 6.43 -17.11 9.62
C3D HEC L . 7.89 -17.50 9.34
C4D HEC L . 7.91 -17.92 7.95
CMD HEC L . 5.83 -16.58 10.93
CAD HEC L . 9.07 -17.44 10.33
CBD HEC L . 8.83 -18.55 11.34
CGD HEC L . 9.71 -18.38 12.55
O1D HEC L . 10.76 -19.05 12.59
O2D HEC L . 9.34 -17.58 13.45
FE HEC M . 13.51 -11.58 -12.97
CHA HEC M . 12.83 -8.49 -14.17
CHB HEC M . 16.25 -10.38 -11.29
CHC HEC M . 13.80 -14.55 -11.28
CHD HEC M . 11.28 -13.03 -15.15
NA HEC M . 14.36 -9.77 -12.76
C1A HEC M . 13.95 -8.60 -13.38
C2A HEC M . 14.91 -7.56 -13.03
C3A HEC M . 15.84 -8.09 -12.24
C4A HEC M . 15.52 -9.49 -12.05
CMA HEC M . 17.06 -7.38 -11.63
CAA HEC M . 14.84 -6.09 -13.50
CBA HEC M . 15.29 -6.02 -14.97
CGA HEC M . 15.31 -4.61 -15.48
O1A HEC M . 15.71 -4.43 -16.64
O2A HEC M . 14.96 -3.64 -14.74
NB HEC M . 14.80 -12.34 -11.54
C1B HEC M . 15.86 -11.66 -10.97
C2B HEC M . 16.47 -12.53 -9.99
C3B HEC M . 15.79 -13.69 -9.97
C4B HEC M . 14.73 -13.59 -10.96
CMB HEC M . 17.69 -12.16 -9.10
CAB HEC M . 16.08 -14.92 -9.08
CBB HEC M . 15.82 -14.85 -7.76
NC HEC M . 12.66 -13.44 -13.16
C1C HEC M . 12.98 -14.55 -12.41
C2C HEC M . 12.33 -15.70 -13.00
C3C HEC M . 11.64 -15.29 -14.06
C4C HEC M . 11.82 -13.85 -14.18
CMC HEC M . 12.45 -17.16 -12.48
CAC HEC M . 10.79 -16.15 -15.03
CBC HEC M . 9.58 -16.60 -14.64
ND HEC M . 12.23 -10.87 -14.44
C1D HEC M . 11.40 -11.65 -15.23
C2D HEC M . 10.69 -10.80 -16.16
C3D HEC M . 11.17 -9.38 -15.85
C4D HEC M . 12.13 -9.52 -14.77
CMD HEC M . 9.66 -11.22 -17.24
CAD HEC M . 10.75 -8.07 -16.55
CBD HEC M . 11.86 -7.74 -17.54
CGD HEC M . 11.85 -6.29 -17.91
O1D HEC M . 11.84 -5.41 -17.00
O2D HEC M . 11.86 -6.03 -19.15
FE HEC N . 14.51 9.50 -9.96
CHA HEC N . 12.75 12.18 -11.06
CHB HEC N . 17.38 10.92 -10.51
CHC HEC N . 15.62 7.64 -7.25
CHD HEC N . 11.84 7.49 -10.29
NA HEC N . 14.99 11.25 -10.55
C1A HEC N . 14.07 12.42 -10.45
C2A HEC N . 14.90 13.58 -11.04
C3A HEC N . 16.18 13.12 -11.19
C4A HEC N . 16.23 11.72 -10.74
CMA HEC N . 17.41 13.89 -11.50
CAA HEC N . 14.46 14.92 -11.53
CBA HEC N . 14.09 14.95 -13.01
CGA HEC N . 15.15 15.52 -13.94
O1A HEC N . 16.17 16.30 -13.63
O2A HEC N . 15.31 15.42 -15.16
NB HEC N . 16.17 9.37 -9.08
C1B HEC N . 17.35 9.93 -9.54
C2B HEC N . 18.47 9.44 -8.74
C3B HEC N . 17.96 8.81 -7.63
C4B HEC N . 16.42 8.91 -7.70
CMB HEC N . 19.89 9.72 -9.02
CAB HEC N . 18.68 7.94 -6.66
CBB HEC N . 19.92 8.52 -6.01
NC HEC N . 14.06 7.78 -9.21
C1C HEC N . 14.52 7.17 -8.12
C2C HEC N . 14.02 5.77 -8.09
C3C HEC N . 12.92 5.73 -8.86
C4C HEC N . 13.09 6.86 -9.86
CMC HEC N . 14.61 4.69 -7.24
CAC HEC N . 12.03 4.58 -9.17
CBC HEC N . 11.23 4.08 -7.97
ND HEC N . 12.81 9.69 -10.84
C1D HEC N . 11.74 8.78 -10.71
C2D HEC N . 10.60 9.31 -11.44
C3D HEC N . 10.90 10.63 -11.72
C4D HEC N . 12.17 10.94 -11.07
CMD HEC N . 9.45 8.52 -11.92
CAD HEC N . 10.00 11.65 -12.32
CBD HEC N . 9.04 12.23 -11.27
CGD HEC N . 8.00 13.17 -11.99
O1D HEC N . 8.43 14.20 -12.56
O2D HEC N . 6.78 12.83 -11.98
K K O . -9.46 -11.46 -13.97
FE HEC P . 6.74 -12.90 13.71
CHA HEC P . 9.64 -13.83 12.24
CHB HEC P . 7.73 -13.98 16.65
CHC HEC P . 4.64 -10.46 15.05
CHD HEC P . 5.30 -12.43 10.72
NA HEC P . 8.39 -13.60 14.35
C1A HEC P . 9.69 -13.39 13.65
C2A HEC P . 10.72 -14.13 14.53
C3A HEC P . 10.09 -14.42 15.71
C4A HEC P . 8.67 -14.02 15.60
CMA HEC P . 10.69 -14.89 16.98
CAA HEC P . 12.10 -14.56 14.17
CBA HEC P . 12.21 -15.93 13.51
CGA HEC P . 12.56 -17.02 14.52
O1A HEC P . 13.05 -16.94 15.74
O2A HEC P . 12.45 -18.22 14.34
NB HEC P . 6.34 -12.35 15.47
C1B HEC P . 6.72 -13.05 16.62
C2B HEC P . 5.98 -12.53 17.77
C3B HEC P . 5.48 -11.29 17.41
C4B HEC P . 5.79 -11.06 15.91
CMB HEC P . 6.05 -13.09 19.13
CAB HEC P . 4.54 -10.46 18.18
CBB HEC P . 4.98 -10.03 19.57
NC HEC P . 5.10 -12.02 13.15
C1C HEC P . 4.37 -11.09 13.74
C2C HEC P . 3.10 -10.86 12.99
C3C HEC P . 3.27 -11.38 11.75
C4C HEC P . 4.41 -12.37 11.87
CMC HEC P . 1.95 -10.08 13.53
CAC HEC P . 2.28 -11.48 10.63
CBC HEC P . 1.96 -10.14 9.98
ND HEC P . 7.21 -13.43 11.92
C1D HEC P . 6.50 -13.06 10.75
C2D HEC P . 7.20 -13.62 9.62
C3D HEC P . 8.50 -13.85 10.04
C4D HEC P . 8.55 -13.59 11.47
CMD HEC P . 6.67 -13.68 8.23
CAD HEC P . 9.66 -14.32 9.24
CBD HEC P . 10.46 -13.14 8.68
CGD HEC P . 11.52 -13.68 7.66
O1D HEC P . 12.50 -14.31 8.09
O2D HEC P . 11.34 -13.45 6.42
FE HEC Q . -26.90 1.41 -4.43
CHA HEC Q . -27.68 -1.78 -5.49
CHB HEC Q . -29.62 2.62 -6.08
CHC HEC Q . -26.41 4.54 -3.00
CHD HEC Q . -24.01 0.32 -3.03
NA HEC Q . -28.35 0.57 -5.61
C1A HEC Q . -28.53 -0.77 -5.89
C2A HEC Q . -29.76 -0.91 -6.66
C3A HEC Q . -30.27 0.31 -6.81
C4A HEC Q . -29.41 1.27 -6.15
CMA HEC Q . -31.57 0.66 -7.56
CAA HEC Q . -30.37 -2.23 -7.20
CBA HEC Q . -29.88 -2.48 -8.63
CGA HEC Q . -29.81 -3.93 -8.97
O1A HEC Q . -30.14 -4.27 -10.14
O2A HEC Q . -29.42 -4.78 -8.11
NB HEC Q . -27.82 3.26 -4.55
C1B HEC Q . -29.01 3.50 -5.20
C2B HEC Q . -29.48 4.81 -4.82
C3B HEC Q . -28.60 5.35 -3.97
C4B HEC Q . -27.52 4.39 -3.79
CMB HEC Q . -30.79 5.47 -5.31
CAB HEC Q . -28.68 6.74 -3.30
CBB HEC Q . -29.44 6.91 -2.20
NC HEC Q . -25.50 2.27 -3.22
C1C HEC Q . -25.44 3.59 -2.80
C2C HEC Q . -24.19 3.78 -2.07
C3C HEC Q . -23.54 2.61 -2.08
C4C HEC Q . -24.34 1.64 -2.81
CMC HEC Q . -23.71 5.09 -1.42
CAC HEC Q . -22.16 2.33 -1.44
CBC HEC Q . -22.06 2.31 -0.11
ND HEC Q . -25.97 -0.44 -4.33
C1D HEC Q . -24.82 -0.65 -3.58
C2D HEC Q . -24.59 -2.07 -3.47
C3D HEC Q . -25.73 -2.73 -4.23
C4D HEC Q . -26.55 -1.64 -4.73
CMD HEC Q . -23.43 -2.78 -2.73
CAD HEC Q . -25.99 -4.24 -4.41
CBD HEC Q . -27.00 -4.57 -3.31
CGD HEC Q . -27.49 -5.99 -3.31
O1D HEC Q . -27.15 -6.79 -4.23
O2D HEC Q . -28.26 -6.34 -2.37
FE HEC R . -31.48 3.23 -11.89
CHA HEC R . -30.98 -0.06 -12.73
CHB HEC R . -28.74 3.17 -9.88
CHC HEC R . -31.60 6.68 -11.62
CHD HEC R . -34.61 3.19 -13.18
NA HEC R . -30.11 1.81 -11.39
C1A HEC R . -30.07 0.51 -11.86
C2A HEC R . -28.90 -0.12 -11.27
C3A HEC R . -28.29 0.76 -10.48
C4A HEC R . -29.04 2.00 -10.55
CMA HEC R . -27.01 0.53 -9.64
CAA HEC R . -28.46 -1.58 -11.51
CBA HEC R . -27.93 -1.75 -12.93
CGA HEC R . -27.33 -3.12 -13.03
O1A HEC R . -27.89 -3.96 -13.78
O2A HEC R . -26.30 -3.38 -12.35
NB HEC R . -30.37 4.67 -10.93
C1B HEC R . -29.27 4.42 -10.14
C2B HEC R . -28.77 5.68 -9.64
C3B HEC R . -29.57 6.65 -10.12
C4B HEC R . -30.58 6.03 -10.95
CMB HEC R . -27.55 5.87 -8.72
CAB HEC R . -29.42 8.17 -9.87
CBB HEC R . -28.50 8.85 -10.57
NC HEC R . -32.83 4.68 -12.35
C1C HEC R . -32.72 6.04 -12.11
C2C HEC R . -33.98 6.66 -12.45
C3C HEC R . -34.82 5.70 -12.88
C4C HEC R . -34.11 4.42 -12.83
CMC HEC R . -34.29 8.18 -12.34
CAC HEC R . -36.29 5.88 -13.37
CBC HEC R . -36.55 6.59 -14.48
ND HEC R . -32.60 1.77 -12.87
C1D HEC R . -33.94 1.98 -13.21
C2D HEC R . -34.51 0.71 -13.62
C3D HEC R . -33.38 -0.31 -13.48
C4D HEC R . -32.24 0.44 -13.00
CMD HEC R . -35.94 0.43 -14.10
CAD HEC R . -33.48 -1.83 -13.79
CBD HEC R . -34.01 -2.55 -12.55
CGD HEC R . -32.89 -2.80 -11.58
O1D HEC R . -32.94 -2.26 -10.44
O2D HEC R . -31.93 -3.54 -11.93
FE HEC S . -25.66 18.87 -23.04
CHA HEC S . -23.08 19.89 -20.97
CHB HEC S . -26.98 17.04 -20.50
CHC HEC S . -28.45 18.29 -24.96
CHD HEC S . -24.04 20.17 -25.77
NA HEC S . -25.12 18.53 -21.08
C1A HEC S . -24.03 19.06 -20.41
C2A HEC S . -24.08 18.59 -19.03
C3A HEC S . -25.15 17.80 -18.92
C4A HEC S . -25.83 17.75 -20.20
CMA HEC S . -25.62 17.07 -17.65
CAA HEC S . -23.06 18.94 -17.92
CBA HEC S . -23.30 20.36 -17.43
CGA HEC S . -22.31 20.75 -16.37
O1A HEC S . -21.17 20.21 -16.35
O2A HEC S . -22.65 21.62 -15.52
NB HEC S . -27.40 17.83 -22.79
C1B HEC S . -27.77 17.19 -21.61
C2B HEC S . -29.13 16.73 -21.79
C3B HEC S . -29.54 17.07 -23.01
C4B HEC S . -28.45 17.77 -23.68
CMB HEC S . -29.95 15.96 -20.71
CAB HEC S . -30.93 16.79 -23.62
CBB HEC S . -31.99 17.47 -23.18
NC HEC S . -26.18 19.22 -25.01
C1C HEC S . -27.34 18.82 -25.62
C2C HEC S . -27.20 19.04 -27.05
C3C HEC S . -25.97 19.56 -27.27
C4C HEC S . -25.31 19.68 -25.98
CMC HEC S . -28.29 18.72 -28.09
CAC HEC S . -25.31 19.97 -28.61
CBC HEC S . -26.01 20.38 -29.68
ND HEC S . -23.83 19.90 -23.31
C1D HEC S . -23.38 20.32 -24.56
C2D HEC S . -22.08 20.94 -24.40
C3D HEC S . -21.78 20.85 -22.90
C4D HEC S . -22.92 20.18 -22.30
CMD HEC S . -21.20 21.57 -25.49
CAD HEC S . -20.50 21.37 -22.20
CBD HEC S . -20.82 22.61 -21.39
CGD HEC S . -19.63 22.99 -20.55
O1D HEC S . -19.42 24.21 -20.36
O2D HEC S . -18.89 22.09 -20.09
FE HEC T . -25.22 12.16 -16.37
CHA HEC T . -23.20 14.04 -14.29
CHB HEC T . -23.94 13.81 -19.07
CHC HEC T . -27.02 10.11 -18.49
CHD HEC T . -26.74 10.67 -13.69
NA HEC T . -23.81 13.66 -16.62
C1A HEC T . -23.09 14.31 -15.63
C2A HEC T . -22.24 15.30 -16.28
C3A HEC T . -22.46 15.22 -17.61
C4A HEC T . -23.44 14.18 -17.83
CMA HEC T . -21.78 16.04 -18.72
CAA HEC T . -21.26 16.29 -15.60
CBA HEC T . -20.17 15.64 -14.75
CGA HEC T . -19.18 14.89 -15.59
O1A HEC T . -19.06 15.18 -16.82
O2A HEC T . -18.50 14.00 -15.03
NB HEC T . -25.44 11.99 -18.38
C1B HEC T . -24.83 12.79 -19.33
C2B HEC T . -25.26 12.34 -20.64
C3B HEC T . -26.10 11.32 -20.48
C4B HEC T . -26.24 11.08 -19.06
CMB HEC T . -24.81 12.96 -21.99
CAB HEC T . -26.82 10.52 -21.59
CBB HEC T . -26.10 9.75 -22.42
NC HEC T . -26.61 10.63 -16.13
C1C HEC T . -27.30 10.00 -17.15
C2C HEC T . -28.35 9.20 -16.55
C3C HEC T . -28.28 9.36 -15.22
C4C HEC T . -27.17 10.26 -14.93
CMC HEC T . -29.36 8.34 -17.35
CAC HEC T . -29.23 8.69 -14.18
CBC HEC T . -29.17 7.37 -13.98
ND HEC T . -25.02 12.36 -14.29
C1D HEC T . -25.70 11.52 -13.39
C2D HEC T . -25.11 11.72 -12.08
C3D HEC T . -24.02 12.77 -12.28
C4D HEC T . -24.04 13.11 -13.68
CMD HEC T . -25.49 11.03 -10.74
CAD HEC T . -23.09 13.36 -11.20
CBD HEC T . -23.79 14.57 -10.62
CGD HEC T . -22.89 15.27 -9.64
O1D HEC T . -21.66 14.99 -9.66
O2D HEC T . -23.40 16.08 -8.84
FE HEC U . -15.96 -3.59 8.08
CHA HEC U . -16.23 -2.04 11.13
CHB HEC U . -15.92 -0.61 6.52
CHC HEC U . -14.92 -5.19 5.22
CHD HEC U . -16.84 -6.58 9.44
NA HEC U . -15.99 -1.66 8.73
C1A HEC U . -16.29 -1.24 10.01
C2A HEC U . -16.64 0.16 9.96
C3A HEC U . -16.54 0.55 8.67
C4A HEC U . -16.13 -0.59 7.88
CMA HEC U . -16.82 1.97 8.10
CAA HEC U . -17.05 1.03 11.17
CBA HEC U . -18.54 0.80 11.49
CGA HEC U . -18.74 -0.32 12.49
O1A HEC U . -19.50 -1.28 12.17
O2A HEC U . -18.17 -0.26 13.61
NB HEC U . -15.53 -3.03 6.20
C1B HEC U . -15.48 -1.71 5.79
C2B HEC U . -14.91 -1.68 4.46
C3B HEC U . -14.63 -2.94 4.10
C4B HEC U . -15.02 -3.82 5.19
CMB HEC U . -14.68 -0.39 3.64
CAB HEC U . -13.99 -3.40 2.78
CBB HEC U . -12.82 -2.87 2.39
NC HEC U . -15.85 -5.57 7.45
C1C HEC U . -15.52 -5.98 6.18
C2C HEC U . -15.92 -7.38 6.06
C3C HEC U . -16.45 -7.76 7.24
C4C HEC U . -16.42 -6.62 8.12
CMC HEC U . -15.75 -8.26 4.80
CAC HEC U . -17.06 -9.16 7.57
CBC HEC U . -16.28 -10.25 7.62
ND HEC U . -16.48 -4.22 10.01
C1D HEC U . -16.71 -5.54 10.34
C2D HEC U . -16.81 -5.65 11.78
C3D HEC U . -16.62 -4.24 12.32
C4D HEC U . -16.43 -3.41 11.14
CMD HEC U . -17.06 -6.94 12.60
CAD HEC U . -16.63 -3.77 13.80
CBD HEC U . -18.11 -3.66 14.23
CGD HEC U . -18.21 -3.09 15.63
O1D HEC U . -18.37 -1.86 15.76
O2D HEC U . -18.11 -3.88 16.61
FE HEC V . -19.00 4.56 3.72
CHA HEC V . -19.85 5.77 6.81
CHB HEC V . -19.47 1.38 4.83
CHC HEC V . -18.76 3.40 0.46
CHD HEC V . -17.80 7.57 2.74
NA HEC V . -19.58 3.74 5.51
C1A HEC V . -19.87 4.40 6.68
C2A HEC V . -20.20 3.42 7.70
C3A HEC V . -20.09 2.21 7.15
C4A HEC V . -19.69 2.38 5.75
CMA HEC V . -20.34 0.85 7.84
CAA HEC V . -20.58 3.73 9.18
CBA HEC V . -19.34 4.29 9.90
CGA HEC V . -19.44 4.20 11.40
O1A HEC V . -18.38 4.32 12.06
O2A HEC V . -20.55 4.01 11.96
NB HEC V . -19.12 2.73 2.80
C1B HEC V . -19.27 1.53 3.47
C2B HEC V . -19.19 0.46 2.50
C3B HEC V . -19.00 1.00 1.29
C4B HEC V . -18.94 2.45 1.45
CMB HEC V . -19.31 -1.04 2.86
CAB HEC V . -18.84 0.24 -0.05
CBB HEC V . -19.88 -0.44 -0.58
NC HEC V . -18.39 5.35 1.92
C1C HEC V . -18.40 4.73 0.68
C2C HEC V . -17.96 5.69 -0.31
C3C HEC V . -17.69 6.85 0.31
C4C HEC V . -17.96 6.64 1.73
CMC HEC V . -17.83 5.39 -1.83
CAC HEC V . -17.17 8.17 -0.31
CBC HEC V . -17.84 8.87 -1.23
ND HEC V . -18.88 6.40 4.63
C1D HEC V . -18.25 7.48 4.03
C2D HEC V . -18.15 8.54 5.01
C3D HEC V . -18.79 7.98 6.30
C4D HEC V . -19.21 6.65 5.96
CMD HEC V . -17.53 9.93 4.80
CAD HEC V . -18.96 8.71 7.65
CBD HEC V . -19.95 9.84 7.39
CGD HEC V . -20.09 10.72 8.60
O1D HEC V . -21.02 10.47 9.41
O2D HEC V . -19.28 11.67 8.72
FE HEC W . -13.90 -15.30 8.26
CHA HEC W . -10.74 -16.41 7.89
CHB HEC W . -13.14 -14.26 11.48
CHC HEC W . -16.80 -13.60 8.35
CHD HEC W . -14.93 -16.99 5.42
NA HEC W . -12.22 -15.31 9.48
C1A HEC W . -11.02 -15.86 9.12
C2A HEC W . -10.11 -15.76 10.24
C3A HEC W . -10.77 -15.16 11.24
C4A HEC W . -12.12 -14.87 10.78
CMA HEC W . -10.21 -14.85 12.64
CAA HEC W . -8.64 -16.25 10.26
CBA HEC W . -8.61 -17.77 10.48
CGA HEC W . -7.22 -18.32 10.62
O1A HEC W . -7.10 -19.58 10.61
O2A HEC W . -6.21 -17.58 10.76
NB HEC W . -14.80 -14.13 9.66
C1B HEC W . -14.33 -13.83 10.93
C2B HEC W . -15.32 -12.99 11.57
C3B HEC W . -16.33 -12.81 10.71
C4B HEC W . -16.03 -13.52 9.49
CMB HEC W . -15.20 -12.42 13.01
CAB HEC W . -17.61 -11.97 10.96
CBB HEC W . -17.50 -10.64 11.02
NC HEC W . -15.55 -15.26 7.05
C1C HEC W . -16.69 -14.54 7.35
C2C HEC W . -17.74 -14.97 6.43
C3C HEC W . -17.22 -15.91 5.61
C4C HEC W . -15.83 -16.11 5.99
CMC HEC W . -19.18 -14.42 6.42
CAC HEC W . -17.95 -16.68 4.48
CBC HEC W . -18.24 -16.09 3.31
ND HEC W . -12.98 -16.51 6.85
C1D HEC W . -13.60 -17.11 5.75
C2D HEC W . -12.60 -17.90 5.04
C3D HEC W . -11.31 -17.70 5.82
C4D HEC W . -11.63 -16.84 6.93
CMD HEC W . -12.79 -18.75 3.75
CAD HEC W . -9.91 -18.31 5.52
CBD HEC W . -9.81 -19.57 6.39
CGD HEC W . -8.38 -19.97 6.60
O1D HEC W . -7.55 -19.11 6.99
O2D HEC W . -8.08 -21.17 6.39
FE HEC X . -14.16 12.33 6.99
CHA HEC X . -15.53 10.31 9.31
CHB HEC X . -15.36 15.06 8.42
CHC HEC X . -11.42 14.02 5.70
CHD HEC X . -13.85 9.80 4.81
NA HEC X . -15.16 12.64 8.59
C1A HEC X . -15.18 11.68 9.72
C2A HEC X . -16.15 12.31 10.73
C3A HEC X . -16.29 13.63 10.36
C4A HEC X . -15.61 13.83 9.07
CMA HEC X . -17.10 14.68 11.01
CAA HEC X . -16.81 11.54 11.83
CBA HEC X . -18.23 11.05 11.59
CGA HEC X . -19.38 11.96 12.00
O1A HEC X . -19.40 13.00 12.81
O2A HEC X . -20.54 11.92 11.67
NB HEC X . -13.56 14.13 7.07
C1B HEC X . -14.35 15.20 7.51
C2B HEC X . -13.71 16.44 7.08
C3B HEC X . -12.38 16.17 6.86
C4B HEC X . -12.20 14.64 6.89
CMB HEC X . -14.31 17.78 7.25
CAB HEC X . -11.37 17.10 6.27
CBB HEC X . -11.10 18.39 7.01
NC HEC X . -13.02 12.09 5.46
C1C HEC X . -11.92 12.74 5.10
C2C HEC X . -11.43 12.25 3.78
C3C HEC X . -12.01 11.04 3.56
C4C HEC X . -13.29 11.10 4.38
CMC HEC X . -10.68 13.11 2.81
CAC HEC X . -11.96 10.22 2.31
CBC HEC X . -10.56 9.65 2.03
ND HEC X . -14.75 10.51 6.96
C1D HEC X . -14.23 9.53 6.07
C2D HEC X . -14.75 8.23 6.48
C3D HEC X . -15.37 8.41 7.71
C4D HEC X . -15.11 9.79 8.13
CMD HEC X . -14.85 7.05 5.60
CAD HEC X . -16.01 7.39 8.56
CBD HEC X . -14.96 6.65 9.38
CGD HEC X . -15.66 5.48 10.15
O1D HEC X . -16.47 5.74 11.06
O2D HEC X . -15.37 4.29 9.79
FE HEC Y . 6.34 1.32 -26.65
CHA HEC Y . 3.37 0.54 -28.27
CHB HEC Y . 8.08 0.22 -29.35
CHC HEC Y . 9.26 2.44 -25.20
CHD HEC Y . 4.61 2.10 -23.82
NA HEC Y . 5.81 0.51 -28.45
C1A HEC Y . 4.54 0.28 -28.94
C2A HEC Y . 4.64 -0.26 -30.27
C3A HEC Y . 5.95 -0.35 -30.56
C4A HEC Y . 6.70 0.14 -29.43
CMA HEC Y . 6.54 -0.88 -31.88
CAA HEC Y . 3.44 -0.66 -31.18
CBA HEC Y . 3.19 -2.16 -31.21
CGA HEC Y . 1.73 -2.46 -31.47
O1A HEC Y . 1.44 -3.50 -32.11
O2A HEC Y . 0.85 -1.68 -31.03
NB HEC Y . 8.33 1.29 -27.15
C1B HEC Y . 8.80 0.92 -28.39
C2B HEC Y . 10.17 1.37 -28.49
C3B HEC Y . 10.50 1.99 -27.35
C4B HEC Y . 9.35 1.94 -26.48
CMB HEC Y . 11.06 1.17 -29.73
CAB HEC Y . 11.85 2.64 -26.99
CBB HEC Y . 12.17 3.85 -27.46
NC HEC Y . 6.85 2.13 -24.85
C1C HEC Y . 8.11 2.50 -24.44
C2C HEC Y . 8.02 2.94 -23.05
C3C HEC Y . 6.73 2.85 -22.68
C4C HEC Y . 5.97 2.34 -23.81
CMC HEC Y . 9.20 3.44 -22.19
CAC HEC Y . 6.14 3.21 -21.30
CBC HEC Y . 6.13 4.50 -20.94
ND HEC Y . 4.30 1.29 -26.12
C1D HEC Y . 3.83 1.76 -24.90
C2D HEC Y . 2.38 1.85 -24.94
C3D HEC Y . 2.00 1.36 -26.35
C4D HEC Y . 3.25 1.03 -27.00
CMD HEC Y . 1.42 2.31 -23.84
CAD HEC Y . 0.59 1.26 -26.95
CBD HEC Y . 0.43 2.54 -27.78
CGD HEC Y . -0.92 2.67 -28.47
O1D HEC Y . -1.73 1.72 -28.44
O2D HEC Y . -1.16 3.74 -29.08
FE HEC Z . 9.03 -5.19 -32.29
CHA HEC Z . 5.72 -5.98 -32.60
CHB HEC Z . 8.40 -3.66 -29.29
CHC HEC Z . 12.39 -5.13 -31.63
CHD HEC Z . 9.64 -5.85 -35.56
NA HEC Z . 7.34 -4.87 -31.15
C1A HEC Z . 6.07 -5.31 -31.44
C2A HEC Z . 5.21 -4.95 -30.33
C3A HEC Z . 5.97 -4.30 -29.42
C4A HEC Z . 7.32 -4.24 -29.91
CMA HEC Z . 5.48 -3.72 -28.07
CAA HEC Z . 3.70 -5.25 -30.23
CBA HEC Z . 3.41 -6.72 -29.93
CGA HEC Z . 1.93 -6.89 -29.75
O1A HEC Z . 1.27 -7.50 -30.64
O2A HEC Z . 1.40 -6.41 -28.71
NB HEC Z . 10.20 -4.52 -30.72
C1B HEC Z . 9.73 -3.90 -29.58
C2B HEC Z . 10.89 -3.56 -28.77
C3B HEC Z . 11.99 -3.98 -29.42
C4B HEC Z . 11.58 -4.58 -30.67
CMB HEC Z . 10.82 -2.85 -27.40
CAB HEC Z . 13.45 -3.83 -28.94
CBB HEC Z . 13.88 -4.64 -27.98
NC HEC Z . 10.72 -5.49 -33.39
C1C HEC Z . 12.02 -5.34 -32.95
C2C HEC Z . 12.90 -5.44 -34.09
C3C HEC Z . 12.13 -5.64 -35.18
C4C HEC Z . 10.74 -5.67 -34.75
CMC HEC Z . 14.44 -5.33 -34.06
CAC HEC Z . 12.62 -5.81 -36.65
CBC HEC Z . 13.28 -6.91 -37.01
ND HEC Z . 7.85 -5.89 -33.84
C1D HEC Z . 8.32 -5.94 -35.15
C2D HEC Z . 7.18 -6.12 -36.02
C3D HEC Z . 5.95 -6.16 -35.12
C4D HEC Z . 6.46 -6.01 -33.77
CMD HEC Z . 7.20 -6.24 -37.57
CAD HEC Z . 4.49 -6.33 -35.58
CBD HEC Z . 3.93 -4.97 -36.00
CGD HEC Z . 3.44 -4.23 -34.77
O1D HEC Z . 3.96 -3.13 -34.47
O2D HEC Z . 2.51 -4.75 -34.09
FE HEC AA . 23.06 -18.00 -25.73
CHA HEC AA . 23.61 -16.50 -22.65
CHB HEC AA . 21.58 -15.16 -26.87
CHC HEC AA . 23.01 -19.30 -28.95
CHD HEC AA . 23.98 -21.03 -24.52
NA HEC AA . 22.67 -16.16 -24.89
C1A HEC AA . 22.98 -15.73 -23.62
C2A HEC AA . 22.55 -14.34 -23.49
C3A HEC AA . 22.00 -13.99 -24.67
C4A HEC AA . 22.05 -15.12 -25.57
CMA HEC AA . 21.40 -12.61 -25.00
CAA HEC AA . 22.71 -13.44 -22.25
CBA HEC AA . 24.16 -12.99 -22.14
CGA HEC AA . 24.37 -12.11 -20.95
O1A HEC AA . 23.72 -12.31 -19.88
O2A HEC AA . 25.22 -11.19 -21.07
NB HEC AA . 22.39 -17.36 -27.58
C1B HEC AA . 21.86 -16.11 -27.82
C2B HEC AA . 21.67 -15.98 -29.26
C3B HEC AA . 22.06 -17.13 -29.84
C4B HEC AA . 22.52 -18.02 -28.79
CMB HEC AA . 21.10 -14.73 -29.98
CAB HEC AA . 22.05 -17.45 -31.35
CBB HEC AA . 22.74 -16.70 -32.21
NC HEC AA . 23.47 -19.82 -26.60
C1C HEC AA . 23.30 -20.18 -27.92
C2C HEC AA . 23.48 -21.62 -28.03
C3C HEC AA . 23.75 -22.09 -26.79
C4C HEC AA . 23.75 -20.97 -25.88
CMC HEC AA . 23.37 -22.43 -29.34
CAC HEC AA . 24.00 -23.56 -26.38
CBC HEC AA . 24.97 -24.29 -26.94
ND HEC AA . 23.70 -18.66 -23.86
C1D HEC AA . 24.05 -19.98 -23.62
C2D HEC AA . 24.49 -20.10 -22.25
C3D HEC AA . 24.37 -18.69 -21.64
C4D HEC AA . 23.88 -17.85 -22.72
CMD HEC AA . 24.96 -21.39 -21.55
CAD HEC AA . 24.72 -18.28 -20.20
CBD HEC AA . 25.95 -17.39 -20.08
CGD HEC AA . 26.02 -16.82 -18.69
O1D HEC AA . 27.13 -16.79 -18.10
O2D HEC AA . 24.96 -16.38 -18.16
FE HEC BA . 16.52 -11.17 -25.43
CHA HEC BA . 17.99 -9.57 -22.75
CHB HEC BA . 17.77 -14.16 -24.34
CHC HEC BA . 14.93 -12.80 -28.04
CHD HEC BA . 15.34 -8.19 -26.64
NA HEC BA . 17.67 -11.75 -23.82
C1A HEC BA . 18.20 -10.94 -22.83
C2A HEC BA . 18.99 -11.77 -21.94
C3A HEC BA . 18.92 -13.03 -22.40
C4A HEC BA . 18.08 -13.04 -23.58
CMA HEC BA . 19.58 -14.28 -21.78
CAA HEC BA . 19.81 -11.29 -20.70
CBA HEC BA . 18.97 -10.65 -19.60
CGA HEC BA . 17.98 -11.62 -19.02
O1A HEC BA . 18.27 -12.84 -18.96
O2A HEC BA . 16.87 -11.17 -18.61
NB HEC BA . 16.37 -13.10 -26.07
C1B HEC BA . 16.99 -14.19 -25.48
C2B HEC BA . 16.65 -15.37 -26.26
C3B HEC BA . 15.87 -14.98 -27.27
C4B HEC BA . 15.68 -13.56 -27.17
CMB HEC BA . 17.12 -16.81 -25.96
CAB HEC BA . 15.26 -15.90 -28.35
CBB HEC BA . 14.22 -16.69 -28.03
NC HEC BA . 15.32 -10.60 -27.03
C1C HEC BA . 14.85 -11.42 -28.04
C2C HEC BA . 14.27 -10.59 -29.08
C3C HEC BA . 14.39 -9.32 -28.70
C4C HEC BA . 15.05 -9.30 -27.40
CMC HEC BA . 13.64 -11.12 -30.39
CAC HEC BA . 13.92 -8.09 -29.51
CBC HEC BA . 12.63 -7.76 -29.53
ND HEC BA . 16.68 -9.18 -24.81
C1D HEC BA . 15.98 -8.15 -25.41
C2D HEC BA . 16.04 -6.98 -24.55
C3D HEC BA . 16.86 -7.42 -23.34
C4D HEC BA . 17.23 -8.79 -23.59
CMD HEC BA . 15.40 -5.59 -24.78
CAD HEC BA . 17.24 -6.56 -22.12
CBD HEC BA . 18.50 -5.78 -22.48
CGD HEC BA . 19.08 -5.12 -21.25
O1D HEC BA . 18.58 -5.37 -20.11
O2D HEC BA . 20.05 -4.35 -21.42
FE HEC CA . -0.73 11.45 -14.34
CHA HEC CA . 0.81 14.40 -13.67
CHB HEC CA . 2.21 9.78 -14.17
CHC HEC CA . -2.47 8.50 -14.19
CHD HEC CA . -3.54 13.05 -15.46
NA HEC CA . 1.18 11.99 -13.90
C1A HEC CA . 1.62 13.30 -13.84
C2A HEC CA . 3.07 13.26 -13.97
C3A HEC CA . 3.45 11.98 -14.11
C4A HEC CA . 2.26 11.15 -14.06
CMA HEC CA . 4.88 11.44 -14.28
CAA HEC CA . 4.00 14.51 -13.97
CBA HEC CA . 4.00 15.09 -15.38
CGA HEC CA . 2.96 16.17 -15.55
O1A HEC CA . 2.21 16.13 -16.56
O2A HEC CA . 2.88 17.10 -14.71
NB HEC CA . -0.23 9.49 -14.22
C1B HEC CA . 1.06 9.01 -14.09
C2B HEC CA . 0.98 7.58 -13.85
C3B HEC CA . -0.32 7.23 -13.85
C4B HEC CA . -1.10 8.42 -14.09
CMB HEC CA . 2.17 6.64 -13.63
CAB HEC CA . -0.90 5.82 -13.62
CBB HEC CA . -0.64 5.18 -12.47
NC HEC CA . -2.70 10.89 -14.71
C1C HEC CA . -3.14 9.58 -14.73
C2C HEC CA . -4.42 9.57 -15.44
C3C HEC CA . -4.71 10.83 -15.80
C4C HEC CA . -3.65 11.68 -15.33
CMC HEC CA . -5.28 8.32 -15.71
CAC HEC CA . -5.97 11.28 -16.58
CBC HEC CA . -7.18 11.22 -16.02
ND HEC CA . -1.27 13.46 -14.55
C1D HEC CA . -2.55 13.86 -14.95
C2D HEC CA . -2.66 15.28 -14.75
C3D HEC CA . -1.29 15.72 -14.17
C4D HEC CA . -0.50 14.51 -14.11
CMD HEC CA . -3.88 16.19 -15.03
CAD HEC CA . -0.88 17.16 -13.81
CBD HEC CA . -0.68 17.90 -15.12
CGD HEC CA . 0.01 19.20 -14.88
O1D HEC CA . 1.28 19.20 -14.83
O2D HEC CA . -0.68 20.24 -14.73
FE HEC DA . 7.78 7.62 -16.81
CHA HEC DA . 9.12 10.72 -16.75
CHB HEC DA . 4.72 8.91 -17.62
CHC HEC DA . 6.67 4.47 -17.54
CHD HEC DA . 10.49 6.29 -15.23
NA HEC DA . 7.06 9.48 -17.15
C1A HEC DA . 7.79 10.65 -17.05
C2A HEC DA . 6.88 11.75 -17.34
C3A HEC DA . 5.68 11.24 -17.58
C4A HEC DA . 5.76 9.80 -17.46
CMA HEC DA . 4.37 12.02 -17.91
CAA HEC DA . 7.28 13.25 -17.33
CBA HEC DA . 7.55 13.67 -15.88
CGA HEC DA . 7.47 15.15 -15.67
O1A HEC DA . 7.32 15.57 -14.49
O2A HEC DA . 7.57 15.94 -16.65
NB HEC DA . 6.02 6.83 -17.50
C1B HEC DA . 4.84 7.54 -17.67
C2B HEC DA . 3.78 6.58 -17.91
C3B HEC DA . 4.32 5.35 -17.90
C4B HEC DA . 5.73 5.49 -17.64
CMB HEC DA . 2.30 6.96 -18.15
CAB HEC DA . 3.58 4.00 -18.10
CBB HEC DA . 3.15 3.64 -19.32
NC HEC DA . 8.45 5.72 -16.45
C1C HEC DA . 7.86 4.55 -16.86
C2C HEC DA . 8.70 3.44 -16.44
C3C HEC DA . 9.76 3.95 -15.80
C4C HEC DA . 9.62 5.39 -15.80
CMC HEC DA . 8.41 1.95 -16.72
CAC HEC DA . 10.93 3.16 -15.17
CBC HEC DA . 11.75 2.38 -15.91
ND HEC DA . 9.55 8.38 -16.13
C1D HEC DA . 10.49 7.64 -15.42
C2D HEC DA . 11.51 8.53 -14.92
C3D HEC DA . 11.09 9.94 -15.39
C4D HEC DA . 9.87 9.74 -16.13
CMD HEC DA . 12.74 8.13 -14.08
CAD HEC DA . 11.84 11.26 -15.13
CBD HEC DA . 13.14 11.17 -15.90
CGD HEC DA . 14.03 12.29 -15.52
O1D HEC DA . 14.00 13.34 -16.22
O2D HEC DA . 14.78 12.14 -14.52
FE HEC EA . -12.66 11.47 -14.43
CHA HEC EA . -14.30 10.43 -11.63
CHB HEC EA . -11.83 14.39 -12.86
CHC HEC EA . -10.43 12.18 -16.91
CHD HEC EA . -14.07 9.00 -16.31
NA HEC EA . -13.00 12.25 -12.58
C1A HEC EA . -13.73 11.68 -11.56
C2A HEC EA . -13.78 12.61 -10.45
C3A HEC EA . -13.10 13.71 -10.81
C4A HEC EA . -12.58 13.50 -12.14
CMA HEC EA . -12.86 14.98 -9.96
CAA HEC EA . -14.49 12.38 -9.10
CBA HEC EA . -15.98 12.71 -9.28
CGA HEC EA . -16.80 12.48 -8.04
O1A HEC EA . -18.04 12.54 -8.16
O2A HEC EA . -16.23 12.24 -6.93
NB HEC EA . -11.37 13.02 -14.83
C1B HEC EA . -11.16 14.12 -14.04
C2B HEC EA . -10.14 14.94 -14.65
C3B HEC EA . -9.75 14.33 -15.78
C4B HEC EA . -10.52 13.10 -15.91
CMB HEC EA . -9.62 16.29 -14.08
CAB HEC EA . -8.67 14.82 -16.77
CBB HEC EA . -7.39 14.86 -16.37
NC HEC EA . -12.29 10.70 -16.25
C1C HEC EA . -11.38 11.20 -17.16
C2C HEC EA . -11.57 10.51 -18.42
C3C HEC EA . -12.57 9.64 -18.26
C4C HEC EA . -13.05 9.73 -16.89
CMC HEC EA . -10.76 10.78 -19.71
CAC HEC EA . -13.14 8.69 -19.35
CBC HEC EA . -12.48 7.57 -19.66
ND HEC EA . -13.99 9.93 -14.04
C1D HEC EA . -14.45 9.03 -14.99
C2D HEC EA . -15.38 8.12 -14.34
C3D HEC EA . -15.43 8.57 -12.88
C4D HEC EA . -14.55 9.70 -12.78
CMD HEC EA . -16.14 6.93 -14.99
CAD HEC EA . -16.28 7.97 -11.75
CBD HEC EA . -17.51 8.86 -11.64
CGD HEC EA . -18.15 8.73 -10.28
O1D HEC EA . -17.46 8.91 -9.23
O2D HEC EA . -19.38 8.45 -10.27
P PO4 FA . 17.35 15.54 -46.46
O1 PO4 FA . 17.35 14.07 -46.80
O2 PO4 FA . 16.67 15.76 -45.14
O3 PO4 FA . 16.62 16.31 -47.55
O4 PO4 FA . 18.78 16.03 -46.38
#